data_6UDT
# 
_entry.id   6UDT 
# 
_audit_conform.dict_name       mmcif_pdbx.dic 
_audit_conform.dict_version    5.387 
_audit_conform.dict_location   http://mmcif.pdb.org/dictionaries/ascii/mmcif_pdbx.dic 
# 
loop_
_database_2.database_id 
_database_2.database_code 
_database_2.pdbx_database_accession 
_database_2.pdbx_DOI 
PDB   6UDT         pdb_00006udt 10.2210/pdb6udt/pdb 
WWPDB D_1000244440 ?            ?                   
# 
loop_
_pdbx_audit_revision_history.ordinal 
_pdbx_audit_revision_history.data_content_type 
_pdbx_audit_revision_history.major_revision 
_pdbx_audit_revision_history.minor_revision 
_pdbx_audit_revision_history.revision_date 
1 'Structure model' 1 0 2019-12-04 
2 'Structure model' 1 1 2019-12-11 
3 'Structure model' 1 2 2024-03-13 
# 
_pdbx_audit_revision_details.ordinal             1 
_pdbx_audit_revision_details.revision_ordinal    1 
_pdbx_audit_revision_details.data_content_type   'Structure model' 
_pdbx_audit_revision_details.provider            repository 
_pdbx_audit_revision_details.type                'Initial release' 
_pdbx_audit_revision_details.description         ? 
_pdbx_audit_revision_details.details             ? 
# 
loop_
_pdbx_audit_revision_group.ordinal 
_pdbx_audit_revision_group.revision_ordinal 
_pdbx_audit_revision_group.data_content_type 
_pdbx_audit_revision_group.group 
1 2 'Structure model' 'Database references' 
2 3 'Structure model' 'Data collection'     
3 3 'Structure model' 'Database references' 
# 
loop_
_pdbx_audit_revision_category.ordinal 
_pdbx_audit_revision_category.revision_ordinal 
_pdbx_audit_revision_category.data_content_type 
_pdbx_audit_revision_category.category 
1 2 'Structure model' citation        
2 2 'Structure model' citation_author 
3 3 'Structure model' chem_comp_atom  
4 3 'Structure model' chem_comp_bond  
5 3 'Structure model' database_2      
# 
loop_
_pdbx_audit_revision_item.ordinal 
_pdbx_audit_revision_item.revision_ordinal 
_pdbx_audit_revision_item.data_content_type 
_pdbx_audit_revision_item.item 
1 2 'Structure model' '_citation.journal_volume'            
2 2 'Structure model' '_citation.page_first'                
3 2 'Structure model' '_citation.page_last'                 
4 2 'Structure model' '_citation_author.identifier_ORCID'   
5 3 'Structure model' '_database_2.pdbx_DOI'                
6 3 'Structure model' '_database_2.pdbx_database_accession' 
# 
_pdbx_database_status.status_code                     REL 
_pdbx_database_status.status_code_sf                  REL 
_pdbx_database_status.status_code_mr                  ? 
_pdbx_database_status.entry_id                        6UDT 
_pdbx_database_status.recvd_initial_deposition_date   2019-09-19 
_pdbx_database_status.SG_entry                        N 
_pdbx_database_status.deposit_site                    RCSB 
_pdbx_database_status.process_site                    RCSB 
_pdbx_database_status.status_code_cs                  ? 
_pdbx_database_status.methods_development_category    ? 
_pdbx_database_status.pdb_format_compatible           Y 
_pdbx_database_status.status_code_nmr_data            ? 
# 
loop_
_pdbx_database_related.db_name 
_pdbx_database_related.details 
_pdbx_database_related.db_id 
_pdbx_database_related.content_type 
PDB . 6UD2 unspecified 
PDB . 6UDI unspecified 
# 
loop_
_audit_author.name 
_audit_author.pdbx_ordinal 
_audit_author.identifier_ORCID 
'Huang, X.'       1 0000-0001-9350-4176 
'Whittington, D.' 2 0000-0002-5946-8543 
# 
_citation.abstract                  ? 
_citation.abstract_id_CAS           ? 
_citation.book_id_ISBN              ? 
_citation.book_publisher            ? 
_citation.book_publisher_city       ? 
_citation.book_title                ? 
_citation.coordinate_linkage        ? 
_citation.country                   US 
_citation.database_id_Medline       ? 
_citation.details                   ? 
_citation.id                        primary 
_citation.journal_abbrev            J.Med.Chem. 
_citation.journal_id_ASTM           JMCMAR 
_citation.journal_id_CSD            0151 
_citation.journal_id_ISSN           0022-2623 
_citation.journal_full              ? 
_citation.journal_issue             ? 
_citation.journal_volume            62 
_citation.language                  ? 
_citation.page_first                10258 
_citation.page_last                 10271 
_citation.title                     
;Discovery and in Vivo Evaluation of Macrocyclic Mcl-1 Inhibitors Featuring an alpha-Hydroxy Phenylacetic Acid Pharmacophore or Bioisostere.
;
_citation.year                      2019 
_citation.database_id_CSD           ? 
_citation.pdbx_database_id_DOI      10.1021/acs.jmedchem.9b01310 
_citation.pdbx_database_id_PubMed   31736296 
_citation.unpublished_flag          ? 
# 
loop_
_citation_author.citation_id 
_citation_author.name 
_citation_author.ordinal 
_citation_author.identifier_ORCID 
primary 'Rescourio, G.'   1  ? 
primary 'Gonzalez, A.Z.'  2  ? 
primary 'Jabri, S.'       3  ? 
primary 'Belmontes, B.'   4  ? 
primary 'Moody, G.'       5  ? 
primary 'Whittington, D.' 6  ? 
primary 'Huang, X.'       7  ? 
primary 'Caenepeel, S.'   8  ? 
primary 'Cardozo, M.'     9  ? 
primary 'Cheng, A.C.'     10 ? 
primary 'Chow, D.'        11 ? 
primary 'Dou, H.'         12 ? 
primary 'Jones, A.'       13 ? 
primary 'Kelly, R.C.'     14 ? 
primary 'Li, Y.'          15 ? 
primary 'Lizarzaburu, M.' 16 ? 
primary 'Lo, M.C.'        17 ? 
primary 'Mallari, R.'     18 ? 
primary 'Meleza, C.'      19 ? 
primary 'Rew, Y.'         20 ? 
primary 'Simonovich, S.'  21 ? 
primary 'Sun, D.'         22 ? 
primary 'Turcotte, S.'    23 ? 
primary 'Yan, X.'         24 ? 
primary 'Wong, S.G.'      25 ? 
primary 'Yanez, E.'       26 ? 
primary 'Zancanella, M.'  27 ? 
primary 'Houze, J.'       28 ? 
primary 'Medina, J.C.'    29 ? 
primary 'Hughes, P.E.'    30 ? 
primary 'Brown, S.P.'     31 ? 
# 
loop_
_entity.id 
_entity.type 
_entity.src_method 
_entity.pdbx_description 
_entity.formula_weight 
_entity.pdbx_number_of_molecules 
_entity.pdbx_ec 
_entity.pdbx_mutation 
_entity.pdbx_fragment 
_entity.details 
1 polymer     man 'Induced myeloid leukemia cell differentiation protein Mcl-1' 17922.344 1   ? ? ? ? 
2 non-polymer syn 
;(4S,7aR,9aR,10S,11E,18R)-6'-chloro-10,18-dihydroxy-15-methyl-16-oxo-3',4',7,7a,8,9,9a,10,13,14,15,16,17,18-tetradecahydro-2'H,3H,5H-spiro[1,19-(ethanediylidene)cyclobuta[n][1,4]oxazepino[4,3-a][1,8]diazacyclohexadecine-4,1'-naphthalene]-18-carboxylic acid
;
595.126   1   ? ? ? ? 
3 water       nat water 18.015    152 ? ? ? ? 
# 
_entity_name_com.entity_id   1 
_entity_name_com.name        'Bcl-2-like protein 3,Bcl2-L-3,Bcl-2-related protein EAT/mcl1,mcl1/EAT' 
# 
_entity_poly.entity_id                      1 
_entity_poly.type                           'polypeptide(L)' 
_entity_poly.nstd_linkage                   no 
_entity_poly.nstd_monomer                   no 
_entity_poly.pdbx_seq_one_letter_code       
;EDELYRQSLEIISRYLREQATGAKDTKPMGRSGATSRKALETLRRVGDGVQRNHETAFQGMLRKLDIKNEDDVKSLSRVM
IHVFSDGVTNWGRIVTLISFGAFVAKHLKTINQESCIEPLAESITDVLVRTKRDWLVKQRGWDGFVEFFHVEDLEGG
;
_entity_poly.pdbx_seq_one_letter_code_can   
;EDELYRQSLEIISRYLREQATGAKDTKPMGRSGATSRKALETLRRVGDGVQRNHETAFQGMLRKLDIKNEDDVKSLSRVM
IHVFSDGVTNWGRIVTLISFGAFVAKHLKTINQESCIEPLAESITDVLVRTKRDWLVKQRGWDGFVEFFHVEDLEGG
;
_entity_poly.pdbx_strand_id                 A 
_entity_poly.pdbx_target_identifier         ? 
# 
loop_
_pdbx_entity_nonpoly.entity_id 
_pdbx_entity_nonpoly.name 
_pdbx_entity_nonpoly.comp_id 
2 
;(4S,7aR,9aR,10S,11E,18R)-6'-chloro-10,18-dihydroxy-15-methyl-16-oxo-3',4',7,7a,8,9,9a,10,13,14,15,16,17,18-tetradecahydro-2'H,3H,5H-spiro[1,19-(ethanediylidene)cyclobuta[n][1,4]oxazepino[4,3-a][1,8]diazacyclohexadecine-4,1'-naphthalene]-18-carboxylic acid
;
Q4V 
3 water HOH 
# 
loop_
_entity_poly_seq.entity_id 
_entity_poly_seq.num 
_entity_poly_seq.mon_id 
_entity_poly_seq.hetero 
1 1   GLU n 
1 2   ASP n 
1 3   GLU n 
1 4   LEU n 
1 5   TYR n 
1 6   ARG n 
1 7   GLN n 
1 8   SER n 
1 9   LEU n 
1 10  GLU n 
1 11  ILE n 
1 12  ILE n 
1 13  SER n 
1 14  ARG n 
1 15  TYR n 
1 16  LEU n 
1 17  ARG n 
1 18  GLU n 
1 19  GLN n 
1 20  ALA n 
1 21  THR n 
1 22  GLY n 
1 23  ALA n 
1 24  LYS n 
1 25  ASP n 
1 26  THR n 
1 27  LYS n 
1 28  PRO n 
1 29  MET n 
1 30  GLY n 
1 31  ARG n 
1 32  SER n 
1 33  GLY n 
1 34  ALA n 
1 35  THR n 
1 36  SER n 
1 37  ARG n 
1 38  LYS n 
1 39  ALA n 
1 40  LEU n 
1 41  GLU n 
1 42  THR n 
1 43  LEU n 
1 44  ARG n 
1 45  ARG n 
1 46  VAL n 
1 47  GLY n 
1 48  ASP n 
1 49  GLY n 
1 50  VAL n 
1 51  GLN n 
1 52  ARG n 
1 53  ASN n 
1 54  HIS n 
1 55  GLU n 
1 56  THR n 
1 57  ALA n 
1 58  PHE n 
1 59  GLN n 
1 60  GLY n 
1 61  MET n 
1 62  LEU n 
1 63  ARG n 
1 64  LYS n 
1 65  LEU n 
1 66  ASP n 
1 67  ILE n 
1 68  LYS n 
1 69  ASN n 
1 70  GLU n 
1 71  ASP n 
1 72  ASP n 
1 73  VAL n 
1 74  LYS n 
1 75  SER n 
1 76  LEU n 
1 77  SER n 
1 78  ARG n 
1 79  VAL n 
1 80  MET n 
1 81  ILE n 
1 82  HIS n 
1 83  VAL n 
1 84  PHE n 
1 85  SER n 
1 86  ASP n 
1 87  GLY n 
1 88  VAL n 
1 89  THR n 
1 90  ASN n 
1 91  TRP n 
1 92  GLY n 
1 93  ARG n 
1 94  ILE n 
1 95  VAL n 
1 96  THR n 
1 97  LEU n 
1 98  ILE n 
1 99  SER n 
1 100 PHE n 
1 101 GLY n 
1 102 ALA n 
1 103 PHE n 
1 104 VAL n 
1 105 ALA n 
1 106 LYS n 
1 107 HIS n 
1 108 LEU n 
1 109 LYS n 
1 110 THR n 
1 111 ILE n 
1 112 ASN n 
1 113 GLN n 
1 114 GLU n 
1 115 SER n 
1 116 CYS n 
1 117 ILE n 
1 118 GLU n 
1 119 PRO n 
1 120 LEU n 
1 121 ALA n 
1 122 GLU n 
1 123 SER n 
1 124 ILE n 
1 125 THR n 
1 126 ASP n 
1 127 VAL n 
1 128 LEU n 
1 129 VAL n 
1 130 ARG n 
1 131 THR n 
1 132 LYS n 
1 133 ARG n 
1 134 ASP n 
1 135 TRP n 
1 136 LEU n 
1 137 VAL n 
1 138 LYS n 
1 139 GLN n 
1 140 ARG n 
1 141 GLY n 
1 142 TRP n 
1 143 ASP n 
1 144 GLY n 
1 145 PHE n 
1 146 VAL n 
1 147 GLU n 
1 148 PHE n 
1 149 PHE n 
1 150 HIS n 
1 151 VAL n 
1 152 GLU n 
1 153 ASP n 
1 154 LEU n 
1 155 GLU n 
1 156 GLY n 
1 157 GLY n 
# 
_entity_src_gen.entity_id                          1 
_entity_src_gen.pdbx_src_id                        1 
_entity_src_gen.pdbx_alt_source_flag               sample 
_entity_src_gen.pdbx_seq_type                      'Biological sequence' 
_entity_src_gen.pdbx_beg_seq_num                   1 
_entity_src_gen.pdbx_end_seq_num                   157 
_entity_src_gen.gene_src_common_name               Human 
_entity_src_gen.gene_src_genus                     ? 
_entity_src_gen.pdbx_gene_src_gene                 'MCL1, BCL2L3' 
_entity_src_gen.gene_src_species                   ? 
_entity_src_gen.gene_src_strain                    ? 
_entity_src_gen.gene_src_tissue                    ? 
_entity_src_gen.gene_src_tissue_fraction           ? 
_entity_src_gen.gene_src_details                   ? 
_entity_src_gen.pdbx_gene_src_fragment             ? 
_entity_src_gen.pdbx_gene_src_scientific_name      'Homo sapiens' 
_entity_src_gen.pdbx_gene_src_ncbi_taxonomy_id     9606 
_entity_src_gen.pdbx_gene_src_variant              ? 
_entity_src_gen.pdbx_gene_src_cell_line            ? 
_entity_src_gen.pdbx_gene_src_atcc                 ? 
_entity_src_gen.pdbx_gene_src_organ                ? 
_entity_src_gen.pdbx_gene_src_organelle            ? 
_entity_src_gen.pdbx_gene_src_cell                 ? 
_entity_src_gen.pdbx_gene_src_cellular_location    ? 
_entity_src_gen.host_org_common_name               ? 
_entity_src_gen.pdbx_host_org_scientific_name      'Escherichia coli' 
_entity_src_gen.pdbx_host_org_ncbi_taxonomy_id     562 
_entity_src_gen.host_org_genus                     ? 
_entity_src_gen.pdbx_host_org_gene                 ? 
_entity_src_gen.pdbx_host_org_organ                ? 
_entity_src_gen.host_org_species                   ? 
_entity_src_gen.pdbx_host_org_tissue               ? 
_entity_src_gen.pdbx_host_org_tissue_fraction      ? 
_entity_src_gen.pdbx_host_org_strain               ? 
_entity_src_gen.pdbx_host_org_variant              ? 
_entity_src_gen.pdbx_host_org_cell_line            ? 
_entity_src_gen.pdbx_host_org_atcc                 ? 
_entity_src_gen.pdbx_host_org_culture_collection   ? 
_entity_src_gen.pdbx_host_org_cell                 ? 
_entity_src_gen.pdbx_host_org_organelle            ? 
_entity_src_gen.pdbx_host_org_cellular_location    ? 
_entity_src_gen.pdbx_host_org_vector_type          ? 
_entity_src_gen.pdbx_host_org_vector               ? 
_entity_src_gen.host_org_details                   ? 
_entity_src_gen.expression_system_id               ? 
_entity_src_gen.plasmid_name                       ? 
_entity_src_gen.plasmid_details                    ? 
_entity_src_gen.pdbx_description                   ? 
# 
loop_
_chem_comp.id 
_chem_comp.type 
_chem_comp.mon_nstd_flag 
_chem_comp.name 
_chem_comp.pdbx_synonyms 
_chem_comp.formula 
_chem_comp.formula_weight 
ALA 'L-peptide linking' y ALANINE ? 'C3 H7 N O2'       89.093  
ARG 'L-peptide linking' y ARGININE ? 'C6 H15 N4 O2 1'   175.209 
ASN 'L-peptide linking' y ASPARAGINE ? 'C4 H8 N2 O3'      132.118 
ASP 'L-peptide linking' y 'ASPARTIC ACID' ? 'C4 H7 N O4'       133.103 
CYS 'L-peptide linking' y CYSTEINE ? 'C3 H7 N O2 S'     121.158 
GLN 'L-peptide linking' y GLUTAMINE ? 'C5 H10 N2 O3'     146.144 
GLU 'L-peptide linking' y 'GLUTAMIC ACID' ? 'C5 H9 N O4'       147.129 
GLY 'peptide linking'   y GLYCINE ? 'C2 H5 N O2'       75.067  
HIS 'L-peptide linking' y HISTIDINE ? 'C6 H10 N3 O2 1'   156.162 
HOH non-polymer         . WATER ? 'H2 O'             18.015  
ILE 'L-peptide linking' y ISOLEUCINE ? 'C6 H13 N O2'      131.173 
LEU 'L-peptide linking' y LEUCINE ? 'C6 H13 N O2'      131.173 
LYS 'L-peptide linking' y LYSINE ? 'C6 H15 N2 O2 1'   147.195 
MET 'L-peptide linking' y METHIONINE ? 'C5 H11 N O2 S'    149.211 
PHE 'L-peptide linking' y PHENYLALANINE ? 'C9 H11 N O2'      165.189 
PRO 'L-peptide linking' y PROLINE ? 'C5 H9 N O2'       115.130 
Q4V non-polymer         . 
;(4S,7aR,9aR,10S,11E,18R)-6'-chloro-10,18-dihydroxy-15-methyl-16-oxo-3',4',7,7a,8,9,9a,10,13,14,15,16,17,18-tetradecahydro-2'H,3H,5H-spiro[1,19-(ethanediylidene)cyclobuta[n][1,4]oxazepino[4,3-a][1,8]diazacyclohexadecine-4,1'-naphthalene]-18-carboxylic acid
;
? 'C33 H39 Cl N2 O6' 595.126 
SER 'L-peptide linking' y SERINE ? 'C3 H7 N O3'       105.093 
THR 'L-peptide linking' y THREONINE ? 'C4 H9 N O3'       119.119 
TRP 'L-peptide linking' y TRYPTOPHAN ? 'C11 H12 N2 O2'    204.225 
TYR 'L-peptide linking' y TYROSINE ? 'C9 H11 N O3'      181.189 
VAL 'L-peptide linking' y VALINE ? 'C5 H11 N O2'      117.146 
# 
loop_
_pdbx_poly_seq_scheme.asym_id 
_pdbx_poly_seq_scheme.entity_id 
_pdbx_poly_seq_scheme.seq_id 
_pdbx_poly_seq_scheme.mon_id 
_pdbx_poly_seq_scheme.ndb_seq_num 
_pdbx_poly_seq_scheme.pdb_seq_num 
_pdbx_poly_seq_scheme.auth_seq_num 
_pdbx_poly_seq_scheme.pdb_mon_id 
_pdbx_poly_seq_scheme.auth_mon_id 
_pdbx_poly_seq_scheme.pdb_strand_id 
_pdbx_poly_seq_scheme.pdb_ins_code 
_pdbx_poly_seq_scheme.hetero 
A 1 1   GLU 1   171 ?   ?   ?   A . n 
A 1 2   ASP 2   172 172 ASP ASP A . n 
A 1 3   GLU 3   173 173 GLU GLU A . n 
A 1 4   LEU 4   174 174 LEU LEU A . n 
A 1 5   TYR 5   175 175 TYR TYR A . n 
A 1 6   ARG 6   176 176 ARG ARG A . n 
A 1 7   GLN 7   177 177 GLN GLN A . n 
A 1 8   SER 8   178 178 SER SER A . n 
A 1 9   LEU 9   179 179 LEU LEU A . n 
A 1 10  GLU 10  180 180 GLU GLU A . n 
A 1 11  ILE 11  181 181 ILE ILE A . n 
A 1 12  ILE 12  182 182 ILE ILE A . n 
A 1 13  SER 13  183 183 SER SER A . n 
A 1 14  ARG 14  184 184 ARG ARG A . n 
A 1 15  TYR 15  185 185 TYR TYR A . n 
A 1 16  LEU 16  186 186 LEU LEU A . n 
A 1 17  ARG 17  187 187 ARG ARG A . n 
A 1 18  GLU 18  188 188 GLU GLU A . n 
A 1 19  GLN 19  189 189 GLN GLN A . n 
A 1 20  ALA 20  190 190 ALA ALA A . n 
A 1 21  THR 21  191 191 THR THR A . n 
A 1 22  GLY 22  192 192 GLY GLY A . n 
A 1 23  ALA 23  193 193 ALA ALA A . n 
A 1 24  LYS 24  194 194 LYS LYS A . n 
A 1 25  ASP 25  195 195 ASP ASP A . n 
A 1 26  THR 26  196 196 THR THR A . n 
A 1 27  LYS 27  197 197 LYS LYS A . n 
A 1 28  PRO 28  198 198 PRO PRO A . n 
A 1 29  MET 29  199 199 MET MET A . n 
A 1 30  GLY 30  200 200 GLY GLY A . n 
A 1 31  ARG 31  201 201 ARG ARG A . n 
A 1 32  SER 32  202 202 SER SER A . n 
A 1 33  GLY 33  203 203 GLY GLY A . n 
A 1 34  ALA 34  204 204 ALA ALA A . n 
A 1 35  THR 35  205 205 THR THR A . n 
A 1 36  SER 36  206 206 SER SER A . n 
A 1 37  ARG 37  207 207 ARG ARG A . n 
A 1 38  LYS 38  208 208 LYS LYS A . n 
A 1 39  ALA 39  209 209 ALA ALA A . n 
A 1 40  LEU 40  210 210 LEU LEU A . n 
A 1 41  GLU 41  211 211 GLU GLU A . n 
A 1 42  THR 42  212 212 THR THR A . n 
A 1 43  LEU 43  213 213 LEU LEU A . n 
A 1 44  ARG 44  214 214 ARG ARG A . n 
A 1 45  ARG 45  215 215 ARG ARG A . n 
A 1 46  VAL 46  216 216 VAL VAL A . n 
A 1 47  GLY 47  217 217 GLY GLY A . n 
A 1 48  ASP 48  218 218 ASP ASP A . n 
A 1 49  GLY 49  219 219 GLY GLY A . n 
A 1 50  VAL 50  220 220 VAL VAL A . n 
A 1 51  GLN 51  221 221 GLN GLN A . n 
A 1 52  ARG 52  222 222 ARG ARG A . n 
A 1 53  ASN 53  223 223 ASN ASN A . n 
A 1 54  HIS 54  224 224 HIS HIS A . n 
A 1 55  GLU 55  225 225 GLU GLU A . n 
A 1 56  THR 56  226 226 THR THR A . n 
A 1 57  ALA 57  227 227 ALA ALA A . n 
A 1 58  PHE 58  228 228 PHE PHE A . n 
A 1 59  GLN 59  229 229 GLN GLN A . n 
A 1 60  GLY 60  230 230 GLY GLY A . n 
A 1 61  MET 61  231 231 MET MET A . n 
A 1 62  LEU 62  232 232 LEU LEU A . n 
A 1 63  ARG 63  233 233 ARG ARG A . n 
A 1 64  LYS 64  234 234 LYS LYS A . n 
A 1 65  LEU 65  235 235 LEU LEU A . n 
A 1 66  ASP 66  236 236 ASP ASP A . n 
A 1 67  ILE 67  237 237 ILE ILE A . n 
A 1 68  LYS 68  238 238 LYS LYS A . n 
A 1 69  ASN 69  239 239 ASN ASN A . n 
A 1 70  GLU 70  240 240 GLU GLU A . n 
A 1 71  ASP 71  241 241 ASP ASP A . n 
A 1 72  ASP 72  242 242 ASP ASP A . n 
A 1 73  VAL 73  243 243 VAL VAL A . n 
A 1 74  LYS 74  244 244 LYS LYS A . n 
A 1 75  SER 75  245 245 SER SER A . n 
A 1 76  LEU 76  246 246 LEU LEU A . n 
A 1 77  SER 77  247 247 SER SER A . n 
A 1 78  ARG 78  248 248 ARG ARG A . n 
A 1 79  VAL 79  249 249 VAL VAL A . n 
A 1 80  MET 80  250 250 MET MET A . n 
A 1 81  ILE 81  251 251 ILE ILE A . n 
A 1 82  HIS 82  252 252 HIS HIS A . n 
A 1 83  VAL 83  253 253 VAL VAL A . n 
A 1 84  PHE 84  254 254 PHE PHE A . n 
A 1 85  SER 85  255 255 SER SER A . n 
A 1 86  ASP 86  256 256 ASP ASP A . n 
A 1 87  GLY 87  257 257 GLY GLY A . n 
A 1 88  VAL 88  258 258 VAL VAL A . n 
A 1 89  THR 89  259 259 THR THR A . n 
A 1 90  ASN 90  260 260 ASN ASN A . n 
A 1 91  TRP 91  261 261 TRP TRP A . n 
A 1 92  GLY 92  262 262 GLY GLY A . n 
A 1 93  ARG 93  263 263 ARG ARG A . n 
A 1 94  ILE 94  264 264 ILE ILE A . n 
A 1 95  VAL 95  265 265 VAL VAL A . n 
A 1 96  THR 96  266 266 THR THR A . n 
A 1 97  LEU 97  267 267 LEU LEU A . n 
A 1 98  ILE 98  268 268 ILE ILE A . n 
A 1 99  SER 99  269 269 SER SER A . n 
A 1 100 PHE 100 270 270 PHE PHE A . n 
A 1 101 GLY 101 271 271 GLY GLY A . n 
A 1 102 ALA 102 272 272 ALA ALA A . n 
A 1 103 PHE 103 273 273 PHE PHE A . n 
A 1 104 VAL 104 274 274 VAL VAL A . n 
A 1 105 ALA 105 275 275 ALA ALA A . n 
A 1 106 LYS 106 276 276 LYS LYS A . n 
A 1 107 HIS 107 277 277 HIS HIS A . n 
A 1 108 LEU 108 278 278 LEU LEU A . n 
A 1 109 LYS 109 279 279 LYS LYS A . n 
A 1 110 THR 110 280 280 THR THR A . n 
A 1 111 ILE 111 281 281 ILE ILE A . n 
A 1 112 ASN 112 282 282 ASN ASN A . n 
A 1 113 GLN 113 283 283 GLN GLN A . n 
A 1 114 GLU 114 284 284 GLU GLU A . n 
A 1 115 SER 115 285 285 SER SER A . n 
A 1 116 CYS 116 286 286 CYS CYS A . n 
A 1 117 ILE 117 287 287 ILE ILE A . n 
A 1 118 GLU 118 288 288 GLU GLU A . n 
A 1 119 PRO 119 289 289 PRO PRO A . n 
A 1 120 LEU 120 290 290 LEU LEU A . n 
A 1 121 ALA 121 291 291 ALA ALA A . n 
A 1 122 GLU 122 292 292 GLU GLU A . n 
A 1 123 SER 123 293 293 SER SER A . n 
A 1 124 ILE 124 294 294 ILE ILE A . n 
A 1 125 THR 125 295 295 THR THR A . n 
A 1 126 ASP 126 296 296 ASP ASP A . n 
A 1 127 VAL 127 297 297 VAL VAL A . n 
A 1 128 LEU 128 298 298 LEU LEU A . n 
A 1 129 VAL 129 299 299 VAL VAL A . n 
A 1 130 ARG 130 300 300 ARG ARG A . n 
A 1 131 THR 131 301 301 THR THR A . n 
A 1 132 LYS 132 302 302 LYS LYS A . n 
A 1 133 ARG 133 303 303 ARG ARG A . n 
A 1 134 ASP 134 304 304 ASP ASP A . n 
A 1 135 TRP 135 305 305 TRP TRP A . n 
A 1 136 LEU 136 306 306 LEU LEU A . n 
A 1 137 VAL 137 307 307 VAL VAL A . n 
A 1 138 LYS 138 308 308 LYS LYS A . n 
A 1 139 GLN 139 309 309 GLN GLN A . n 
A 1 140 ARG 140 310 310 ARG ARG A . n 
A 1 141 GLY 141 311 311 GLY GLY A . n 
A 1 142 TRP 142 312 312 TRP TRP A . n 
A 1 143 ASP 143 313 313 ASP ASP A . n 
A 1 144 GLY 144 314 314 GLY GLY A . n 
A 1 145 PHE 145 315 315 PHE PHE A . n 
A 1 146 VAL 146 316 316 VAL VAL A . n 
A 1 147 GLU 147 317 317 GLU GLU A . n 
A 1 148 PHE 148 318 318 PHE PHE A . n 
A 1 149 PHE 149 319 319 PHE PHE A . n 
A 1 150 HIS 150 320 320 HIS HIS A . n 
A 1 151 VAL 151 321 321 VAL VAL A . n 
A 1 152 GLU 152 322 322 GLU GLU A . n 
A 1 153 ASP 153 323 323 ASP ASP A . n 
A 1 154 LEU 154 324 324 LEU LEU A . n 
A 1 155 GLU 155 325 325 GLU GLU A . n 
A 1 156 GLY 156 326 326 GLY GLY A . n 
A 1 157 GLY 157 327 ?   ?   ?   A . n 
# 
loop_
_pdbx_nonpoly_scheme.asym_id 
_pdbx_nonpoly_scheme.entity_id 
_pdbx_nonpoly_scheme.mon_id 
_pdbx_nonpoly_scheme.ndb_seq_num 
_pdbx_nonpoly_scheme.pdb_seq_num 
_pdbx_nonpoly_scheme.auth_seq_num 
_pdbx_nonpoly_scheme.pdb_mon_id 
_pdbx_nonpoly_scheme.auth_mon_id 
_pdbx_nonpoly_scheme.pdb_strand_id 
_pdbx_nonpoly_scheme.pdb_ins_code 
B 2 Q4V 1   401 1   Q4V UNL A . 
C 3 HOH 1   501 33  HOH HOH A . 
C 3 HOH 2   502 111 HOH HOH A . 
C 3 HOH 3   503 145 HOH HOH A . 
C 3 HOH 4   504 76  HOH HOH A . 
C 3 HOH 5   505 121 HOH HOH A . 
C 3 HOH 6   506 73  HOH HOH A . 
C 3 HOH 7   507 79  HOH HOH A . 
C 3 HOH 8   508 124 HOH HOH A . 
C 3 HOH 9   509 26  HOH HOH A . 
C 3 HOH 10  510 143 HOH HOH A . 
C 3 HOH 11  511 100 HOH HOH A . 
C 3 HOH 12  512 22  HOH HOH A . 
C 3 HOH 13  513 48  HOH HOH A . 
C 3 HOH 14  514 27  HOH HOH A . 
C 3 HOH 15  515 98  HOH HOH A . 
C 3 HOH 16  516 78  HOH HOH A . 
C 3 HOH 17  517 46  HOH HOH A . 
C 3 HOH 18  518 89  HOH HOH A . 
C 3 HOH 19  519 42  HOH HOH A . 
C 3 HOH 20  520 75  HOH HOH A . 
C 3 HOH 21  521 82  HOH HOH A . 
C 3 HOH 22  522 13  HOH HOH A . 
C 3 HOH 23  523 64  HOH HOH A . 
C 3 HOH 24  524 45  HOH HOH A . 
C 3 HOH 25  525 129 HOH HOH A . 
C 3 HOH 26  526 6   HOH HOH A . 
C 3 HOH 27  527 32  HOH HOH A . 
C 3 HOH 28  528 40  HOH HOH A . 
C 3 HOH 29  529 85  HOH HOH A . 
C 3 HOH 30  530 99  HOH HOH A . 
C 3 HOH 31  531 3   HOH HOH A . 
C 3 HOH 32  532 54  HOH HOH A . 
C 3 HOH 33  533 83  HOH HOH A . 
C 3 HOH 34  534 80  HOH HOH A . 
C 3 HOH 35  535 53  HOH HOH A . 
C 3 HOH 36  536 102 HOH HOH A . 
C 3 HOH 37  537 62  HOH HOH A . 
C 3 HOH 38  538 104 HOH HOH A . 
C 3 HOH 39  539 68  HOH HOH A . 
C 3 HOH 40  540 16  HOH HOH A . 
C 3 HOH 41  541 61  HOH HOH A . 
C 3 HOH 42  542 31  HOH HOH A . 
C 3 HOH 43  543 2   HOH HOH A . 
C 3 HOH 44  544 35  HOH HOH A . 
C 3 HOH 45  545 150 HOH HOH A . 
C 3 HOH 46  546 92  HOH HOH A . 
C 3 HOH 47  547 41  HOH HOH A . 
C 3 HOH 48  548 52  HOH HOH A . 
C 3 HOH 49  549 39  HOH HOH A . 
C 3 HOH 50  550 131 HOH HOH A . 
C 3 HOH 51  551 57  HOH HOH A . 
C 3 HOH 52  552 29  HOH HOH A . 
C 3 HOH 53  553 25  HOH HOH A . 
C 3 HOH 54  554 36  HOH HOH A . 
C 3 HOH 55  555 56  HOH HOH A . 
C 3 HOH 56  556 125 HOH HOH A . 
C 3 HOH 57  557 127 HOH HOH A . 
C 3 HOH 58  558 19  HOH HOH A . 
C 3 HOH 59  559 95  HOH HOH A . 
C 3 HOH 60  560 55  HOH HOH A . 
C 3 HOH 61  561 86  HOH HOH A . 
C 3 HOH 62  562 23  HOH HOH A . 
C 3 HOH 63  563 28  HOH HOH A . 
C 3 HOH 64  564 10  HOH HOH A . 
C 3 HOH 65  565 50  HOH HOH A . 
C 3 HOH 66  566 17  HOH HOH A . 
C 3 HOH 67  567 18  HOH HOH A . 
C 3 HOH 68  568 142 HOH HOH A . 
C 3 HOH 69  569 133 HOH HOH A . 
C 3 HOH 70  570 84  HOH HOH A . 
C 3 HOH 71  571 47  HOH HOH A . 
C 3 HOH 72  572 51  HOH HOH A . 
C 3 HOH 73  573 67  HOH HOH A . 
C 3 HOH 74  574 103 HOH HOH A . 
C 3 HOH 75  575 1   HOH HOH A . 
C 3 HOH 76  576 141 HOH HOH A . 
C 3 HOH 77  577 140 HOH HOH A . 
C 3 HOH 78  578 94  HOH HOH A . 
C 3 HOH 79  579 4   HOH HOH A . 
C 3 HOH 80  580 7   HOH HOH A . 
C 3 HOH 81  581 70  HOH HOH A . 
C 3 HOH 82  582 5   HOH HOH A . 
C 3 HOH 83  583 93  HOH HOH A . 
C 3 HOH 84  584 72  HOH HOH A . 
C 3 HOH 85  585 115 HOH HOH A . 
C 3 HOH 86  586 101 HOH HOH A . 
C 3 HOH 87  587 128 HOH HOH A . 
C 3 HOH 88  588 65  HOH HOH A . 
C 3 HOH 89  589 91  HOH HOH A . 
C 3 HOH 90  590 135 HOH HOH A . 
C 3 HOH 91  591 9   HOH HOH A . 
C 3 HOH 92  592 15  HOH HOH A . 
C 3 HOH 93  593 81  HOH HOH A . 
C 3 HOH 94  594 12  HOH HOH A . 
C 3 HOH 95  595 24  HOH HOH A . 
C 3 HOH 96  596 96  HOH HOH A . 
C 3 HOH 97  597 109 HOH HOH A . 
C 3 HOH 98  598 49  HOH HOH A . 
C 3 HOH 99  599 8   HOH HOH A . 
C 3 HOH 100 600 44  HOH HOH A . 
C 3 HOH 101 601 132 HOH HOH A . 
C 3 HOH 102 602 63  HOH HOH A . 
C 3 HOH 103 603 14  HOH HOH A . 
C 3 HOH 104 604 21  HOH HOH A . 
C 3 HOH 105 605 11  HOH HOH A . 
C 3 HOH 106 606 114 HOH HOH A . 
C 3 HOH 107 607 138 HOH HOH A . 
C 3 HOH 108 608 136 HOH HOH A . 
C 3 HOH 109 609 38  HOH HOH A . 
C 3 HOH 110 610 66  HOH HOH A . 
C 3 HOH 111 611 110 HOH HOH A . 
C 3 HOH 112 612 71  HOH HOH A . 
C 3 HOH 113 613 105 HOH HOH A . 
C 3 HOH 114 614 20  HOH HOH A . 
C 3 HOH 115 615 97  HOH HOH A . 
C 3 HOH 116 616 90  HOH HOH A . 
C 3 HOH 117 617 112 HOH HOH A . 
C 3 HOH 118 618 119 HOH HOH A . 
C 3 HOH 119 619 152 HOH HOH A . 
C 3 HOH 120 620 134 HOH HOH A . 
C 3 HOH 121 621 30  HOH HOH A . 
C 3 HOH 122 622 69  HOH HOH A . 
C 3 HOH 123 623 106 HOH HOH A . 
C 3 HOH 124 624 148 HOH HOH A . 
C 3 HOH 125 625 120 HOH HOH A . 
C 3 HOH 126 626 122 HOH HOH A . 
C 3 HOH 127 627 117 HOH HOH A . 
C 3 HOH 128 628 146 HOH HOH A . 
C 3 HOH 129 629 144 HOH HOH A . 
C 3 HOH 130 630 118 HOH HOH A . 
C 3 HOH 131 631 74  HOH HOH A . 
C 3 HOH 132 632 108 HOH HOH A . 
C 3 HOH 133 633 151 HOH HOH A . 
C 3 HOH 134 634 130 HOH HOH A . 
C 3 HOH 135 635 116 HOH HOH A . 
C 3 HOH 136 636 113 HOH HOH A . 
C 3 HOH 137 637 126 HOH HOH A . 
C 3 HOH 138 638 88  HOH HOH A . 
C 3 HOH 139 639 107 HOH HOH A . 
C 3 HOH 140 640 139 HOH HOH A . 
C 3 HOH 141 641 60  HOH HOH A . 
C 3 HOH 142 642 147 HOH HOH A . 
C 3 HOH 143 643 87  HOH HOH A . 
C 3 HOH 144 644 58  HOH HOH A . 
C 3 HOH 145 645 37  HOH HOH A . 
C 3 HOH 146 646 77  HOH HOH A . 
C 3 HOH 147 647 137 HOH HOH A . 
C 3 HOH 148 648 123 HOH HOH A . 
C 3 HOH 149 649 43  HOH HOH A . 
C 3 HOH 150 650 149 HOH HOH A . 
C 3 HOH 151 651 34  HOH HOH A . 
C 3 HOH 152 652 59  HOH HOH A . 
# 
loop_
_software.citation_id 
_software.classification 
_software.compiler_name 
_software.compiler_version 
_software.contact_author 
_software.contact_author_email 
_software.date 
_software.description 
_software.dependencies 
_software.hardware 
_software.language 
_software.location 
_software.mods 
_software.name 
_software.os 
_software.os_version 
_software.type 
_software.version 
_software.pdbx_ordinal 
? refinement        ? ? ? ? ? ? ? ? ? ? ? REFMAC      ? ? ? 5.6.0117 1 
? 'data extraction' ? ? ? ? ? ? ? ? ? ? ? PDB_EXTRACT ? ? ? 3.25     2 
? 'data reduction'  ? ? ? ? ? ? ? ? ? ? ? DENZO       ? ? ? .        3 
? 'data scaling'    ? ? ? ? ? ? ? ? ? ? ? SCALEPACK   ? ? ? .        4 
? phasing           ? ? ? ? ? ? ? ? ? ? ? REFMAC      ? ? ? .        5 
# 
_cell.angle_alpha                  90.000 
_cell.angle_alpha_esd              ? 
_cell.angle_beta                   90.000 
_cell.angle_beta_esd               ? 
_cell.angle_gamma                  90.000 
_cell.angle_gamma_esd              ? 
_cell.entry_id                     6UDT 
_cell.details                      ? 
_cell.formula_units_Z              ? 
_cell.length_a                     43.719 
_cell.length_a_esd                 ? 
_cell.length_b                     89.554 
_cell.length_b_esd                 ? 
_cell.length_c                     84.641 
_cell.length_c_esd                 ? 
_cell.volume                       ? 
_cell.volume_esd                   ? 
_cell.Z_PDB                        8 
_cell.reciprocal_angle_alpha       ? 
_cell.reciprocal_angle_beta        ? 
_cell.reciprocal_angle_gamma       ? 
_cell.reciprocal_angle_alpha_esd   ? 
_cell.reciprocal_angle_beta_esd    ? 
_cell.reciprocal_angle_gamma_esd   ? 
_cell.reciprocal_length_a          ? 
_cell.reciprocal_length_b          ? 
_cell.reciprocal_length_c          ? 
_cell.reciprocal_length_a_esd      ? 
_cell.reciprocal_length_b_esd      ? 
_cell.reciprocal_length_c_esd      ? 
_cell.pdbx_unique_axis             ? 
# 
_symmetry.entry_id                         6UDT 
_symmetry.cell_setting                     ? 
_symmetry.Int_Tables_number                20 
_symmetry.space_group_name_Hall            ? 
_symmetry.space_group_name_H-M             'C 2 2 21' 
_symmetry.pdbx_full_space_group_name_H-M   ? 
# 
_exptl.absorpt_coefficient_mu     ? 
_exptl.absorpt_correction_T_max   ? 
_exptl.absorpt_correction_T_min   ? 
_exptl.absorpt_correction_type    ? 
_exptl.absorpt_process_details    ? 
_exptl.entry_id                   6UDT 
_exptl.crystals_number            1 
_exptl.details                    ? 
_exptl.method                     'X-RAY DIFFRACTION' 
_exptl.method_details             ? 
# 
_exptl_crystal.colour                      ? 
_exptl_crystal.density_diffrn              ? 
_exptl_crystal.density_Matthews            2.34 
_exptl_crystal.density_method              ? 
_exptl_crystal.density_percent_sol         47.34 
_exptl_crystal.description                 ? 
_exptl_crystal.F_000                       ? 
_exptl_crystal.id                          1 
_exptl_crystal.preparation                 ? 
_exptl_crystal.size_max                    ? 
_exptl_crystal.size_mid                    ? 
_exptl_crystal.size_min                    ? 
_exptl_crystal.size_rad                    ? 
_exptl_crystal.colour_lustre               ? 
_exptl_crystal.colour_modifier             ? 
_exptl_crystal.colour_primary              ? 
_exptl_crystal.density_meas                ? 
_exptl_crystal.density_meas_esd            ? 
_exptl_crystal.density_meas_gt             ? 
_exptl_crystal.density_meas_lt             ? 
_exptl_crystal.density_meas_temp           ? 
_exptl_crystal.density_meas_temp_esd       ? 
_exptl_crystal.density_meas_temp_gt        ? 
_exptl_crystal.density_meas_temp_lt        ? 
_exptl_crystal.pdbx_crystal_image_url      ? 
_exptl_crystal.pdbx_crystal_image_format   ? 
_exptl_crystal.pdbx_mosaicity              ? 
_exptl_crystal.pdbx_mosaicity_esd          ? 
# 
_exptl_crystal_grow.apparatus       ? 
_exptl_crystal_grow.atmosphere      ? 
_exptl_crystal_grow.crystal_id      1 
_exptl_crystal_grow.details         ? 
_exptl_crystal_grow.method          'VAPOR DIFFUSION, HANGING DROP' 
_exptl_crystal_grow.method_ref      ? 
_exptl_crystal_grow.pH              ? 
_exptl_crystal_grow.pressure        ? 
_exptl_crystal_grow.pressure_esd    ? 
_exptl_crystal_grow.seeding         ? 
_exptl_crystal_grow.seeding_ref     ? 
_exptl_crystal_grow.temp            277 
_exptl_crystal_grow.temp_details    ? 
_exptl_crystal_grow.temp_esd        ? 
_exptl_crystal_grow.time            ? 
_exptl_crystal_grow.pdbx_details    
;0.1 M Tris pH 8.0,
3% Ethanol,
36% PEG6000
;
_exptl_crystal_grow.pdbx_pH_range   ? 
# 
_diffrn.ambient_environment              ? 
_diffrn.ambient_temp                     100 
_diffrn.ambient_temp_details             ? 
_diffrn.ambient_temp_esd                 ? 
_diffrn.crystal_id                       1 
_diffrn.crystal_support                  ? 
_diffrn.crystal_treatment                ? 
_diffrn.details                          ? 
_diffrn.id                               1 
_diffrn.ambient_pressure                 ? 
_diffrn.ambient_pressure_esd             ? 
_diffrn.ambient_pressure_gt              ? 
_diffrn.ambient_pressure_lt              ? 
_diffrn.ambient_temp_gt                  ? 
_diffrn.ambient_temp_lt                  ? 
_diffrn.pdbx_serial_crystal_experiment   N 
# 
_diffrn_detector.details                      ? 
_diffrn_detector.detector                     CCD 
_diffrn_detector.diffrn_id                    1 
_diffrn_detector.type                         'ADSC QUANTUM 315r' 
_diffrn_detector.area_resol_mean              ? 
_diffrn_detector.dtime                        ? 
_diffrn_detector.pdbx_frames_total            ? 
_diffrn_detector.pdbx_collection_time_total   ? 
_diffrn_detector.pdbx_collection_date         2013-11-22 
_diffrn_detector.pdbx_frequency               ? 
# 
_diffrn_radiation.collimation                      ? 
_diffrn_radiation.diffrn_id                        1 
_diffrn_radiation.filter_edge                      ? 
_diffrn_radiation.inhomogeneity                    ? 
_diffrn_radiation.monochromator                    ? 
_diffrn_radiation.polarisn_norm                    ? 
_diffrn_radiation.polarisn_ratio                   ? 
_diffrn_radiation.probe                            ? 
_diffrn_radiation.type                             ? 
_diffrn_radiation.xray_symbol                      ? 
_diffrn_radiation.wavelength_id                    1 
_diffrn_radiation.pdbx_monochromatic_or_laue_m_l   M 
_diffrn_radiation.pdbx_wavelength_list             ? 
_diffrn_radiation.pdbx_wavelength                  ? 
_diffrn_radiation.pdbx_diffrn_protocol             'SINGLE WAVELENGTH' 
_diffrn_radiation.pdbx_analyzer                    ? 
_diffrn_radiation.pdbx_scattering_type             x-ray 
# 
_diffrn_radiation_wavelength.id           1 
_diffrn_radiation_wavelength.wavelength   1.0000 
_diffrn_radiation_wavelength.wt           1.0 
# 
_diffrn_source.current                     ? 
_diffrn_source.details                     ? 
_diffrn_source.diffrn_id                   1 
_diffrn_source.power                       ? 
_diffrn_source.size                        ? 
_diffrn_source.source                      SYNCHROTRON 
_diffrn_source.target                      ? 
_diffrn_source.type                        'ALS BEAMLINE 5.0.2' 
_diffrn_source.voltage                     ? 
_diffrn_source.take-off_angle              ? 
_diffrn_source.pdbx_wavelength_list        1.0000 
_diffrn_source.pdbx_wavelength             ? 
_diffrn_source.pdbx_synchrotron_beamline   5.0.2 
_diffrn_source.pdbx_synchrotron_site       ALS 
# 
_reflns.B_iso_Wilson_estimate            ? 
_reflns.entry_id                         6UDT 
_reflns.data_reduction_details           ? 
_reflns.data_reduction_method            ? 
_reflns.d_resolution_high                1.50 
_reflns.d_resolution_low                 50.0 
_reflns.details                          ? 
_reflns.limit_h_max                      ? 
_reflns.limit_h_min                      ? 
_reflns.limit_k_max                      ? 
_reflns.limit_k_min                      ? 
_reflns.limit_l_max                      ? 
_reflns.limit_l_min                      ? 
_reflns.number_all                       ? 
_reflns.number_obs                       26940 
_reflns.observed_criterion               ? 
_reflns.observed_criterion_F_max         ? 
_reflns.observed_criterion_F_min         ? 
_reflns.observed_criterion_I_max         ? 
_reflns.observed_criterion_I_min         ? 
_reflns.observed_criterion_sigma_F       ? 
_reflns.observed_criterion_sigma_I       ? 
_reflns.percent_possible_obs             100 
_reflns.R_free_details                   ? 
_reflns.Rmerge_F_all                     ? 
_reflns.Rmerge_F_obs                     ? 
_reflns.Friedel_coverage                 ? 
_reflns.number_gt                        ? 
_reflns.threshold_expression             ? 
_reflns.pdbx_redundancy                  5.87 
_reflns.pdbx_Rmerge_I_obs                0.066 
_reflns.pdbx_Rmerge_I_all                ? 
_reflns.pdbx_Rsym_value                  ? 
_reflns.pdbx_netI_over_av_sigmaI         ? 
_reflns.pdbx_netI_over_sigmaI            11.2 
_reflns.pdbx_res_netI_over_av_sigmaI_2   ? 
_reflns.pdbx_res_netI_over_sigmaI_2      ? 
_reflns.pdbx_chi_squared                 ? 
_reflns.pdbx_scaling_rejects             ? 
_reflns.pdbx_d_res_high_opt              ? 
_reflns.pdbx_d_res_low_opt               ? 
_reflns.pdbx_d_res_opt_method            ? 
_reflns.phase_calculation_details        ? 
_reflns.pdbx_Rrim_I_all                  ? 
_reflns.pdbx_Rpim_I_all                  ? 
_reflns.pdbx_d_opt                       ? 
_reflns.pdbx_number_measured_all         ? 
_reflns.pdbx_diffrn_id                   1 
_reflns.pdbx_ordinal                     1 
_reflns.pdbx_CC_half                     ? 
_reflns.pdbx_R_split                     ? 
# 
_reflns_shell.d_res_high                  1.50 
_reflns_shell.d_res_low                   1.55 
_reflns_shell.meanI_over_sigI_all         ? 
_reflns_shell.meanI_over_sigI_obs         ? 
_reflns_shell.number_measured_all         ? 
_reflns_shell.number_measured_obs         ? 
_reflns_shell.number_possible             ? 
_reflns_shell.number_unique_all           ? 
_reflns_shell.number_unique_obs           2672 
_reflns_shell.percent_possible_all        ? 
_reflns_shell.percent_possible_obs        ? 
_reflns_shell.Rmerge_F_all                ? 
_reflns_shell.Rmerge_F_obs                ? 
_reflns_shell.Rmerge_I_all                ? 
_reflns_shell.Rmerge_I_obs                0.740 
_reflns_shell.meanI_over_sigI_gt          ? 
_reflns_shell.meanI_over_uI_all           ? 
_reflns_shell.meanI_over_uI_gt            ? 
_reflns_shell.number_measured_gt          ? 
_reflns_shell.number_unique_gt            ? 
_reflns_shell.percent_possible_gt         ? 
_reflns_shell.Rmerge_F_gt                 ? 
_reflns_shell.Rmerge_I_gt                 ? 
_reflns_shell.pdbx_redundancy             ? 
_reflns_shell.pdbx_Rsym_value             ? 
_reflns_shell.pdbx_chi_squared            ? 
_reflns_shell.pdbx_netI_over_sigmaI_all   ? 
_reflns_shell.pdbx_netI_over_sigmaI_obs   ? 
_reflns_shell.pdbx_Rrim_I_all             ? 
_reflns_shell.pdbx_Rpim_I_all             ? 
_reflns_shell.pdbx_rejects                ? 
_reflns_shell.pdbx_ordinal                1 
_reflns_shell.pdbx_diffrn_id              1 
_reflns_shell.pdbx_CC_half                ? 
_reflns_shell.pdbx_R_split                ? 
# 
_refine.aniso_B[1][1]                            -0.0100 
_refine.aniso_B[1][2]                            0.0000 
_refine.aniso_B[1][3]                            0.0000 
_refine.aniso_B[2][2]                            0.5300 
_refine.aniso_B[2][3]                            0.0000 
_refine.aniso_B[3][3]                            -0.5200 
_refine.B_iso_max                                66.070 
_refine.B_iso_mean                               17.7450 
_refine.B_iso_min                                7.270 
_refine.correlation_coeff_Fo_to_Fc               0.9580 
_refine.correlation_coeff_Fo_to_Fc_free          0.9480 
_refine.details                                  
'HYDROGENS HAVE BEEN ADDED IN THE RIDING POSITIONS U VALUES      : REFINED INDIVIDUALLY' 
_refine.diff_density_max                         ? 
_refine.diff_density_max_esd                     ? 
_refine.diff_density_min                         ? 
_refine.diff_density_min_esd                     ? 
_refine.diff_density_rms                         ? 
_refine.diff_density_rms_esd                     ? 
_refine.entry_id                                 6UDT 
_refine.pdbx_refine_id                           'X-RAY DIFFRACTION' 
_refine.ls_abs_structure_details                 ? 
_refine.ls_abs_structure_Flack                   ? 
_refine.ls_abs_structure_Flack_esd               ? 
_refine.ls_abs_structure_Rogers                  ? 
_refine.ls_abs_structure_Rogers_esd              ? 
_refine.ls_d_res_high                            1.5000 
_refine.ls_d_res_low                             44.7800 
_refine.ls_extinction_coef                       ? 
_refine.ls_extinction_coef_esd                   ? 
_refine.ls_extinction_expression                 ? 
_refine.ls_extinction_method                     ? 
_refine.ls_goodness_of_fit_all                   ? 
_refine.ls_goodness_of_fit_all_esd               ? 
_refine.ls_goodness_of_fit_obs                   ? 
_refine.ls_goodness_of_fit_obs_esd               ? 
_refine.ls_hydrogen_treatment                    ? 
_refine.ls_matrix_type                           ? 
_refine.ls_number_constraints                    ? 
_refine.ls_number_parameters                     ? 
_refine.ls_number_reflns_all                     ? 
_refine.ls_number_reflns_obs                     25535 
_refine.ls_number_reflns_R_free                  1377 
_refine.ls_number_reflns_R_work                  ? 
_refine.ls_number_restraints                     ? 
_refine.ls_percent_reflns_obs                    99.7300 
_refine.ls_percent_reflns_R_free                 5.1000 
_refine.ls_R_factor_all                          ? 
_refine.ls_R_factor_obs                          0.1915 
_refine.ls_R_factor_R_free                       0.2211 
_refine.ls_R_factor_R_free_error                 ? 
_refine.ls_R_factor_R_free_error_details         ? 
_refine.ls_R_factor_R_work                       0.1900 
_refine.ls_R_Fsqd_factor_obs                     ? 
_refine.ls_R_I_factor_obs                        ? 
_refine.ls_redundancy_reflns_all                 ? 
_refine.ls_redundancy_reflns_obs                 ? 
_refine.ls_restrained_S_all                      ? 
_refine.ls_restrained_S_obs                      ? 
_refine.ls_shift_over_esd_max                    ? 
_refine.ls_shift_over_esd_mean                   ? 
_refine.ls_structure_factor_coef                 ? 
_refine.ls_weighting_details                     ? 
_refine.ls_weighting_scheme                      ? 
_refine.ls_wR_factor_all                         ? 
_refine.ls_wR_factor_obs                         ? 
_refine.ls_wR_factor_R_free                      ? 
_refine.ls_wR_factor_R_work                      ? 
_refine.occupancy_max                            ? 
_refine.occupancy_min                            ? 
_refine.solvent_model_details                    ? 
_refine.solvent_model_param_bsol                 ? 
_refine.solvent_model_param_ksol                 ? 
_refine.ls_R_factor_gt                           ? 
_refine.ls_goodness_of_fit_gt                    ? 
_refine.ls_goodness_of_fit_ref                   ? 
_refine.ls_shift_over_su_max                     ? 
_refine.ls_shift_over_su_max_lt                  ? 
_refine.ls_shift_over_su_mean                    ? 
_refine.ls_shift_over_su_mean_lt                 ? 
_refine.pdbx_ls_sigma_I                          ? 
_refine.pdbx_ls_sigma_F                          0.000 
_refine.pdbx_ls_sigma_Fsqd                       ? 
_refine.pdbx_data_cutoff_high_absF               ? 
_refine.pdbx_data_cutoff_high_rms_absF           ? 
_refine.pdbx_data_cutoff_low_absF                ? 
_refine.pdbx_isotropic_thermal_model             ? 
_refine.pdbx_ls_cross_valid_method               THROUGHOUT 
_refine.pdbx_method_to_determine_struct          'MOLECULAR REPLACEMENT' 
_refine.pdbx_starting_model                      ? 
_refine.pdbx_stereochemistry_target_values       ? 
_refine.pdbx_R_Free_selection_details            RANDOM 
_refine.pdbx_stereochem_target_val_spec_case     ? 
_refine.pdbx_overall_ESU_R                       0.0780 
_refine.pdbx_overall_ESU_R_Free                  0.0800 
_refine.pdbx_solvent_vdw_probe_radii             1.2000 
_refine.pdbx_solvent_ion_probe_radii             0.8000 
_refine.pdbx_solvent_shrinkage_radii             0.8000 
_refine.pdbx_real_space_R                        ? 
_refine.pdbx_density_correlation                 ? 
_refine.pdbx_pd_number_of_powder_patterns        ? 
_refine.pdbx_pd_number_of_points                 ? 
_refine.pdbx_pd_meas_number_of_points            ? 
_refine.pdbx_pd_proc_ls_prof_R_factor            ? 
_refine.pdbx_pd_proc_ls_prof_wR_factor           ? 
_refine.pdbx_pd_Marquardt_correlation_coeff      ? 
_refine.pdbx_pd_Fsqrd_R_factor                   ? 
_refine.pdbx_pd_ls_matrix_band_width             ? 
_refine.pdbx_overall_phase_error                 ? 
_refine.pdbx_overall_SU_R_free_Cruickshank_DPI   ? 
_refine.pdbx_overall_SU_R_free_Blow_DPI          ? 
_refine.pdbx_overall_SU_R_Blow_DPI               ? 
_refine.pdbx_TLS_residual_ADP_flag               ? 
_refine.pdbx_diffrn_id                           1 
_refine.overall_SU_B                             1.2970 
_refine.overall_SU_ML                            0.0490 
_refine.overall_SU_R_Cruickshank_DPI             ? 
_refine.overall_SU_R_free                        ? 
_refine.overall_FOM_free_R_set                   ? 
_refine.overall_FOM_work_R_set                   ? 
_refine.pdbx_average_fsc_overall                 ? 
_refine.pdbx_average_fsc_work                    ? 
_refine.pdbx_average_fsc_free                    ? 
# 
_refine_hist.pdbx_refine_id                   'X-RAY DIFFRACTION' 
_refine_hist.cycle_id                         final 
_refine_hist.details                          ? 
_refine_hist.d_res_high                       1.5000 
_refine_hist.d_res_low                        44.7800 
_refine_hist.number_atoms_solvent             152 
_refine_hist.number_atoms_total               1440 
_refine_hist.number_reflns_all                ? 
_refine_hist.number_reflns_obs                ? 
_refine_hist.number_reflns_R_free             ? 
_refine_hist.number_reflns_R_work             ? 
_refine_hist.R_factor_all                     ? 
_refine_hist.R_factor_obs                     ? 
_refine_hist.R_factor_R_free                  ? 
_refine_hist.R_factor_R_work                  ? 
_refine_hist.pdbx_number_residues_total       155 
_refine_hist.pdbx_B_iso_mean_ligand           13.49 
_refine_hist.pdbx_B_iso_mean_solvent          33.51 
_refine_hist.pdbx_number_atoms_protein        1246 
_refine_hist.pdbx_number_atoms_nucleic_acid   0 
_refine_hist.pdbx_number_atoms_ligand         42 
_refine_hist.pdbx_number_atoms_lipid          ? 
_refine_hist.pdbx_number_atoms_carb           ? 
_refine_hist.pdbx_pseudo_atom_details         ? 
# 
loop_
_refine_ls_restr.pdbx_refine_id 
_refine_ls_restr.criterion 
_refine_ls_restr.dev_ideal 
_refine_ls_restr.dev_ideal_target 
_refine_ls_restr.number 
_refine_ls_restr.rejects 
_refine_ls_restr.type 
_refine_ls_restr.weight 
_refine_ls_restr.pdbx_restraint_function 
'X-RAY DIFFRACTION' ? 0.008  0.020  1313 ? r_bond_refined_d       ? ? 
'X-RAY DIFFRACTION' ? 0.001  0.020  927  ? r_bond_other_d         ? ? 
'X-RAY DIFFRACTION' ? 1.135  1.984  1773 ? r_angle_refined_deg    ? ? 
'X-RAY DIFFRACTION' ? 0.816  3.005  2189 ? r_angle_other_deg      ? ? 
'X-RAY DIFFRACTION' ? 4.126  5.000  154  ? r_dihedral_angle_1_deg ? ? 
'X-RAY DIFFRACTION' ? 32.089 23.016 63   ? r_dihedral_angle_2_deg ? ? 
'X-RAY DIFFRACTION' ? 11.381 15.000 238  ? r_dihedral_angle_3_deg ? ? 
'X-RAY DIFFRACTION' ? 19.401 15.000 14   ? r_dihedral_angle_4_deg ? ? 
'X-RAY DIFFRACTION' ? 0.062  0.200  194  ? r_chiral_restr         ? ? 
'X-RAY DIFFRACTION' ? 0.006  0.020  1437 ? r_gen_planes_refined   ? ? 
'X-RAY DIFFRACTION' ? 0.001  0.020  277  ? r_gen_planes_other     ? ? 
# 
_refine_ls_shell.pdbx_refine_id                   'X-RAY DIFFRACTION' 
_refine_ls_shell.d_res_high                       1.5010 
_refine_ls_shell.d_res_low                        1.5400 
_refine_ls_shell.number_reflns_all                1782 
_refine_ls_shell.number_reflns_obs                ? 
_refine_ls_shell.number_reflns_R_free             107 
_refine_ls_shell.number_reflns_R_work             1675 
_refine_ls_shell.percent_reflns_obs               97.1100 
_refine_ls_shell.percent_reflns_R_free            ? 
_refine_ls_shell.R_factor_all                     ? 
_refine_ls_shell.R_factor_obs                     ? 
_refine_ls_shell.R_factor_R_free                  0.3370 
_refine_ls_shell.R_factor_R_free_error            0.0000 
_refine_ls_shell.R_factor_R_work                  0.2860 
_refine_ls_shell.redundancy_reflns_all            ? 
_refine_ls_shell.redundancy_reflns_obs            ? 
_refine_ls_shell.wR_factor_all                    ? 
_refine_ls_shell.wR_factor_obs                    ? 
_refine_ls_shell.wR_factor_R_free                 ? 
_refine_ls_shell.wR_factor_R_work                 ? 
_refine_ls_shell.pdbx_total_number_of_bins_used   20 
_refine_ls_shell.pdbx_phase_error                 ? 
_refine_ls_shell.pdbx_fsc_work                    ? 
_refine_ls_shell.pdbx_fsc_free                    ? 
# 
_struct.entry_id                     6UDT 
_struct.title                        'X-ray co-crystal structure of compound 10 bound to human Mcl-1' 
_struct.pdbx_model_details           ? 
_struct.pdbx_formula_weight          ? 
_struct.pdbx_formula_weight_method   ? 
_struct.pdbx_model_type_details      ? 
_struct.pdbx_CASP_flag               N 
# 
_struct_keywords.entry_id        6UDT 
_struct_keywords.text            'protein-protein interaction, inhibitor, apoptosis, APOPTOSIS-INHIBITOR complex' 
_struct_keywords.pdbx_keywords   APOPTOSIS/INHIBITOR 
# 
loop_
_struct_asym.id 
_struct_asym.pdbx_blank_PDB_chainid_flag 
_struct_asym.pdbx_modified 
_struct_asym.entity_id 
_struct_asym.details 
A N N 1 ? 
B N N 2 ? 
C N N 3 ? 
# 
_struct_ref.id                         1 
_struct_ref.db_name                    UNP 
_struct_ref.db_code                    MCL1_HUMAN 
_struct_ref.pdbx_db_accession          Q07820 
_struct_ref.pdbx_db_isoform            ? 
_struct_ref.entity_id                  1 
_struct_ref.pdbx_seq_one_letter_code   
;EDELYRQSLEIISRYLREQATGAKDTKPMGRSGATSRKALETLRRVGDGVQRNHETAFQGMLRKLDIKNEDDVKSLSRVM
IHVFSDGVTNWGRIVTLISFGAFVAKHLKTINQESCIEPLAESITDVLVRTKRDWLVKQRGWDGFVEFFHVEDLEGG
;
_struct_ref.pdbx_align_begin           171 
# 
_struct_ref_seq.align_id                      1 
_struct_ref_seq.ref_id                        1 
_struct_ref_seq.pdbx_PDB_id_code              6UDT 
_struct_ref_seq.pdbx_strand_id                A 
_struct_ref_seq.seq_align_beg                 1 
_struct_ref_seq.pdbx_seq_align_beg_ins_code   ? 
_struct_ref_seq.seq_align_end                 157 
_struct_ref_seq.pdbx_seq_align_end_ins_code   ? 
_struct_ref_seq.pdbx_db_accession             Q07820 
_struct_ref_seq.db_align_beg                  171 
_struct_ref_seq.pdbx_db_align_beg_ins_code    ? 
_struct_ref_seq.db_align_end                  327 
_struct_ref_seq.pdbx_db_align_end_ins_code    ? 
_struct_ref_seq.pdbx_auth_seq_align_beg       171 
_struct_ref_seq.pdbx_auth_seq_align_end       327 
# 
loop_
_pdbx_struct_assembly.id 
_pdbx_struct_assembly.details 
_pdbx_struct_assembly.method_details 
_pdbx_struct_assembly.oligomeric_details 
_pdbx_struct_assembly.oligomeric_count 
1 author_defined_assembly   ?    monomeric 1 
2 software_defined_assembly PISA dimeric   2 
# 
loop_
_pdbx_struct_assembly_prop.biol_id 
_pdbx_struct_assembly_prop.type 
_pdbx_struct_assembly_prop.value 
_pdbx_struct_assembly_prop.details 
1 'ABSA (A^2)' 0     ? 
1 MORE         0     ? 
1 'SSA (A^2)'  8810  ? 
2 'ABSA (A^2)' 1990  ? 
2 MORE         -11   ? 
2 'SSA (A^2)'  15630 ? 
# 
loop_
_pdbx_struct_assembly_gen.assembly_id 
_pdbx_struct_assembly_gen.oper_expression 
_pdbx_struct_assembly_gen.asym_id_list 
1 1   A,B,C 
2 1,2 A,B,C 
# 
_pdbx_struct_assembly_auth_evidence.id                     1 
_pdbx_struct_assembly_auth_evidence.assembly_id            1 
_pdbx_struct_assembly_auth_evidence.experimental_support   'gel filtration' 
_pdbx_struct_assembly_auth_evidence.details                ? 
# 
loop_
_pdbx_struct_oper_list.id 
_pdbx_struct_oper_list.type 
_pdbx_struct_oper_list.name 
_pdbx_struct_oper_list.symmetry_operation 
_pdbx_struct_oper_list.matrix[1][1] 
_pdbx_struct_oper_list.matrix[1][2] 
_pdbx_struct_oper_list.matrix[1][3] 
_pdbx_struct_oper_list.vector[1] 
_pdbx_struct_oper_list.matrix[2][1] 
_pdbx_struct_oper_list.matrix[2][2] 
_pdbx_struct_oper_list.matrix[2][3] 
_pdbx_struct_oper_list.vector[2] 
_pdbx_struct_oper_list.matrix[3][1] 
_pdbx_struct_oper_list.matrix[3][2] 
_pdbx_struct_oper_list.matrix[3][3] 
_pdbx_struct_oper_list.vector[3] 
1 'identity operation'         1_555 x,y,z       1.0000000000 0.0000000000  0.0000000000  0.0000000000   0.0000000000  1.0000000000  0.0000000000 0.0000000000   0.0000000000  0.0000000000 1.0000000000  0.0000000000  
2 'crystal symmetry operation' 3_557 -x,y,-z+5/2 0.2507475845 -0.9217379884 -0.2958457868 -16.4882733128 -0.9217379884 -0.3207255166 0.2180234476 -21.8687050542 -0.2958457868 0.2180234476 -0.9300220679 -1.5732920071 
# 
loop_
_struct_conf.conf_type_id 
_struct_conf.id 
_struct_conf.pdbx_PDB_helix_id 
_struct_conf.beg_label_comp_id 
_struct_conf.beg_label_asym_id 
_struct_conf.beg_label_seq_id 
_struct_conf.pdbx_beg_PDB_ins_code 
_struct_conf.end_label_comp_id 
_struct_conf.end_label_asym_id 
_struct_conf.end_label_seq_id 
_struct_conf.pdbx_end_PDB_ins_code 
_struct_conf.beg_auth_comp_id 
_struct_conf.beg_auth_asym_id 
_struct_conf.beg_auth_seq_id 
_struct_conf.end_auth_comp_id 
_struct_conf.end_auth_asym_id 
_struct_conf.end_auth_seq_id 
_struct_conf.pdbx_PDB_helix_class 
_struct_conf.details 
_struct_conf.pdbx_PDB_helix_length 
HELX_P HELX_P1 AA1 ASP A 2   ? GLY A 22  ? ASP A 172 GLY A 192 1 ? 21 
HELX_P HELX_P2 AA2 SER A 32  ? HIS A 54  ? SER A 202 HIS A 224 1 ? 23 
HELX_P HELX_P3 AA3 HIS A 54  ? ASP A 66  ? HIS A 224 ASP A 236 1 ? 13 
HELX_P HELX_P4 AA4 ASN A 69  ? SER A 75  ? ASN A 239 SER A 245 1 ? 7  
HELX_P HELX_P5 AA5 SER A 75  ? PHE A 84  ? SER A 245 PHE A 254 1 ? 10 
HELX_P HELX_P6 AA6 ASN A 90  ? ILE A 111 ? ASN A 260 ILE A 281 1 ? 22 
HELX_P HELX_P7 AA7 GLN A 113 ? SER A 115 ? GLN A 283 SER A 285 5 ? 3  
HELX_P HELX_P8 AA8 CYS A 116 ? GLN A 139 ? CYS A 286 GLN A 309 1 ? 24 
HELX_P HELX_P9 AA9 ARG A 140 ? HIS A 150 ? ARG A 310 HIS A 320 1 ? 11 
# 
_struct_conf_type.id          HELX_P 
_struct_conf_type.criteria    ? 
_struct_conf_type.reference   ? 
# 
_struct_site.id                   AC1 
_struct_site.pdbx_evidence_code   Software 
_struct_site.pdbx_auth_asym_id    A 
_struct_site.pdbx_auth_comp_id    Q4V 
_struct_site.pdbx_auth_seq_id     401 
_struct_site.pdbx_auth_ins_code   ? 
_struct_site.pdbx_num_residues    17 
_struct_site.details              'binding site for residue Q4V A 401' 
# 
loop_
_struct_site_gen.id 
_struct_site_gen.site_id 
_struct_site_gen.pdbx_num_res 
_struct_site_gen.label_comp_id 
_struct_site_gen.label_asym_id 
_struct_site_gen.label_seq_id 
_struct_site_gen.pdbx_auth_ins_code 
_struct_site_gen.auth_comp_id 
_struct_site_gen.auth_asym_id 
_struct_site_gen.auth_seq_id 
_struct_site_gen.label_atom_id 
_struct_site_gen.label_alt_id 
_struct_site_gen.symmetry 
_struct_site_gen.details 
1  AC1 17 HIS A 54  ? HIS A 224 . ? 1_555 ? 
2  AC1 17 ALA A 57  ? ALA A 227 . ? 1_555 ? 
3  AC1 17 VAL A 79  ? VAL A 249 . ? 1_555 ? 
4  AC1 17 MET A 80  ? MET A 250 . ? 1_555 ? 
5  AC1 17 VAL A 83  ? VAL A 253 . ? 1_555 ? 
6  AC1 17 ARG A 93  ? ARG A 263 . ? 1_555 ? 
7  AC1 17 THR A 96  ? THR A 266 . ? 1_555 ? 
8  AC1 17 LEU A 97  ? LEU A 267 . ? 1_555 ? 
9  AC1 17 PHE A 100 ? PHE A 270 . ? 1_555 ? 
10 AC1 17 LEU A 120 ? LEU A 290 . ? 1_555 ? 
11 AC1 17 HOH C .   ? HOH A 507 . ? 1_555 ? 
12 AC1 17 HOH C .   ? HOH A 508 . ? 1_555 ? 
13 AC1 17 HOH C .   ? HOH A 524 . ? 1_555 ? 
14 AC1 17 HOH C .   ? HOH A 534 . ? 1_555 ? 
15 AC1 17 HOH C .   ? HOH A 556 . ? 1_555 ? 
16 AC1 17 HOH C .   ? HOH A 570 . ? 1_555 ? 
17 AC1 17 HOH C .   ? HOH A 575 . ? 1_555 ? 
# 
_pdbx_struct_special_symmetry.id              1 
_pdbx_struct_special_symmetry.PDB_model_num   1 
_pdbx_struct_special_symmetry.auth_asym_id    A 
_pdbx_struct_special_symmetry.auth_comp_id    HOH 
_pdbx_struct_special_symmetry.auth_seq_id     612 
_pdbx_struct_special_symmetry.PDB_ins_code    ? 
_pdbx_struct_special_symmetry.label_asym_id   C 
_pdbx_struct_special_symmetry.label_comp_id   HOH 
_pdbx_struct_special_symmetry.label_seq_id    . 
# 
_pdbx_entry_details.entry_id                 6UDT 
_pdbx_entry_details.has_ligand_of_interest   Y 
_pdbx_entry_details.compound_details         ? 
_pdbx_entry_details.source_details           ? 
_pdbx_entry_details.nonpolymer_details       ? 
_pdbx_entry_details.sequence_details         ? 
# 
loop_
_pdbx_unobs_or_zero_occ_residues.id 
_pdbx_unobs_or_zero_occ_residues.PDB_model_num 
_pdbx_unobs_or_zero_occ_residues.polymer_flag 
_pdbx_unobs_or_zero_occ_residues.occupancy_flag 
_pdbx_unobs_or_zero_occ_residues.auth_asym_id 
_pdbx_unobs_or_zero_occ_residues.auth_comp_id 
_pdbx_unobs_or_zero_occ_residues.auth_seq_id 
_pdbx_unobs_or_zero_occ_residues.PDB_ins_code 
_pdbx_unobs_or_zero_occ_residues.label_asym_id 
_pdbx_unobs_or_zero_occ_residues.label_comp_id 
_pdbx_unobs_or_zero_occ_residues.label_seq_id 
1 1 Y 1 A GLU 171 ? A GLU 1   
2 1 Y 1 A GLY 327 ? A GLY 157 
# 
loop_
_chem_comp_atom.comp_id 
_chem_comp_atom.atom_id 
_chem_comp_atom.type_symbol 
_chem_comp_atom.pdbx_aromatic_flag 
_chem_comp_atom.pdbx_stereo_config 
_chem_comp_atom.pdbx_ordinal 
ALA N    N  N N 1   
ALA CA   C  N S 2   
ALA C    C  N N 3   
ALA O    O  N N 4   
ALA CB   C  N N 5   
ALA OXT  O  N N 6   
ALA H    H  N N 7   
ALA H2   H  N N 8   
ALA HA   H  N N 9   
ALA HB1  H  N N 10  
ALA HB2  H  N N 11  
ALA HB3  H  N N 12  
ALA HXT  H  N N 13  
ARG N    N  N N 14  
ARG CA   C  N S 15  
ARG C    C  N N 16  
ARG O    O  N N 17  
ARG CB   C  N N 18  
ARG CG   C  N N 19  
ARG CD   C  N N 20  
ARG NE   N  N N 21  
ARG CZ   C  N N 22  
ARG NH1  N  N N 23  
ARG NH2  N  N N 24  
ARG OXT  O  N N 25  
ARG H    H  N N 26  
ARG H2   H  N N 27  
ARG HA   H  N N 28  
ARG HB2  H  N N 29  
ARG HB3  H  N N 30  
ARG HG2  H  N N 31  
ARG HG3  H  N N 32  
ARG HD2  H  N N 33  
ARG HD3  H  N N 34  
ARG HE   H  N N 35  
ARG HH11 H  N N 36  
ARG HH12 H  N N 37  
ARG HH21 H  N N 38  
ARG HH22 H  N N 39  
ARG HXT  H  N N 40  
ASN N    N  N N 41  
ASN CA   C  N S 42  
ASN C    C  N N 43  
ASN O    O  N N 44  
ASN CB   C  N N 45  
ASN CG   C  N N 46  
ASN OD1  O  N N 47  
ASN ND2  N  N N 48  
ASN OXT  O  N N 49  
ASN H    H  N N 50  
ASN H2   H  N N 51  
ASN HA   H  N N 52  
ASN HB2  H  N N 53  
ASN HB3  H  N N 54  
ASN HD21 H  N N 55  
ASN HD22 H  N N 56  
ASN HXT  H  N N 57  
ASP N    N  N N 58  
ASP CA   C  N S 59  
ASP C    C  N N 60  
ASP O    O  N N 61  
ASP CB   C  N N 62  
ASP CG   C  N N 63  
ASP OD1  O  N N 64  
ASP OD2  O  N N 65  
ASP OXT  O  N N 66  
ASP H    H  N N 67  
ASP H2   H  N N 68  
ASP HA   H  N N 69  
ASP HB2  H  N N 70  
ASP HB3  H  N N 71  
ASP HD2  H  N N 72  
ASP HXT  H  N N 73  
CYS N    N  N N 74  
CYS CA   C  N R 75  
CYS C    C  N N 76  
CYS O    O  N N 77  
CYS CB   C  N N 78  
CYS SG   S  N N 79  
CYS OXT  O  N N 80  
CYS H    H  N N 81  
CYS H2   H  N N 82  
CYS HA   H  N N 83  
CYS HB2  H  N N 84  
CYS HB3  H  N N 85  
CYS HG   H  N N 86  
CYS HXT  H  N N 87  
GLN N    N  N N 88  
GLN CA   C  N S 89  
GLN C    C  N N 90  
GLN O    O  N N 91  
GLN CB   C  N N 92  
GLN CG   C  N N 93  
GLN CD   C  N N 94  
GLN OE1  O  N N 95  
GLN NE2  N  N N 96  
GLN OXT  O  N N 97  
GLN H    H  N N 98  
GLN H2   H  N N 99  
GLN HA   H  N N 100 
GLN HB2  H  N N 101 
GLN HB3  H  N N 102 
GLN HG2  H  N N 103 
GLN HG3  H  N N 104 
GLN HE21 H  N N 105 
GLN HE22 H  N N 106 
GLN HXT  H  N N 107 
GLU N    N  N N 108 
GLU CA   C  N S 109 
GLU C    C  N N 110 
GLU O    O  N N 111 
GLU CB   C  N N 112 
GLU CG   C  N N 113 
GLU CD   C  N N 114 
GLU OE1  O  N N 115 
GLU OE2  O  N N 116 
GLU OXT  O  N N 117 
GLU H    H  N N 118 
GLU H2   H  N N 119 
GLU HA   H  N N 120 
GLU HB2  H  N N 121 
GLU HB3  H  N N 122 
GLU HG2  H  N N 123 
GLU HG3  H  N N 124 
GLU HE2  H  N N 125 
GLU HXT  H  N N 126 
GLY N    N  N N 127 
GLY CA   C  N N 128 
GLY C    C  N N 129 
GLY O    O  N N 130 
GLY OXT  O  N N 131 
GLY H    H  N N 132 
GLY H2   H  N N 133 
GLY HA2  H  N N 134 
GLY HA3  H  N N 135 
GLY HXT  H  N N 136 
HIS N    N  N N 137 
HIS CA   C  N S 138 
HIS C    C  N N 139 
HIS O    O  N N 140 
HIS CB   C  N N 141 
HIS CG   C  Y N 142 
HIS ND1  N  Y N 143 
HIS CD2  C  Y N 144 
HIS CE1  C  Y N 145 
HIS NE2  N  Y N 146 
HIS OXT  O  N N 147 
HIS H    H  N N 148 
HIS H2   H  N N 149 
HIS HA   H  N N 150 
HIS HB2  H  N N 151 
HIS HB3  H  N N 152 
HIS HD1  H  N N 153 
HIS HD2  H  N N 154 
HIS HE1  H  N N 155 
HIS HE2  H  N N 156 
HIS HXT  H  N N 157 
HOH O    O  N N 158 
HOH H1   H  N N 159 
HOH H2   H  N N 160 
ILE N    N  N N 161 
ILE CA   C  N S 162 
ILE C    C  N N 163 
ILE O    O  N N 164 
ILE CB   C  N S 165 
ILE CG1  C  N N 166 
ILE CG2  C  N N 167 
ILE CD1  C  N N 168 
ILE OXT  O  N N 169 
ILE H    H  N N 170 
ILE H2   H  N N 171 
ILE HA   H  N N 172 
ILE HB   H  N N 173 
ILE HG12 H  N N 174 
ILE HG13 H  N N 175 
ILE HG21 H  N N 176 
ILE HG22 H  N N 177 
ILE HG23 H  N N 178 
ILE HD11 H  N N 179 
ILE HD12 H  N N 180 
ILE HD13 H  N N 181 
ILE HXT  H  N N 182 
LEU N    N  N N 183 
LEU CA   C  N S 184 
LEU C    C  N N 185 
LEU O    O  N N 186 
LEU CB   C  N N 187 
LEU CG   C  N N 188 
LEU CD1  C  N N 189 
LEU CD2  C  N N 190 
LEU OXT  O  N N 191 
LEU H    H  N N 192 
LEU H2   H  N N 193 
LEU HA   H  N N 194 
LEU HB2  H  N N 195 
LEU HB3  H  N N 196 
LEU HG   H  N N 197 
LEU HD11 H  N N 198 
LEU HD12 H  N N 199 
LEU HD13 H  N N 200 
LEU HD21 H  N N 201 
LEU HD22 H  N N 202 
LEU HD23 H  N N 203 
LEU HXT  H  N N 204 
LYS N    N  N N 205 
LYS CA   C  N S 206 
LYS C    C  N N 207 
LYS O    O  N N 208 
LYS CB   C  N N 209 
LYS CG   C  N N 210 
LYS CD   C  N N 211 
LYS CE   C  N N 212 
LYS NZ   N  N N 213 
LYS OXT  O  N N 214 
LYS H    H  N N 215 
LYS H2   H  N N 216 
LYS HA   H  N N 217 
LYS HB2  H  N N 218 
LYS HB3  H  N N 219 
LYS HG2  H  N N 220 
LYS HG3  H  N N 221 
LYS HD2  H  N N 222 
LYS HD3  H  N N 223 
LYS HE2  H  N N 224 
LYS HE3  H  N N 225 
LYS HZ1  H  N N 226 
LYS HZ2  H  N N 227 
LYS HZ3  H  N N 228 
LYS HXT  H  N N 229 
MET N    N  N N 230 
MET CA   C  N S 231 
MET C    C  N N 232 
MET O    O  N N 233 
MET CB   C  N N 234 
MET CG   C  N N 235 
MET SD   S  N N 236 
MET CE   C  N N 237 
MET OXT  O  N N 238 
MET H    H  N N 239 
MET H2   H  N N 240 
MET HA   H  N N 241 
MET HB2  H  N N 242 
MET HB3  H  N N 243 
MET HG2  H  N N 244 
MET HG3  H  N N 245 
MET HE1  H  N N 246 
MET HE2  H  N N 247 
MET HE3  H  N N 248 
MET HXT  H  N N 249 
PHE N    N  N N 250 
PHE CA   C  N S 251 
PHE C    C  N N 252 
PHE O    O  N N 253 
PHE CB   C  N N 254 
PHE CG   C  Y N 255 
PHE CD1  C  Y N 256 
PHE CD2  C  Y N 257 
PHE CE1  C  Y N 258 
PHE CE2  C  Y N 259 
PHE CZ   C  Y N 260 
PHE OXT  O  N N 261 
PHE H    H  N N 262 
PHE H2   H  N N 263 
PHE HA   H  N N 264 
PHE HB2  H  N N 265 
PHE HB3  H  N N 266 
PHE HD1  H  N N 267 
PHE HD2  H  N N 268 
PHE HE1  H  N N 269 
PHE HE2  H  N N 270 
PHE HZ   H  N N 271 
PHE HXT  H  N N 272 
PRO N    N  N N 273 
PRO CA   C  N S 274 
PRO C    C  N N 275 
PRO O    O  N N 276 
PRO CB   C  N N 277 
PRO CG   C  N N 278 
PRO CD   C  N N 279 
PRO OXT  O  N N 280 
PRO H    H  N N 281 
PRO HA   H  N N 282 
PRO HB2  H  N N 283 
PRO HB3  H  N N 284 
PRO HG2  H  N N 285 
PRO HG3  H  N N 286 
PRO HD2  H  N N 287 
PRO HD3  H  N N 288 
PRO HXT  H  N N 289 
Q4V C4   C  N N 290 
Q4V C3   C  N N 291 
Q4V C2   C  N N 292 
Q4V C13  C  Y N 293 
Q4V C18  C  Y N 294 
Q4V C17  C  Y N 295 
Q4V CL1  CL N N 296 
Q4V C16  C  Y N 297 
Q4V C15  C  Y N 298 
Q4V C14  C  Y N 299 
Q4V C1   C  N S 300 
Q4V C12  C  N N 301 
Q4V C11  C  N N 302 
Q4V O1   O  N N 303 
Q4V C10  C  Y N 304 
Q4V C5   C  Y N 305 
Q4V C6   C  Y N 306 
Q4V C7   C  Y N 307 
Q4V C8   C  Y N 308 
Q4V C9   C  Y N 309 
Q4V N1   N  N N 310 
Q4V C19  C  N N 311 
Q4V C20  C  N R 312 
Q4V C31  C  N N 313 
Q4V C30  C  N N 314 
Q4V C21  C  N R 315 
Q4V C22  C  N S 316 
Q4V O4   O  N N 317 
Q4V C29  C  N N 318 
Q4V C28  C  N N 319 
Q4V C27  C  N N 320 
Q4V C26  C  N N 321 
Q4V N2   N  N N 322 
Q4V C32  C  N N 323 
Q4V C25  C  N N 324 
Q4V O3   O  N N 325 
Q4V C24  C  N N 326 
Q4V C23  C  N R 327 
Q4V C33  C  N N 328 
Q4V O6   O  N N 329 
Q4V O5   O  N N 330 
Q4V O2   O  N N 331 
Q4V H1   H  N N 332 
Q4V H2   H  N N 333 
Q4V H3   H  N N 334 
Q4V H4   H  N N 335 
Q4V H5   H  N N 336 
Q4V H6   H  N N 337 
Q4V H7   H  N N 338 
Q4V H8   H  N N 339 
Q4V H9   H  N N 340 
Q4V H10  H  N N 341 
Q4V H11  H  N N 342 
Q4V H12  H  N N 343 
Q4V H13  H  N N 344 
Q4V H14  H  N N 345 
Q4V H15  H  N N 346 
Q4V H16  H  N N 347 
Q4V H17  H  N N 348 
Q4V H18  H  N N 349 
Q4V H19  H  N N 350 
Q4V H20  H  N N 351 
Q4V H21  H  N N 352 
Q4V H22  H  N N 353 
Q4V H23  H  N N 354 
Q4V H24  H  N N 355 
Q4V H25  H  N N 356 
Q4V H26  H  N N 357 
Q4V H27  H  N N 358 
Q4V H28  H  N N 359 
Q4V H29  H  N N 360 
Q4V H30  H  N N 361 
Q4V H31  H  N N 362 
Q4V H32  H  N N 363 
Q4V H33  H  N N 364 
Q4V H34  H  N N 365 
Q4V H35  H  N N 366 
Q4V H36  H  N N 367 
Q4V H37  H  N N 368 
Q4V H38  H  N N 369 
Q4V H39  H  N N 370 
SER N    N  N N 371 
SER CA   C  N S 372 
SER C    C  N N 373 
SER O    O  N N 374 
SER CB   C  N N 375 
SER OG   O  N N 376 
SER OXT  O  N N 377 
SER H    H  N N 378 
SER H2   H  N N 379 
SER HA   H  N N 380 
SER HB2  H  N N 381 
SER HB3  H  N N 382 
SER HG   H  N N 383 
SER HXT  H  N N 384 
THR N    N  N N 385 
THR CA   C  N S 386 
THR C    C  N N 387 
THR O    O  N N 388 
THR CB   C  N R 389 
THR OG1  O  N N 390 
THR CG2  C  N N 391 
THR OXT  O  N N 392 
THR H    H  N N 393 
THR H2   H  N N 394 
THR HA   H  N N 395 
THR HB   H  N N 396 
THR HG1  H  N N 397 
THR HG21 H  N N 398 
THR HG22 H  N N 399 
THR HG23 H  N N 400 
THR HXT  H  N N 401 
TRP N    N  N N 402 
TRP CA   C  N S 403 
TRP C    C  N N 404 
TRP O    O  N N 405 
TRP CB   C  N N 406 
TRP CG   C  Y N 407 
TRP CD1  C  Y N 408 
TRP CD2  C  Y N 409 
TRP NE1  N  Y N 410 
TRP CE2  C  Y N 411 
TRP CE3  C  Y N 412 
TRP CZ2  C  Y N 413 
TRP CZ3  C  Y N 414 
TRP CH2  C  Y N 415 
TRP OXT  O  N N 416 
TRP H    H  N N 417 
TRP H2   H  N N 418 
TRP HA   H  N N 419 
TRP HB2  H  N N 420 
TRP HB3  H  N N 421 
TRP HD1  H  N N 422 
TRP HE1  H  N N 423 
TRP HE3  H  N N 424 
TRP HZ2  H  N N 425 
TRP HZ3  H  N N 426 
TRP HH2  H  N N 427 
TRP HXT  H  N N 428 
TYR N    N  N N 429 
TYR CA   C  N S 430 
TYR C    C  N N 431 
TYR O    O  N N 432 
TYR CB   C  N N 433 
TYR CG   C  Y N 434 
TYR CD1  C  Y N 435 
TYR CD2  C  Y N 436 
TYR CE1  C  Y N 437 
TYR CE2  C  Y N 438 
TYR CZ   C  Y N 439 
TYR OH   O  N N 440 
TYR OXT  O  N N 441 
TYR H    H  N N 442 
TYR H2   H  N N 443 
TYR HA   H  N N 444 
TYR HB2  H  N N 445 
TYR HB3  H  N N 446 
TYR HD1  H  N N 447 
TYR HD2  H  N N 448 
TYR HE1  H  N N 449 
TYR HE2  H  N N 450 
TYR HH   H  N N 451 
TYR HXT  H  N N 452 
VAL N    N  N N 453 
VAL CA   C  N S 454 
VAL C    C  N N 455 
VAL O    O  N N 456 
VAL CB   C  N N 457 
VAL CG1  C  N N 458 
VAL CG2  C  N N 459 
VAL OXT  O  N N 460 
VAL H    H  N N 461 
VAL H2   H  N N 462 
VAL HA   H  N N 463 
VAL HB   H  N N 464 
VAL HG11 H  N N 465 
VAL HG12 H  N N 466 
VAL HG13 H  N N 467 
VAL HG21 H  N N 468 
VAL HG22 H  N N 469 
VAL HG23 H  N N 470 
VAL HXT  H  N N 471 
# 
loop_
_chem_comp_bond.comp_id 
_chem_comp_bond.atom_id_1 
_chem_comp_bond.atom_id_2 
_chem_comp_bond.value_order 
_chem_comp_bond.pdbx_aromatic_flag 
_chem_comp_bond.pdbx_stereo_config 
_chem_comp_bond.pdbx_ordinal 
ALA N   CA   sing N N 1   
ALA N   H    sing N N 2   
ALA N   H2   sing N N 3   
ALA CA  C    sing N N 4   
ALA CA  CB   sing N N 5   
ALA CA  HA   sing N N 6   
ALA C   O    doub N N 7   
ALA C   OXT  sing N N 8   
ALA CB  HB1  sing N N 9   
ALA CB  HB2  sing N N 10  
ALA CB  HB3  sing N N 11  
ALA OXT HXT  sing N N 12  
ARG N   CA   sing N N 13  
ARG N   H    sing N N 14  
ARG N   H2   sing N N 15  
ARG CA  C    sing N N 16  
ARG CA  CB   sing N N 17  
ARG CA  HA   sing N N 18  
ARG C   O    doub N N 19  
ARG C   OXT  sing N N 20  
ARG CB  CG   sing N N 21  
ARG CB  HB2  sing N N 22  
ARG CB  HB3  sing N N 23  
ARG CG  CD   sing N N 24  
ARG CG  HG2  sing N N 25  
ARG CG  HG3  sing N N 26  
ARG CD  NE   sing N N 27  
ARG CD  HD2  sing N N 28  
ARG CD  HD3  sing N N 29  
ARG NE  CZ   sing N N 30  
ARG NE  HE   sing N N 31  
ARG CZ  NH1  sing N N 32  
ARG CZ  NH2  doub N N 33  
ARG NH1 HH11 sing N N 34  
ARG NH1 HH12 sing N N 35  
ARG NH2 HH21 sing N N 36  
ARG NH2 HH22 sing N N 37  
ARG OXT HXT  sing N N 38  
ASN N   CA   sing N N 39  
ASN N   H    sing N N 40  
ASN N   H2   sing N N 41  
ASN CA  C    sing N N 42  
ASN CA  CB   sing N N 43  
ASN CA  HA   sing N N 44  
ASN C   O    doub N N 45  
ASN C   OXT  sing N N 46  
ASN CB  CG   sing N N 47  
ASN CB  HB2  sing N N 48  
ASN CB  HB3  sing N N 49  
ASN CG  OD1  doub N N 50  
ASN CG  ND2  sing N N 51  
ASN ND2 HD21 sing N N 52  
ASN ND2 HD22 sing N N 53  
ASN OXT HXT  sing N N 54  
ASP N   CA   sing N N 55  
ASP N   H    sing N N 56  
ASP N   H2   sing N N 57  
ASP CA  C    sing N N 58  
ASP CA  CB   sing N N 59  
ASP CA  HA   sing N N 60  
ASP C   O    doub N N 61  
ASP C   OXT  sing N N 62  
ASP CB  CG   sing N N 63  
ASP CB  HB2  sing N N 64  
ASP CB  HB3  sing N N 65  
ASP CG  OD1  doub N N 66  
ASP CG  OD2  sing N N 67  
ASP OD2 HD2  sing N N 68  
ASP OXT HXT  sing N N 69  
CYS N   CA   sing N N 70  
CYS N   H    sing N N 71  
CYS N   H2   sing N N 72  
CYS CA  C    sing N N 73  
CYS CA  CB   sing N N 74  
CYS CA  HA   sing N N 75  
CYS C   O    doub N N 76  
CYS C   OXT  sing N N 77  
CYS CB  SG   sing N N 78  
CYS CB  HB2  sing N N 79  
CYS CB  HB3  sing N N 80  
CYS SG  HG   sing N N 81  
CYS OXT HXT  sing N N 82  
GLN N   CA   sing N N 83  
GLN N   H    sing N N 84  
GLN N   H2   sing N N 85  
GLN CA  C    sing N N 86  
GLN CA  CB   sing N N 87  
GLN CA  HA   sing N N 88  
GLN C   O    doub N N 89  
GLN C   OXT  sing N N 90  
GLN CB  CG   sing N N 91  
GLN CB  HB2  sing N N 92  
GLN CB  HB3  sing N N 93  
GLN CG  CD   sing N N 94  
GLN CG  HG2  sing N N 95  
GLN CG  HG3  sing N N 96  
GLN CD  OE1  doub N N 97  
GLN CD  NE2  sing N N 98  
GLN NE2 HE21 sing N N 99  
GLN NE2 HE22 sing N N 100 
GLN OXT HXT  sing N N 101 
GLU N   CA   sing N N 102 
GLU N   H    sing N N 103 
GLU N   H2   sing N N 104 
GLU CA  C    sing N N 105 
GLU CA  CB   sing N N 106 
GLU CA  HA   sing N N 107 
GLU C   O    doub N N 108 
GLU C   OXT  sing N N 109 
GLU CB  CG   sing N N 110 
GLU CB  HB2  sing N N 111 
GLU CB  HB3  sing N N 112 
GLU CG  CD   sing N N 113 
GLU CG  HG2  sing N N 114 
GLU CG  HG3  sing N N 115 
GLU CD  OE1  doub N N 116 
GLU CD  OE2  sing N N 117 
GLU OE2 HE2  sing N N 118 
GLU OXT HXT  sing N N 119 
GLY N   CA   sing N N 120 
GLY N   H    sing N N 121 
GLY N   H2   sing N N 122 
GLY CA  C    sing N N 123 
GLY CA  HA2  sing N N 124 
GLY CA  HA3  sing N N 125 
GLY C   O    doub N N 126 
GLY C   OXT  sing N N 127 
GLY OXT HXT  sing N N 128 
HIS N   CA   sing N N 129 
HIS N   H    sing N N 130 
HIS N   H2   sing N N 131 
HIS CA  C    sing N N 132 
HIS CA  CB   sing N N 133 
HIS CA  HA   sing N N 134 
HIS C   O    doub N N 135 
HIS C   OXT  sing N N 136 
HIS CB  CG   sing N N 137 
HIS CB  HB2  sing N N 138 
HIS CB  HB3  sing N N 139 
HIS CG  ND1  sing Y N 140 
HIS CG  CD2  doub Y N 141 
HIS ND1 CE1  doub Y N 142 
HIS ND1 HD1  sing N N 143 
HIS CD2 NE2  sing Y N 144 
HIS CD2 HD2  sing N N 145 
HIS CE1 NE2  sing Y N 146 
HIS CE1 HE1  sing N N 147 
HIS NE2 HE2  sing N N 148 
HIS OXT HXT  sing N N 149 
HOH O   H1   sing N N 150 
HOH O   H2   sing N N 151 
ILE N   CA   sing N N 152 
ILE N   H    sing N N 153 
ILE N   H2   sing N N 154 
ILE CA  C    sing N N 155 
ILE CA  CB   sing N N 156 
ILE CA  HA   sing N N 157 
ILE C   O    doub N N 158 
ILE C   OXT  sing N N 159 
ILE CB  CG1  sing N N 160 
ILE CB  CG2  sing N N 161 
ILE CB  HB   sing N N 162 
ILE CG1 CD1  sing N N 163 
ILE CG1 HG12 sing N N 164 
ILE CG1 HG13 sing N N 165 
ILE CG2 HG21 sing N N 166 
ILE CG2 HG22 sing N N 167 
ILE CG2 HG23 sing N N 168 
ILE CD1 HD11 sing N N 169 
ILE CD1 HD12 sing N N 170 
ILE CD1 HD13 sing N N 171 
ILE OXT HXT  sing N N 172 
LEU N   CA   sing N N 173 
LEU N   H    sing N N 174 
LEU N   H2   sing N N 175 
LEU CA  C    sing N N 176 
LEU CA  CB   sing N N 177 
LEU CA  HA   sing N N 178 
LEU C   O    doub N N 179 
LEU C   OXT  sing N N 180 
LEU CB  CG   sing N N 181 
LEU CB  HB2  sing N N 182 
LEU CB  HB3  sing N N 183 
LEU CG  CD1  sing N N 184 
LEU CG  CD2  sing N N 185 
LEU CG  HG   sing N N 186 
LEU CD1 HD11 sing N N 187 
LEU CD1 HD12 sing N N 188 
LEU CD1 HD13 sing N N 189 
LEU CD2 HD21 sing N N 190 
LEU CD2 HD22 sing N N 191 
LEU CD2 HD23 sing N N 192 
LEU OXT HXT  sing N N 193 
LYS N   CA   sing N N 194 
LYS N   H    sing N N 195 
LYS N   H2   sing N N 196 
LYS CA  C    sing N N 197 
LYS CA  CB   sing N N 198 
LYS CA  HA   sing N N 199 
LYS C   O    doub N N 200 
LYS C   OXT  sing N N 201 
LYS CB  CG   sing N N 202 
LYS CB  HB2  sing N N 203 
LYS CB  HB3  sing N N 204 
LYS CG  CD   sing N N 205 
LYS CG  HG2  sing N N 206 
LYS CG  HG3  sing N N 207 
LYS CD  CE   sing N N 208 
LYS CD  HD2  sing N N 209 
LYS CD  HD3  sing N N 210 
LYS CE  NZ   sing N N 211 
LYS CE  HE2  sing N N 212 
LYS CE  HE3  sing N N 213 
LYS NZ  HZ1  sing N N 214 
LYS NZ  HZ2  sing N N 215 
LYS NZ  HZ3  sing N N 216 
LYS OXT HXT  sing N N 217 
MET N   CA   sing N N 218 
MET N   H    sing N N 219 
MET N   H2   sing N N 220 
MET CA  C    sing N N 221 
MET CA  CB   sing N N 222 
MET CA  HA   sing N N 223 
MET C   O    doub N N 224 
MET C   OXT  sing N N 225 
MET CB  CG   sing N N 226 
MET CB  HB2  sing N N 227 
MET CB  HB3  sing N N 228 
MET CG  SD   sing N N 229 
MET CG  HG2  sing N N 230 
MET CG  HG3  sing N N 231 
MET SD  CE   sing N N 232 
MET CE  HE1  sing N N 233 
MET CE  HE2  sing N N 234 
MET CE  HE3  sing N N 235 
MET OXT HXT  sing N N 236 
PHE N   CA   sing N N 237 
PHE N   H    sing N N 238 
PHE N   H2   sing N N 239 
PHE CA  C    sing N N 240 
PHE CA  CB   sing N N 241 
PHE CA  HA   sing N N 242 
PHE C   O    doub N N 243 
PHE C   OXT  sing N N 244 
PHE CB  CG   sing N N 245 
PHE CB  HB2  sing N N 246 
PHE CB  HB3  sing N N 247 
PHE CG  CD1  doub Y N 248 
PHE CG  CD2  sing Y N 249 
PHE CD1 CE1  sing Y N 250 
PHE CD1 HD1  sing N N 251 
PHE CD2 CE2  doub Y N 252 
PHE CD2 HD2  sing N N 253 
PHE CE1 CZ   doub Y N 254 
PHE CE1 HE1  sing N N 255 
PHE CE2 CZ   sing Y N 256 
PHE CE2 HE2  sing N N 257 
PHE CZ  HZ   sing N N 258 
PHE OXT HXT  sing N N 259 
PRO N   CA   sing N N 260 
PRO N   CD   sing N N 261 
PRO N   H    sing N N 262 
PRO CA  C    sing N N 263 
PRO CA  CB   sing N N 264 
PRO CA  HA   sing N N 265 
PRO C   O    doub N N 266 
PRO C   OXT  sing N N 267 
PRO CB  CG   sing N N 268 
PRO CB  HB2  sing N N 269 
PRO CB  HB3  sing N N 270 
PRO CG  CD   sing N N 271 
PRO CG  HG2  sing N N 272 
PRO CG  HG3  sing N N 273 
PRO CD  HD2  sing N N 274 
PRO CD  HD3  sing N N 275 
PRO OXT HXT  sing N N 276 
Q4V CL1 C17  sing N N 277 
Q4V C17 C16  doub Y N 278 
Q4V C17 C18  sing Y N 279 
Q4V C16 C15  sing Y N 280 
Q4V C18 C13  doub Y N 281 
Q4V C15 C14  doub Y N 282 
Q4V C13 C14  sing Y N 283 
Q4V C13 C2   sing N N 284 
Q4V C11 O1   sing N N 285 
Q4V C11 C1   sing N N 286 
Q4V C14 C1   sing N N 287 
Q4V C2  C3   sing N N 288 
Q4V O1  C10  sing N N 289 
Q4V C1  C4   sing N N 290 
Q4V C1  C12  sing N N 291 
Q4V C4  C3   sing N N 292 
Q4V C5  C10  doub Y N 293 
Q4V C5  C6   sing Y N 294 
Q4V C10 C9   sing Y N 295 
Q4V C6  C7   doub Y N 296 
Q4V C12 N1   sing N N 297 
Q4V C9  N1   sing N N 298 
Q4V C9  C8   doub Y N 299 
Q4V N1  C19  sing N N 300 
Q4V C7  C8   sing Y N 301 
Q4V C7  C23  sing N N 302 
Q4V O5  C33  doub N N 303 
Q4V O2  C23  sing N N 304 
Q4V C19 C20  sing N N 305 
Q4V C23 C33  sing N N 306 
Q4V C23 C24  sing N N 307 
Q4V C33 O6   sing N N 308 
Q4V C20 C31  sing N N 309 
Q4V C20 C21  sing N N 310 
Q4V C24 C25  sing N N 311 
Q4V C31 C30  sing N N 312 
Q4V O3  C25  doub N N 313 
Q4V C21 C30  sing N N 314 
Q4V C21 C22  sing N N 315 
Q4V C25 N2   sing N N 316 
Q4V C22 C29  sing N N 317 
Q4V C22 O4   sing N N 318 
Q4V N2  C26  sing N N 319 
Q4V N2  C32  sing N N 320 
Q4V C26 C27  sing N N 321 
Q4V C29 C28  doub N E 322 
Q4V C28 C27  sing N N 323 
Q4V C4  H1   sing N N 324 
Q4V C4  H2   sing N N 325 
Q4V C3  H3   sing N N 326 
Q4V C3  H4   sing N N 327 
Q4V C2  H5   sing N N 328 
Q4V C2  H6   sing N N 329 
Q4V C18 H7   sing N N 330 
Q4V C16 H8   sing N N 331 
Q4V C15 H9   sing N N 332 
Q4V C12 H10  sing N N 333 
Q4V C12 H11  sing N N 334 
Q4V C11 H12  sing N N 335 
Q4V C11 H13  sing N N 336 
Q4V C5  H14  sing N N 337 
Q4V C6  H15  sing N N 338 
Q4V C8  H16  sing N N 339 
Q4V C19 H17  sing N N 340 
Q4V C19 H18  sing N N 341 
Q4V C20 H19  sing N N 342 
Q4V C31 H20  sing N N 343 
Q4V C31 H21  sing N N 344 
Q4V C30 H22  sing N N 345 
Q4V C30 H23  sing N N 346 
Q4V C21 H24  sing N N 347 
Q4V C22 H25  sing N N 348 
Q4V O4  H26  sing N N 349 
Q4V C29 H27  sing N N 350 
Q4V C28 H28  sing N N 351 
Q4V C27 H29  sing N N 352 
Q4V C27 H30  sing N N 353 
Q4V C26 H31  sing N N 354 
Q4V C26 H32  sing N N 355 
Q4V C32 H33  sing N N 356 
Q4V C32 H34  sing N N 357 
Q4V C32 H35  sing N N 358 
Q4V C24 H36  sing N N 359 
Q4V C24 H37  sing N N 360 
Q4V O6  H38  sing N N 361 
Q4V O2  H39  sing N N 362 
SER N   CA   sing N N 363 
SER N   H    sing N N 364 
SER N   H2   sing N N 365 
SER CA  C    sing N N 366 
SER CA  CB   sing N N 367 
SER CA  HA   sing N N 368 
SER C   O    doub N N 369 
SER C   OXT  sing N N 370 
SER CB  OG   sing N N 371 
SER CB  HB2  sing N N 372 
SER CB  HB3  sing N N 373 
SER OG  HG   sing N N 374 
SER OXT HXT  sing N N 375 
THR N   CA   sing N N 376 
THR N   H    sing N N 377 
THR N   H2   sing N N 378 
THR CA  C    sing N N 379 
THR CA  CB   sing N N 380 
THR CA  HA   sing N N 381 
THR C   O    doub N N 382 
THR C   OXT  sing N N 383 
THR CB  OG1  sing N N 384 
THR CB  CG2  sing N N 385 
THR CB  HB   sing N N 386 
THR OG1 HG1  sing N N 387 
THR CG2 HG21 sing N N 388 
THR CG2 HG22 sing N N 389 
THR CG2 HG23 sing N N 390 
THR OXT HXT  sing N N 391 
TRP N   CA   sing N N 392 
TRP N   H    sing N N 393 
TRP N   H2   sing N N 394 
TRP CA  C    sing N N 395 
TRP CA  CB   sing N N 396 
TRP CA  HA   sing N N 397 
TRP C   O    doub N N 398 
TRP C   OXT  sing N N 399 
TRP CB  CG   sing N N 400 
TRP CB  HB2  sing N N 401 
TRP CB  HB3  sing N N 402 
TRP CG  CD1  doub Y N 403 
TRP CG  CD2  sing Y N 404 
TRP CD1 NE1  sing Y N 405 
TRP CD1 HD1  sing N N 406 
TRP CD2 CE2  doub Y N 407 
TRP CD2 CE3  sing Y N 408 
TRP NE1 CE2  sing Y N 409 
TRP NE1 HE1  sing N N 410 
TRP CE2 CZ2  sing Y N 411 
TRP CE3 CZ3  doub Y N 412 
TRP CE3 HE3  sing N N 413 
TRP CZ2 CH2  doub Y N 414 
TRP CZ2 HZ2  sing N N 415 
TRP CZ3 CH2  sing Y N 416 
TRP CZ3 HZ3  sing N N 417 
TRP CH2 HH2  sing N N 418 
TRP OXT HXT  sing N N 419 
TYR N   CA   sing N N 420 
TYR N   H    sing N N 421 
TYR N   H2   sing N N 422 
TYR CA  C    sing N N 423 
TYR CA  CB   sing N N 424 
TYR CA  HA   sing N N 425 
TYR C   O    doub N N 426 
TYR C   OXT  sing N N 427 
TYR CB  CG   sing N N 428 
TYR CB  HB2  sing N N 429 
TYR CB  HB3  sing N N 430 
TYR CG  CD1  doub Y N 431 
TYR CG  CD2  sing Y N 432 
TYR CD1 CE1  sing Y N 433 
TYR CD1 HD1  sing N N 434 
TYR CD2 CE2  doub Y N 435 
TYR CD2 HD2  sing N N 436 
TYR CE1 CZ   doub Y N 437 
TYR CE1 HE1  sing N N 438 
TYR CE2 CZ   sing Y N 439 
TYR CE2 HE2  sing N N 440 
TYR CZ  OH   sing N N 441 
TYR OH  HH   sing N N 442 
TYR OXT HXT  sing N N 443 
VAL N   CA   sing N N 444 
VAL N   H    sing N N 445 
VAL N   H2   sing N N 446 
VAL CA  C    sing N N 447 
VAL CA  CB   sing N N 448 
VAL CA  HA   sing N N 449 
VAL C   O    doub N N 450 
VAL C   OXT  sing N N 451 
VAL CB  CG1  sing N N 452 
VAL CB  CG2  sing N N 453 
VAL CB  HB   sing N N 454 
VAL CG1 HG11 sing N N 455 
VAL CG1 HG12 sing N N 456 
VAL CG1 HG13 sing N N 457 
VAL CG2 HG21 sing N N 458 
VAL CG2 HG22 sing N N 459 
VAL CG2 HG23 sing N N 460 
VAL OXT HXT  sing N N 461 
# 
_pdbx_entity_instance_feature.ordinal        1 
_pdbx_entity_instance_feature.comp_id        Q4V 
_pdbx_entity_instance_feature.asym_id        ? 
_pdbx_entity_instance_feature.seq_num        ? 
_pdbx_entity_instance_feature.auth_comp_id   Q4V 
_pdbx_entity_instance_feature.auth_asym_id   ? 
_pdbx_entity_instance_feature.auth_seq_num   ? 
_pdbx_entity_instance_feature.feature_type   'SUBJECT OF INVESTIGATION' 
_pdbx_entity_instance_feature.details        ? 
# 
_atom_sites.entry_id                    6UDT 
_atom_sites.Cartn_transf_matrix[1][1]   ? 
_atom_sites.Cartn_transf_matrix[1][2]   ? 
_atom_sites.Cartn_transf_matrix[1][3]   ? 
_atom_sites.Cartn_transf_matrix[2][1]   ? 
_atom_sites.Cartn_transf_matrix[2][2]   ? 
_atom_sites.Cartn_transf_matrix[2][3]   ? 
_atom_sites.Cartn_transf_matrix[3][1]   ? 
_atom_sites.Cartn_transf_matrix[3][2]   ? 
_atom_sites.Cartn_transf_matrix[3][3]   ? 
_atom_sites.Cartn_transf_vector[1]      ? 
_atom_sites.Cartn_transf_vector[2]      ? 
_atom_sites.Cartn_transf_vector[3]      ? 
_atom_sites.fract_transf_matrix[1][1]   0.00484677 
_atom_sites.fract_transf_matrix[1][2]   0.01252047 
_atom_sites.fract_transf_matrix[1][3]   -0.01851812 
_atom_sites.fract_transf_matrix[2][1]   0.00883014 
_atom_sites.fract_transf_matrix[2][2]   -0.00650737 
_atom_sites.fract_transf_matrix[2][3]   -0.00208864 
_atom_sites.fract_transf_matrix[3][1]   -0.00678437 
_atom_sites.fract_transf_matrix[3][2]   -0.00709614 
_atom_sites.fract_transf_matrix[3][3]   -0.00657353 
_atom_sites.fract_transf_vector[1]      0.162294 
_atom_sites.fract_transf_vector[2]      0.144075 
_atom_sites.fract_transf_vector[3]      1.111348 
_atom_sites.solution_primary            ? 
_atom_sites.solution_secondary          ? 
_atom_sites.solution_hydrogens          ? 
_atom_sites.special_details             ? 
# 
loop_
_atom_type.symbol 
C  
CL 
N  
O  
S  
# 
loop_
_atom_site.group_PDB 
_atom_site.id 
_atom_site.type_symbol 
_atom_site.label_atom_id 
_atom_site.label_alt_id 
_atom_site.label_comp_id 
_atom_site.label_asym_id 
_atom_site.label_entity_id 
_atom_site.label_seq_id 
_atom_site.pdbx_PDB_ins_code 
_atom_site.Cartn_x 
_atom_site.Cartn_y 
_atom_site.Cartn_z 
_atom_site.occupancy 
_atom_site.B_iso_or_equiv 
_atom_site.pdbx_formal_charge 
_atom_site.auth_seq_id 
_atom_site.auth_comp_id 
_atom_site.auth_asym_id 
_atom_site.auth_atom_id 
_atom_site.pdbx_PDB_model_num 
ATOM   1    N  N   . ASP A 1 2   ? 12.425  7.534   13.236  1.00 20.87 ? 172 ASP A N   1 
ATOM   2    C  CA  . ASP A 1 2   ? 11.046  6.971   13.162  1.00 19.62 ? 172 ASP A CA  1 
ATOM   3    C  C   . ASP A 1 2   ? 11.053  5.676   12.337  1.00 18.03 ? 172 ASP A C   1 
ATOM   4    O  O   . ASP A 1 2   ? 10.823  5.685   11.115  1.00 17.05 ? 172 ASP A O   1 
ATOM   5    C  CB  . ASP A 1 2   ? 10.105  8.009   12.555  1.00 18.14 ? 172 ASP A CB  1 
ATOM   6    C  CG  . ASP A 1 2   ? 8.625   7.600   12.625  1.00 17.13 ? 172 ASP A CG  1 
ATOM   7    O  OD1 . ASP A 1 2   ? 8.298   6.439   12.938  1.00 15.93 ? 172 ASP A OD1 1 
ATOM   8    O  OD2 . ASP A 1 2   ? 7.796   8.485   12.344  1.00 17.51 ? 172 ASP A OD2 1 
ATOM   9    N  N   . GLU A 1 3   ? 11.308  4.570   13.023  1.00 18.20 ? 173 GLU A N   1 
ATOM   10   C  CA  . GLU A 1 3   ? 11.503  3.293   12.360  1.00 20.20 ? 173 GLU A CA  1 
ATOM   11   C  C   . GLU A 1 3   ? 10.221  2.796   11.706  1.00 17.97 ? 173 GLU A C   1 
ATOM   12   O  O   . GLU A 1 3   ? 10.274  2.229   10.617  1.00 17.12 ? 173 GLU A O   1 
ATOM   13   C  CB  . GLU A 1 3   ? 12.042  2.241   13.336  1.00 24.21 ? 173 GLU A CB  1 
ATOM   14   C  CG  . GLU A 1 3   ? 12.249  0.862   12.729  1.00 30.38 ? 173 GLU A CG  1 
ATOM   15   C  CD  . GLU A 1 3   ? 13.233  0.867   11.572  1.00 35.23 ? 173 GLU A CD  1 
ATOM   16   O  OE1 . GLU A 1 3   ? 14.449  0.997   11.832  1.00 43.28 ? 173 GLU A OE1 1 
ATOM   17   O  OE2 . GLU A 1 3   ? 12.794  0.749   10.403  1.00 36.95 ? 173 GLU A OE2 1 
ATOM   18   N  N   . LEU A 1 4   ? 9.081   2.991   12.367  1.00 15.23 ? 174 LEU A N   1 
ATOM   19   C  CA  . LEU A 1 4   ? 7.811   2.561   11.787  1.00 13.82 ? 174 LEU A CA  1 
ATOM   20   C  C   . LEU A 1 4   ? 7.543   3.306   10.491  1.00 12.67 ? 174 LEU A C   1 
ATOM   21   O  O   . LEU A 1 4   ? 7.124   2.693   9.514   1.00 11.10 ? 174 LEU A O   1 
ATOM   22   C  CB  . LEU A 1 4   ? 6.625   2.757   12.755  1.00 13.76 ? 174 LEU A CB  1 
ATOM   23   C  CG  . LEU A 1 4   ? 5.241   2.366   12.207  1.00 13.45 ? 174 LEU A CG  1 
ATOM   24   C  CD1 . LEU A 1 4   ? 5.201   0.904   11.774  1.00 14.70 ? 174 LEU A CD1 1 
ATOM   25   C  CD2 . LEU A 1 4   ? 4.152   2.651   13.244  1.00 14.17 ? 174 LEU A CD2 1 
ATOM   26   N  N   . TYR A 1 5   ? 7.767   4.617   10.461  1.00 12.15 ? 175 TYR A N   1 
ATOM   27   C  CA  . TYR A 1 5   ? 7.558   5.375   9.227   1.00 12.15 ? 175 TYR A CA  1 
ATOM   28   C  C   . TYR A 1 5   ? 8.478   4.874   8.105   1.00 12.39 ? 175 TYR A C   1 
ATOM   29   O  O   . TYR A 1 5   ? 8.044   4.634   6.971   1.00 11.74 ? 175 TYR A O   1 
ATOM   30   C  CB  . TYR A 1 5   ? 7.758   6.884   9.411   1.00 12.88 ? 175 TYR A CB  1 
ATOM   31   C  CG  . TYR A 1 5   ? 7.391   7.624   8.148   1.00 14.18 ? 175 TYR A CG  1 
ATOM   32   C  CD1 . TYR A 1 5   ? 6.079   8.022   7.921   1.00 15.85 ? 175 TYR A CD1 1 
ATOM   33   C  CD2 . TYR A 1 5   ? 8.330   7.869   7.148   1.00 15.46 ? 175 TYR A CD2 1 
ATOM   34   C  CE1 . TYR A 1 5   ? 5.711   8.655   6.749   1.00 17.14 ? 175 TYR A CE1 1 
ATOM   35   C  CE2 . TYR A 1 5   ? 7.971   8.510   5.967   1.00 16.39 ? 175 TYR A CE2 1 
ATOM   36   C  CZ  . TYR A 1 5   ? 6.660   8.901   5.775   1.00 17.83 ? 175 TYR A CZ  1 
ATOM   37   O  OH  . TYR A 1 5   ? 6.280   9.523   4.606   1.00 20.55 ? 175 TYR A OH  1 
ATOM   38   N  N   . ARG A 1 6   ? 9.763   4.728   8.418   1.00 13.31 ? 176 ARG A N   1 
ATOM   39   C  CA  . ARG A 1 6   ? 10.751  4.318   7.423   1.00 14.96 ? 176 ARG A CA  1 
ATOM   40   C  C   . ARG A 1 6   ? 10.419  2.941   6.842   1.00 13.32 ? 176 ARG A C   1 
ATOM   41   O  O   . ARG A 1 6   ? 10.503  2.735   5.615   1.00 13.14 ? 176 ARG A O   1 
ATOM   42   C  CB  . ARG A 1 6   ? 12.143  4.289   8.063   1.00 17.77 ? 176 ARG A CB  1 
ATOM   43   C  CG  . ARG A 1 6   ? 13.313  4.051   7.095   1.00 21.84 ? 176 ARG A CG  1 
ATOM   44   C  CD  . ARG A 1 6   ? 14.458  3.284   7.765   1.00 24.90 ? 176 ARG A CD  1 
ATOM   45   N  NE  . ARG A 1 6   ? 14.002  1.961   8.194   1.00 28.76 ? 176 ARG A NE  1 
ATOM   46   C  CZ  . ARG A 1 6   ? 13.806  0.909   7.393   1.00 28.94 ? 176 ARG A CZ  1 
ATOM   47   N  NH1 . ARG A 1 6   ? 14.061  0.977   6.084   1.00 31.16 ? 176 ARG A NH1 1 
ATOM   48   N  NH2 . ARG A 1 6   ? 13.362  -0.226  7.914   1.00 30.21 ? 176 ARG A NH2 1 
ATOM   49   N  N   . GLN A 1 7   ? 10.055  2.012   7.714   1.00 12.80 ? 177 GLN A N   1 
ATOM   50   C  CA  . GLN A 1 7   ? 9.744   0.655   7.308   1.00 12.69 ? 177 GLN A CA  1 
ATOM   51   C  C   . GLN A 1 7   ? 8.489   0.651   6.446   1.00 11.41 ? 177 GLN A C   1 
ATOM   52   O  O   . GLN A 1 7   ? 8.436   0.014   5.389   1.00 11.98 ? 177 GLN A O   1 
ATOM   53   C  CB  . GLN A 1 7   ? 9.537   -0.223  8.523   1.00 13.31 ? 177 GLN A CB  1 
ATOM   54   C  CG  . GLN A 1 7   ? 9.276   -1.652  8.157   1.00 14.44 ? 177 GLN A CG  1 
ATOM   55   C  CD  . GLN A 1 7   ? 9.236   -2.540  9.357   1.00 14.96 ? 177 GLN A CD  1 
ATOM   56   O  OE1 . GLN A 1 7   ? 8.775   -2.132  10.418  1.00 14.92 ? 177 GLN A OE1 1 
ATOM   57   N  NE2 . GLN A 1 7   ? 9.719   -3.769  9.197   1.00 17.03 ? 177 GLN A NE2 1 
ATOM   58   N  N   . SER A 1 8   ? 7.487   1.394   6.888   1.00 11.44 ? 178 SER A N   1 
ATOM   59   C  CA  . SER A 1 8   ? 6.223   1.522   6.140   1.00 10.60 ? 178 SER A CA  1 
ATOM   60   C  C   . SER A 1 8   ? 6.445   2.066   4.739   1.00 10.86 ? 178 SER A C   1 
ATOM   61   O  O   . SER A 1 8   ? 5.904   1.538   3.769   1.00 10.98 ? 178 SER A O   1 
ATOM   62   C  CB  . SER A 1 8   ? 5.223   2.402   6.896   1.00 10.68 ? 178 SER A CB  1 
ATOM   63   O  OG  . SER A 1 8   ? 4.922   1.859   8.173   1.00 10.64 ? 178 SER A OG  1 
ATOM   64   N  N   . LEU A 1 9   ? 7.250   3.118   4.641   1.00 11.20 ? 179 LEU A N   1 
ATOM   65   C  CA  . LEU A 1 9   ? 7.524   3.742   3.353   1.00 11.91 ? 179 LEU A CA  1 
ATOM   66   C  C   . LEU A 1 9   ? 8.248   2.762   2.438   1.00 12.03 ? 179 LEU A C   1 
ATOM   67   O  O   . LEU A 1 9   ? 7.944   2.670   1.246   1.00 12.68 ? 179 LEU A O   1 
ATOM   68   C  CB  . LEU A 1 9   ? 8.350   5.022   3.530   1.00 13.73 ? 179 LEU A CB  1 
ATOM   69   C  CG  . LEU A 1 9   ? 8.635   5.787   2.231   1.00 15.42 ? 179 LEU A CG  1 
ATOM   70   C  CD1 . LEU A 1 9   ? 7.383   6.282   1.509   1.00 16.99 ? 179 LEU A CD1 1 
ATOM   71   C  CD2 . LEU A 1 9   ? 9.534   6.976   2.535   1.00 16.37 ? 179 LEU A CD2 1 
ATOM   72   N  N   . GLU A 1 10  ? 9.189   2.011   2.992   1.00 12.54 ? 180 GLU A N   1 
ATOM   73   C  CA  . GLU A 1 10  ? 9.922   1.045   2.188   1.00 13.70 ? 180 GLU A CA  1 
ATOM   74   C  C   . GLU A 1 10  ? 9.007   -0.040  1.619   1.00 13.14 ? 180 GLU A C   1 
ATOM   75   O  O   . GLU A 1 10  ? 9.080   -0.355  0.428   1.00 13.11 ? 180 GLU A O   1 
ATOM   76   C  CB  . GLU A 1 10  ? 11.062  0.410   2.986   1.00 16.77 ? 180 GLU A CB  1 
ATOM   77   C  CG  . GLU A 1 10  ? 11.875  -0.551  2.145   1.00 19.03 ? 180 GLU A CG  1 
ATOM   78   C  CD  . GLU A 1 10  ? 13.340  -0.612  2.515   1.00 22.90 ? 180 GLU A CD  1 
ATOM   79   O  OE1 . GLU A 1 10  ? 13.641  -0.822  3.703   1.00 28.41 ? 180 GLU A OE1 1 
ATOM   80   O  OE2 . GLU A 1 10  ? 14.186  -0.485  1.596   1.00 28.61 ? 180 GLU A OE2 1 
ATOM   81   N  N   . ILE A 1 11  ? 8.125   -0.580  2.450   1.00 11.56 ? 181 ILE A N   1 
ATOM   82   C  CA  . ILE A 1 11  ? 7.237   -1.659  2.031   1.00 10.75 ? 181 ILE A CA  1 
ATOM   83   C  C   . ILE A 1 11  ? 6.242   -1.155  0.987   1.00 10.26 ? 181 ILE A C   1 
ATOM   84   O  O   . ILE A 1 11  ? 6.030   -1.763  -0.064  1.00 10.81 ? 181 ILE A O   1 
ATOM   85   C  CB  . ILE A 1 11  ? 6.484   -2.236  3.258   1.00 10.80 ? 181 ILE A CB  1 
ATOM   86   C  CG1 . ILE A 1 11  ? 7.442   -2.982  4.204   1.00 11.83 ? 181 ILE A CG1 1 
ATOM   87   C  CG2 . ILE A 1 11  ? 5.335   -3.143  2.823   1.00 11.76 ? 181 ILE A CG2 1 
ATOM   88   C  CD1 . ILE A 1 11  ? 6.860   -3.232  5.587   1.00 12.32 ? 181 ILE A CD1 1 
ATOM   89   N  N   . ILE A 1 12  ? 5.619   -0.032  1.296   1.00 9.50  ? 182 ILE A N   1 
ATOM   90   C  CA  . ILE A 1 12  ? 4.583   0.540   0.437   1.00 9.75  ? 182 ILE A CA  1 
ATOM   91   C  C   . ILE A 1 12  ? 5.178   1.003   -0.899  1.00 10.32 ? 182 ILE A C   1 
ATOM   92   O  O   . ILE A 1 12  ? 4.596   0.741   -1.960  1.00 10.70 ? 182 ILE A O   1 
ATOM   93   C  CB  . ILE A 1 12  ? 3.800   1.653   1.142   1.00 9.90  ? 182 ILE A CB  1 
ATOM   94   C  CG1 . ILE A 1 12  ? 2.946   1.053   2.260   1.00 9.96  ? 182 ILE A CG1 1 
ATOM   95   C  CG2 . ILE A 1 12  ? 2.901   2.385   0.157   1.00 10.07 ? 182 ILE A CG2 1 
ATOM   96   C  CD1 . ILE A 1 12  ? 2.422   2.049   3.275   1.00 10.35 ? 182 ILE A CD1 1 
ATOM   97   N  N   . SER A 1 13  ? 6.339   1.651   -0.858  1.00 11.64 ? 183 SER A N   1 
ATOM   98   C  CA  . SER A 1 13  ? 7.007   2.102   -2.074  1.00 12.76 ? 183 SER A CA  1 
ATOM   99   C  C   . SER A 1 13  ? 7.415   0.930   -2.957  1.00 12.07 ? 183 SER A C   1 
ATOM   100  O  O   . SER A 1 13  ? 7.159   0.957   -4.166  1.00 12.20 ? 183 SER A O   1 
ATOM   101  C  CB  . SER A 1 13  ? 8.235   2.960   -1.735  1.00 14.31 ? 183 SER A CB  1 
ATOM   102  O  OG  . SER A 1 13  ? 7.861   4.128   -1.026  1.00 20.87 ? 183 SER A OG  1 
ATOM   103  N  N   . ARG A 1 14  ? 7.980   -0.109  -2.367  1.00 12.70 ? 184 ARG A N   1 
ATOM   104  C  CA  . ARG A 1 14  ? 8.362   -1.285  -3.140  1.00 13.44 ? 184 ARG A CA  1 
ATOM   105  C  C   . ARG A 1 14  ? 7.156   -1.965  -3.778  1.00 13.44 ? 184 ARG A C   1 
ATOM   106  O  O   . ARG A 1 14  ? 7.195   -2.349  -4.942  1.00 13.89 ? 184 ARG A O   1 
ATOM   107  C  CB  . ARG A 1 14  ? 9.132   -2.268  -2.288  1.00 15.28 ? 184 ARG A CB  1 
ATOM   108  C  CG  . ARG A 1 14  ? 10.537  -1.786  -2.023  1.00 18.77 ? 184 ARG A CG  1 
ATOM   109  C  CD  . ARG A 1 14  ? 11.349  -2.834  -1.308  1.00 22.51 ? 184 ARG A CD  1 
ATOM   110  N  NE  . ARG A 1 14  ? 12.684  -2.314  -1.069  1.00 22.40 ? 184 ARG A NE  1 
ATOM   111  C  CZ  . ARG A 1 14  ? 13.827  -2.848  -1.507  1.00 21.59 ? 184 ARG A CZ  1 
ATOM   112  N  NH1 . ARG A 1 14  ? 13.859  -3.976  -2.208  1.00 20.83 ? 184 ARG A NH1 1 
ATOM   113  N  NH2 . ARG A 1 14  ? 14.963  -2.244  -1.199  1.00 21.32 ? 184 ARG A NH2 1 
ATOM   114  N  N   . TYR A 1 15  ? 6.067   -2.099  -3.030  1.00 12.53 ? 185 TYR A N   1 
ATOM   115  C  CA  . TYR A 1 15  ? 4.892   -2.753  -3.584  1.00 12.55 ? 185 TYR A CA  1 
ATOM   116  C  C   . TYR A 1 15  ? 4.321   -1.940  -4.742  1.00 12.57 ? 185 TYR A C   1 
ATOM   117  O  O   . TYR A 1 15  ? 4.032   -2.500  -5.794  1.00 12.11 ? 185 TYR A O   1 
ATOM   118  C  CB  . TYR A 1 15  ? 3.824   -2.971  -2.506  1.00 12.05 ? 185 TYR A CB  1 
ATOM   119  C  CG  . TYR A 1 15  ? 2.590   -3.705  -2.999  1.00 11.92 ? 185 TYR A CG  1 
ATOM   120  C  CD1 . TYR A 1 15  ? 2.676   -4.996  -3.539  1.00 13.14 ? 185 TYR A CD1 1 
ATOM   121  C  CD2 . TYR A 1 15  ? 1.337   -3.116  -2.915  1.00 12.51 ? 185 TYR A CD2 1 
ATOM   122  C  CE1 . TYR A 1 15  ? 1.548   -5.654  -3.987  1.00 12.37 ? 185 TYR A CE1 1 
ATOM   123  C  CE2 . TYR A 1 15  ? 0.201   -3.773  -3.344  1.00 12.29 ? 185 TYR A CE2 1 
ATOM   124  C  CZ  . TYR A 1 15  ? 0.309   -5.031  -3.881  1.00 12.75 ? 185 TYR A CZ  1 
ATOM   125  O  OH  . TYR A 1 15  ? -0.830  -5.676  -4.325  1.00 13.76 ? 185 TYR A OH  1 
ATOM   126  N  N   . LEU A 1 16  ? 4.156   -0.630  -4.565  1.00 12.34 ? 186 LEU A N   1 
ATOM   127  C  CA  . LEU A 1 16  ? 3.633   0.216   -5.650  1.00 13.03 ? 186 LEU A CA  1 
ATOM   128  C  C   . LEU A 1 16  ? 4.521   0.179   -6.900  1.00 14.38 ? 186 LEU A C   1 
ATOM   129  O  O   . LEU A 1 16  ? 4.011   0.055   -8.012  1.00 14.00 ? 186 LEU A O   1 
ATOM   130  C  CB  . LEU A 1 16  ? 3.404   1.646   -5.183  1.00 12.39 ? 186 LEU A CB  1 
ATOM   131  C  CG  . LEU A 1 16  ? 1.996   1.943   -4.663  1.00 12.55 ? 186 LEU A CG  1 
ATOM   132  C  CD1 . LEU A 1 16  ? 1.535   0.984   -3.574  1.00 12.31 ? 186 LEU A CD1 1 
ATOM   133  C  CD2 . LEU A 1 16  ? 1.920   3.388   -4.225  1.00 13.41 ? 186 LEU A CD2 1 
ATOM   134  N  N   . ARG A 1 17  ? 5.836   0.270   -6.721  1.00 14.69 ? 187 ARG A N   1 
ATOM   135  C  CA  . ARG A 1 17  ? 6.755   0.240   -7.869  1.00 16.90 ? 187 ARG A CA  1 
ATOM   136  C  C   . ARG A 1 17  ? 6.743   -1.104  -8.598  1.00 17.09 ? 187 ARG A C   1 
ATOM   137  O  O   . ARG A 1 17  ? 6.777   -1.149  -9.837  1.00 17.69 ? 187 ARG A O   1 
ATOM   138  C  CB  . ARG A 1 17  ? 8.174   0.582   -7.421  1.00 18.87 ? 187 ARG A CB  1 
ATOM   139  C  CG  . ARG A 1 17  ? 8.381   2.056   -7.153  1.00 23.22 ? 187 ARG A CG  1 
ATOM   140  C  CD  . ARG A 1 17  ? 9.841   2.384   -6.895  1.00 26.75 ? 187 ARG A CD  1 
ATOM   141  N  NE  . ARG A 1 17  ? 10.202  2.276   -5.484  1.00 31.65 ? 187 ARG A NE  1 
ATOM   142  C  CZ  . ARG A 1 17  ? 10.867  1.268   -4.911  1.00 34.39 ? 187 ARG A CZ  1 
ATOM   143  N  NH1 . ARG A 1 17  ? 11.279  0.191   -5.604  1.00 32.96 ? 187 ARG A NH1 1 
ATOM   144  N  NH2 . ARG A 1 17  ? 11.121  1.342   -3.607  1.00 33.32 ? 187 ARG A NH2 1 
ATOM   145  N  N   . GLU A 1 18  ? 6.694   -2.189  -7.835  1.00 18.38 ? 188 GLU A N   1 
ATOM   146  C  CA  . GLU A 1 18  ? 6.697   -3.556  -8.367  1.00 19.38 ? 188 GLU A CA  1 
ATOM   147  C  C   . GLU A 1 18  ? 5.410   -3.813  -9.143  1.00 18.69 ? 188 GLU A C   1 
ATOM   148  O  O   . GLU A 1 18  ? 5.423   -4.405  -10.230 1.00 18.21 ? 188 GLU A O   1 
ATOM   149  C  CB  . GLU A 1 18  ? 6.865   -4.506  -7.186  1.00 22.43 ? 188 GLU A CB  1 
ATOM   150  C  CG  . GLU A 1 18  ? 6.789   -5.988  -7.408  1.00 27.07 ? 188 GLU A CG  1 
ATOM   151  C  CD  . GLU A 1 18  ? 6.884   -6.690  -6.067  1.00 28.82 ? 188 GLU A CD  1 
ATOM   152  O  OE1 . GLU A 1 18  ? 7.937   -6.560  -5.409  1.00 26.31 ? 188 GLU A OE1 1 
ATOM   153  O  OE2 . GLU A 1 18  ? 5.901   -7.333  -5.639  1.00 30.24 ? 188 GLU A OE2 1 
ATOM   154  N  N   . GLN A 1 19  ? 4.301   -3.321  -8.605  1.00 16.48 ? 189 GLN A N   1 
ATOM   155  C  CA  . GLN A 1 19  ? 3.008   -3.437  -9.256  1.00 16.53 ? 189 GLN A CA  1 
ATOM   156  C  C   . GLN A 1 19  ? 2.993   -2.687  -10.582 1.00 16.69 ? 189 GLN A C   1 
ATOM   157  O  O   . GLN A 1 19  ? 2.500   -3.200  -11.590 1.00 20.18 ? 189 GLN A O   1 
ATOM   158  C  CB  . GLN A 1 19  ? 1.908   -2.936  -8.311  1.00 15.87 ? 189 GLN A CB  1 
ATOM   159  C  CG  . GLN A 1 19  ? 1.619   -3.913  -7.179  1.00 16.42 ? 189 GLN A CG  1 
ATOM   160  C  CD  . GLN A 1 19  ? 0.638   -4.994  -7.595  1.00 17.21 ? 189 GLN A CD  1 
ATOM   161  O  OE1 . GLN A 1 19  ? -0.501  -4.695  -7.985  1.00 17.70 ? 189 GLN A OE1 1 
ATOM   162  N  NE2 . GLN A 1 19  ? 1.079   -6.248  -7.545  1.00 17.41 ? 189 GLN A NE2 1 
ATOM   163  N  N   . ALA A 1 20  ? 3.562   -1.488  -10.582 1.00 17.69 ? 190 ALA A N   1 
ATOM   164  C  CA  . ALA A 1 20  ? 3.608   -0.641  -11.766 1.00 19.83 ? 190 ALA A CA  1 
ATOM   165  C  C   . ALA A 1 20  ? 4.527   -1.214  -12.839 1.00 21.51 ? 190 ALA A C   1 
ATOM   166  O  O   . ALA A 1 20  ? 4.158   -1.239  -14.009 1.00 23.88 ? 190 ALA A O   1 
ATOM   167  C  CB  . ALA A 1 20  ? 4.055   0.763   -11.393 1.00 21.44 ? 190 ALA A CB  1 
ATOM   168  N  N   . THR A 1 21  ? 5.718   -1.660  -12.444 1.00 21.89 ? 191 THR A N   1 
ATOM   169  C  CA  . THR A 1 21  ? 6.759   -2.066  -13.409 1.00 22.83 ? 191 THR A CA  1 
ATOM   170  C  C   . THR A 1 21  ? 6.718   -3.546  -13.782 1.00 23.70 ? 191 THR A C   1 
ATOM   171  O  O   . THR A 1 21  ? 7.248   -3.946  -14.826 1.00 24.59 ? 191 THR A O   1 
ATOM   172  C  CB  . THR A 1 21  ? 8.171   -1.782  -12.868 1.00 24.43 ? 191 THR A CB  1 
ATOM   173  O  OG1 . THR A 1 21  ? 8.436   -2.623  -11.731 1.00 24.59 ? 191 THR A OG1 1 
ATOM   174  C  CG2 . THR A 1 21  ? 8.326   -0.320  -12.490 1.00 26.02 ? 191 THR A CG2 1 
ATOM   175  N  N   . GLY A 1 22  ? 6.125   -4.365  -12.924 1.00 23.46 ? 192 GLY A N   1 
ATOM   176  C  CA  . GLY A 1 22  ? 6.146   -5.820  -13.093 1.00 22.66 ? 192 GLY A CA  1 
ATOM   177  C  C   . GLY A 1 22  ? 7.494   -6.466  -12.799 1.00 23.51 ? 192 GLY A C   1 
ATOM   178  O  O   . GLY A 1 22  ? 7.728   -7.618  -13.167 1.00 26.17 ? 192 GLY A O   1 
ATOM   179  N  N   . ALA A 1 23  ? 8.383   -5.735  -12.130 1.00 24.65 ? 193 ALA A N   1 
ATOM   180  C  CA  . ALA A 1 23  ? 9.724   -6.227  -11.840 1.00 25.39 ? 193 ALA A CA  1 
ATOM   181  C  C   . ALA A 1 23  ? 10.032  -6.072  -10.359 1.00 25.19 ? 193 ALA A C   1 
ATOM   182  O  O   . ALA A 1 23  ? 9.675   -5.068  -9.749  1.00 24.59 ? 193 ALA A O   1 
ATOM   183  C  CB  . ALA A 1 23  ? 10.749  -5.473  -12.675 1.00 26.43 ? 193 ALA A CB  1 
ATOM   184  N  N   . LYS A 1 24  ? 10.701  -7.072  -9.797  1.00 25.39 ? 194 LYS A N   1 
ATOM   185  C  CA  . LYS A 1 24  ? 11.135  -7.033  -8.404  1.00 26.51 ? 194 LYS A CA  1 
ATOM   186  C  C   . LYS A 1 24  ? 12.358  -6.118  -8.251  1.00 25.21 ? 194 LYS A C   1 
ATOM   187  O  O   . LYS A 1 24  ? 13.244  -6.107  -9.105  1.00 26.29 ? 194 LYS A O   1 
ATOM   188  C  CB  . LYS A 1 24  ? 11.473  -8.448  -7.943  1.00 30.45 ? 194 LYS A CB  1 
ATOM   189  C  CG  . LYS A 1 24  ? 11.690  -8.601  -6.449  1.00 35.73 ? 194 LYS A CG  1 
ATOM   190  C  CD  . LYS A 1 24  ? 11.975  -10.049 -6.071  1.00 39.67 ? 194 LYS A CD  1 
ATOM   191  C  CE  . LYS A 1 24  ? 10.758  -10.938 -6.277  1.00 43.65 ? 194 LYS A CE  1 
ATOM   192  N  NZ  . LYS A 1 24  ? 10.867  -12.222 -5.529  1.00 49.40 ? 194 LYS A NZ  1 
ATOM   193  N  N   . ASP A 1 25  ? 12.385  -5.338  -7.175  1.00 23.84 ? 195 ASP A N   1 
ATOM   194  C  CA  . ASP A 1 25  ? 13.564  -4.548  -6.805  1.00 22.73 ? 195 ASP A CA  1 
ATOM   195  C  C   . ASP A 1 25  ? 14.504  -5.455  -6.024  1.00 22.87 ? 195 ASP A C   1 
ATOM   196  O  O   . ASP A 1 25  ? 14.125  -5.993  -4.990  1.00 23.82 ? 195 ASP A O   1 
ATOM   197  C  CB  . ASP A 1 25  ? 13.138  -3.360  -5.947  1.00 22.21 ? 195 ASP A CB  1 
ATOM   198  C  CG  . ASP A 1 25  ? 14.284  -2.428  -5.598  1.00 23.79 ? 195 ASP A CG  1 
ATOM   199  O  OD1 . ASP A 1 25  ? 15.461  -2.764  -5.844  1.00 23.74 ? 195 ASP A OD1 1 
ATOM   200  O  OD2 . ASP A 1 25  ? 13.994  -1.353  -5.037  1.00 24.74 ? 195 ASP A OD2 1 
ATOM   201  N  N   . THR A 1 26  ? 15.729  -5.618  -6.525  1.00 23.42 ? 196 THR A N   1 
ATOM   202  C  CA  . THR A 1 26  ? 16.693  -6.554  -5.945  1.00 24.97 ? 196 THR A CA  1 
ATOM   203  C  C   . THR A 1 26  ? 17.579  -5.939  -4.856  1.00 22.40 ? 196 THR A C   1 
ATOM   204  O  O   . THR A 1 26  ? 18.372  -6.641  -4.221  1.00 23.30 ? 196 THR A O   1 
ATOM   205  C  CB  . THR A 1 26  ? 17.613  -7.157  -7.034  1.00 27.98 ? 196 THR A CB  1 
ATOM   206  O  OG1 . THR A 1 26  ? 18.676  -7.887  -6.412  1.00 36.80 ? 196 THR A OG1 1 
ATOM   207  C  CG2 . THR A 1 26  ? 18.198  -6.079  -7.918  1.00 27.11 ? 196 THR A CG2 1 
ATOM   208  N  N   . LYS A 1 27  ? 17.464  -4.636  -4.644  1.00 20.62 ? 197 LYS A N   1 
ATOM   209  C  CA  . LYS A 1 27  ? 18.211  -3.983  -3.583  1.00 20.69 ? 197 LYS A CA  1 
ATOM   210  C  C   . LYS A 1 27  ? 17.787  -4.525  -2.229  1.00 19.29 ? 197 LYS A C   1 
ATOM   211  O  O   . LYS A 1 27  ? 16.609  -4.809  -2.012  1.00 17.87 ? 197 LYS A O   1 
ATOM   212  C  CB  . LYS A 1 27  ? 17.953  -2.481  -3.583  1.00 22.70 ? 197 LYS A CB  1 
ATOM   213  C  CG  . LYS A 1 27  ? 18.616  -1.702  -4.700  1.00 26.49 ? 197 LYS A CG  1 
ATOM   214  C  CD  . LYS A 1 27  ? 18.129  -0.266  -4.650  1.00 29.03 ? 197 LYS A CD  1 
ATOM   215  C  CE  . LYS A 1 27  ? 18.551  0.516   -5.871  1.00 31.62 ? 197 LYS A CE  1 
ATOM   216  N  NZ  . LYS A 1 27  ? 17.834  1.817   -5.915  1.00 35.15 ? 197 LYS A NZ  1 
ATOM   217  N  N   . PRO A 1 28  ? 18.738  -4.669  -1.304  1.00 17.47 ? 198 PRO A N   1 
ATOM   218  C  CA  . PRO A 1 28  ? 18.392  -5.050  0.058   1.00 18.66 ? 198 PRO A CA  1 
ATOM   219  C  C   . PRO A 1 28  ? 17.421  -4.077  0.711   1.00 19.13 ? 198 PRO A C   1 
ATOM   220  O  O   . PRO A 1 28  ? 17.419  -2.883  0.408   1.00 17.93 ? 198 PRO A O   1 
ATOM   221  C  CB  . PRO A 1 28  ? 19.741  -5.002  0.797   1.00 19.79 ? 198 PRO A CB  1 
ATOM   222  C  CG  . PRO A 1 28  ? 20.769  -5.121  -0.259  1.00 19.91 ? 198 PRO A CG  1 
ATOM   223  C  CD  . PRO A 1 28  ? 20.195  -4.485  -1.475  1.00 18.78 ? 198 PRO A CD  1 
ATOM   224  N  N   . MET A 1 29  ? 16.606  -4.600  1.614   1.00 20.64 ? 199 MET A N   1 
ATOM   225  C  CA  . MET A 1 29  ? 15.810  -3.767  2.490   1.00 23.52 ? 199 MET A CA  1 
ATOM   226  C  C   . MET A 1 29  ? 16.745  -3.064  3.452   1.00 26.52 ? 199 MET A C   1 
ATOM   227  O  O   . MET A 1 29  ? 17.887  -3.490  3.644   1.00 26.79 ? 199 MET A O   1 
ATOM   228  C  CB  . MET A 1 29  ? 14.830  -4.625  3.285   1.00 25.42 ? 199 MET A CB  1 
ATOM   229  C  CG  . MET A 1 29  ? 13.798  -5.325  2.425   1.00 27.79 ? 199 MET A CG  1 
ATOM   230  S  SD  . MET A 1 29  ? 12.601  -4.147  1.785   1.00 32.65 ? 199 MET A SD  1 
ATOM   231  C  CE  . MET A 1 29  ? 11.398  -5.301  1.129   1.00 29.73 ? 199 MET A CE  1 
ATOM   232  N  N   . GLY A 1 30  ? 16.266  -1.990  4.059   1.00 28.94 ? 200 GLY A N   1 
ATOM   233  C  CA  . GLY A 1 30  ? 17.017  -1.325  5.115   1.00 32.48 ? 200 GLY A CA  1 
ATOM   234  C  C   . GLY A 1 30  ? 16.889  -2.080  6.426   1.00 33.80 ? 200 GLY A C   1 
ATOM   235  O  O   . GLY A 1 30  ? 17.039  -3.306  6.486   1.00 34.53 ? 200 GLY A O   1 
ATOM   236  N  N   . ARG A 1 31  ? 16.595  -1.343  7.487   1.00 38.22 ? 201 ARG A N   1 
ATOM   237  C  CA  . ARG A 1 31  ? 16.417  -1.931  8.804   1.00 38.51 ? 201 ARG A CA  1 
ATOM   238  C  C   . ARG A 1 31  ? 15.245  -2.917  8.787   1.00 35.00 ? 201 ARG A C   1 
ATOM   239  O  O   . ARG A 1 31  ? 14.329  -2.795  7.962   1.00 35.51 ? 201 ARG A O   1 
ATOM   240  C  CB  . ARG A 1 31  ? 16.160  -0.822  9.833   1.00 44.11 ? 201 ARG A CB  1 
ATOM   241  C  CG  . ARG A 1 31  ? 16.789  -1.049  11.200  1.00 47.95 ? 201 ARG A CG  1 
ATOM   242  C  CD  . ARG A 1 31  ? 17.547  0.188   11.657  1.00 52.57 ? 201 ARG A CD  1 
ATOM   243  N  NE  . ARG A 1 31  ? 18.661  0.481   10.747  1.00 56.89 ? 201 ARG A NE  1 
ATOM   244  C  CZ  . ARG A 1 31  ? 18.760  1.544   9.944   1.00 57.94 ? 201 ARG A CZ  1 
ATOM   245  N  NH1 . ARG A 1 31  ? 19.835  1.672   9.172   1.00 59.25 ? 201 ARG A NH1 1 
ATOM   246  N  NH2 . ARG A 1 31  ? 17.812  2.476   9.894   1.00 59.40 ? 201 ARG A NH2 1 
ATOM   247  N  N   . SER A 1 32  ? 15.294  -3.894  9.690   1.00 30.44 ? 202 SER A N   1 
ATOM   248  C  CA  . SER A 1 32  ? 14.225  -4.893  9.847   1.00 28.66 ? 202 SER A CA  1 
ATOM   249  C  C   . SER A 1 32  ? 13.883  -5.561  8.520   1.00 25.39 ? 202 SER A C   1 
ATOM   250  O  O   . SER A 1 32  ? 12.713  -5.746  8.184   1.00 21.95 ? 202 SER A O   1 
ATOM   251  C  CB  . SER A 1 32  ? 12.968  -4.249  10.443  1.00 29.47 ? 202 SER A CB  1 
ATOM   252  O  OG  . SER A 1 32  ? 13.277  -3.471  11.583  1.00 34.13 ? 202 SER A OG  1 
ATOM   253  N  N   . GLY A 1 33  ? 14.919  -5.933  7.776   1.00 23.34 ? 203 GLY A N   1 
ATOM   254  C  CA  . GLY A 1 33  ? 14.754  -6.445  6.428   1.00 23.18 ? 203 GLY A CA  1 
ATOM   255  C  C   . GLY A 1 33  ? 13.935  -7.715  6.323   1.00 22.58 ? 203 GLY A C   1 
ATOM   256  O  O   . GLY A 1 33  ? 13.181  -7.888  5.365   1.00 20.85 ? 203 GLY A O   1 
ATOM   257  N  N   . ALA A 1 34  ? 14.088  -8.618  7.287   1.00 20.61 ? 204 ALA A N   1 
ATOM   258  C  CA  . ALA A 1 34  ? 13.373  -9.897  7.245   1.00 20.74 ? 204 ALA A CA  1 
ATOM   259  C  C   . ALA A 1 34  ? 11.865  -9.681  7.333   1.00 20.09 ? 204 ALA A C   1 
ATOM   260  O  O   . ALA A 1 34  ? 11.096  -10.271 6.573   1.00 20.05 ? 204 ALA A O   1 
ATOM   261  C  CB  . ALA A 1 34  ? 13.854  -10.824 8.360   1.00 22.36 ? 204 ALA A CB  1 
ATOM   262  N  N   . THR A 1 35  ? 11.450  -8.837  8.265   1.00 18.71 ? 205 THR A N   1 
ATOM   263  C  CA  . THR A 1 35  ? 10.028  -8.506  8.406   1.00 18.27 ? 205 THR A CA  1 
ATOM   264  C  C   . THR A 1 35  ? 9.505   -7.746  7.194   1.00 18.33 ? 205 THR A C   1 
ATOM   265  O  O   . THR A 1 35  ? 8.419   -8.048  6.702   1.00 16.31 ? 205 THR A O   1 
ATOM   266  C  CB  . THR A 1 35  ? 9.779   -7.702  9.681   1.00 19.08 ? 205 THR A CB  1 
ATOM   267  O  OG1 . THR A 1 35  ? 10.061  -8.544  10.806  1.00 20.45 ? 205 THR A OG1 1 
ATOM   268  C  CG2 . THR A 1 35  ? 8.327   -7.213  9.742   1.00 18.39 ? 205 THR A CG2 1 
ATOM   269  N  N   . SER A 1 36  ? 10.284  -6.797  6.687   1.00 16.93 ? 206 SER A N   1 
ATOM   270  C  CA  . SER A 1 36  ? 9.857   -6.025  5.518   1.00 16.12 ? 206 SER A CA  1 
ATOM   271  C  C   . SER A 1 36  ? 9.710   -6.921  4.290   1.00 16.90 ? 206 SER A C   1 
ATOM   272  O  O   . SER A 1 36  ? 8.768   -6.762  3.519   1.00 15.55 ? 206 SER A O   1 
ATOM   273  C  CB  . SER A 1 36  ? 10.824  -4.870  5.228   1.00 16.68 ? 206 SER A CB  1 
ATOM   274  O  OG  . SER A 1 36  ? 10.874  -3.991  6.338   1.00 17.66 ? 206 SER A OG  1 
ATOM   275  N  N   . ARG A 1 37  ? 10.620  -7.878  4.121   1.00 17.45 ? 207 ARG A N   1 
ATOM   276  C  CA  . ARG A 1 37  ? 10.531  -8.832  3.022   1.00 18.47 ? 207 ARG A CA  1 
ATOM   277  C  C   . ARG A 1 37  ? 9.255   -9.661  3.128   1.00 17.30 ? 207 ARG A C   1 
ATOM   278  O  O   . ARG A 1 37  ? 8.529   -9.831  2.150   1.00 17.57 ? 207 ARG A O   1 
ATOM   279  C  CB  . ARG A 1 37  ? 11.752  -9.775  3.007   1.00 20.71 ? 207 ARG A CB  1 
ATOM   280  C  CG  . ARG A 1 37  ? 13.022  -9.171  2.437   1.00 24.49 ? 207 ARG A CG  1 
ATOM   281  C  CD  . ARG A 1 37  ? 14.070  -10.240 2.135   1.00 25.90 ? 207 ARG A CD  1 
ATOM   282  N  NE  . ARG A 1 37  ? 14.628  -10.845 3.347   1.00 28.97 ? 207 ARG A NE  1 
ATOM   283  C  CZ  . ARG A 1 37  ? 15.553  -10.290 4.132   1.00 29.13 ? 207 ARG A CZ  1 
ATOM   284  N  NH1 . ARG A 1 37  ? 16.044  -9.081  3.875   1.00 31.67 ? 207 ARG A NH1 1 
ATOM   285  N  NH2 . ARG A 1 37  ? 15.973  -10.944 5.206   1.00 29.98 ? 207 ARG A NH2 1 
ATOM   286  N  N   . LYS A 1 38  ? 8.975   -10.155 4.328   1.00 16.99 ? 208 LYS A N   1 
ATOM   287  C  CA  . LYS A 1 38  ? 7.765   -10.926 4.571   1.00 16.52 ? 208 LYS A CA  1 
ATOM   288  C  C   . LYS A 1 38  ? 6.510   -10.079 4.402   1.00 15.39 ? 208 LYS A C   1 
ATOM   289  O  O   . LYS A 1 38  ? 5.503   -10.575 3.914   1.00 15.07 ? 208 LYS A O   1 
ATOM   290  C  CB  . LYS A 1 38  ? 7.785   -11.562 5.951   1.00 18.70 ? 208 LYS A CB  1 
ATOM   291  C  CG  . LYS A 1 38  ? 8.837   -12.651 6.068   1.00 21.84 ? 208 LYS A CG  1 
ATOM   292  C  CD  . LYS A 1 38  ? 8.844   -13.275 7.447   1.00 25.06 ? 208 LYS A CD  1 
ATOM   293  C  CE  . LYS A 1 38  ? 9.845   -14.421 7.520   1.00 27.71 ? 208 LYS A CE  1 
ATOM   294  N  NZ  . LYS A 1 38  ? 9.821   -15.078 8.857   1.00 31.27 ? 208 LYS A NZ  1 
ATOM   295  N  N   . ALA A 1 39  ? 6.572   -8.819  4.815   1.00 14.11 ? 209 ALA A N   1 
ATOM   296  C  CA  . ALA A 1 39  ? 5.426   -7.911  4.643   1.00 14.16 ? 209 ALA A CA  1 
ATOM   297  C  C   . ALA A 1 39  ? 5.138   -7.676  3.171   1.00 14.20 ? 209 ALA A C   1 
ATOM   298  O  O   . ALA A 1 39  ? 3.993   -7.696  2.749   1.00 14.04 ? 209 ALA A O   1 
ATOM   299  C  CB  . ALA A 1 39  ? 5.672   -6.588  5.358   1.00 13.36 ? 209 ALA A CB  1 
ATOM   300  N  N   . LEU A 1 40  ? 6.182   -7.455  2.378   1.00 14.79 ? 210 LEU A N   1 
ATOM   301  C  CA  . LEU A 1 40  ? 6.018   -7.279  0.950   1.00 14.88 ? 210 LEU A CA  1 
ATOM   302  C  C   . LEU A 1 40  ? 5.444   -8.531  0.287   1.00 15.89 ? 210 LEU A C   1 
ATOM   303  O  O   . LEU A 1 40  ? 4.566   -8.434  -0.580  1.00 15.65 ? 210 LEU A O   1 
ATOM   304  C  CB  . LEU A 1 40  ? 7.354   -6.896  0.322   1.00 15.96 ? 210 LEU A CB  1 
ATOM   305  C  CG  . LEU A 1 40  ? 7.354   -6.611  -1.177  1.00 16.70 ? 210 LEU A CG  1 
ATOM   306  C  CD1 . LEU A 1 40  ? 6.299   -5.572  -1.552  1.00 17.42 ? 210 LEU A CD1 1 
ATOM   307  C  CD2 . LEU A 1 40  ? 8.744   -6.139  -1.594  1.00 18.37 ? 210 LEU A CD2 1 
ATOM   308  N  N   . GLU A 1 41  ? 5.939   -9.702  0.692   1.00 16.38 ? 211 GLU A N   1 
ATOM   309  C  CA  . GLU A 1 41  ? 5.436   -10.983 0.197   1.00 18.17 ? 211 GLU A CA  1 
ATOM   310  C  C   . GLU A 1 41  ? 3.951   -11.168 0.530   1.00 17.48 ? 211 GLU A C   1 
ATOM   311  O  O   . GLU A 1 41  ? 3.169   -11.660 -0.290  1.00 17.64 ? 211 GLU A O   1 
ATOM   312  C  CB  . GLU A 1 41  ? 6.285   -12.145 0.744   1.00 21.54 ? 211 GLU A CB  1 
ATOM   313  C  CG  . GLU A 1 41  ? 7.674   -12.191 0.108   1.00 26.98 ? 211 GLU A CG  1 
ATOM   314  C  CD  . GLU A 1 41  ? 8.707   -13.048 0.839   1.00 32.54 ? 211 GLU A CD  1 
ATOM   315  O  OE1 . GLU A 1 41  ? 8.420   -13.600 1.925   1.00 35.09 ? 211 GLU A OE1 1 
ATOM   316  O  OE2 . GLU A 1 41  ? 9.840   -13.155 0.309   1.00 34.00 ? 211 GLU A OE2 1 
ATOM   317  N  N   . THR A 1 42  ? 3.561   -10.719 1.720   1.00 15.76 ? 212 THR A N   1 
ATOM   318  C  CA  . THR A 1 42  ? 2.167   -10.765 2.160   1.00 15.62 ? 212 THR A CA  1 
ATOM   319  C  C   . THR A 1 42  ? 1.294   -9.838  1.309   1.00 16.10 ? 212 THR A C   1 
ATOM   320  O  O   . THR A 1 42  ? 0.222   -10.243 0.866   1.00 15.61 ? 212 THR A O   1 
ATOM   321  C  CB  . THR A 1 42  ? 2.054   -10.395 3.649   1.00 16.05 ? 212 THR A CB  1 
ATOM   322  O  OG1 . THR A 1 42  ? 2.849   -11.305 4.420   1.00 17.00 ? 212 THR A OG1 1 
ATOM   323  C  CG2 . THR A 1 42  ? 0.606   -10.451 4.129   1.00 15.86 ? 212 THR A CG2 1 
ATOM   324  N  N   . LEU A 1 43  ? 1.753   -8.615  1.052   1.00 16.07 ? 213 LEU A N   1 
ATOM   325  C  CA  . LEU A 1 43  ? 1.014   -7.711  0.152   1.00 16.59 ? 213 LEU A CA  1 
ATOM   326  C  C   . LEU A 1 43  ? 0.850   -8.262  -1.251  1.00 19.87 ? 213 LEU A C   1 
ATOM   327  O  O   . LEU A 1 43  ? -0.199  -8.067  -1.883  1.00 20.60 ? 213 LEU A O   1 
ATOM   328  C  CB  . LEU A 1 43  ? 1.694   -6.349  0.042   1.00 16.22 ? 213 LEU A CB  1 
ATOM   329  C  CG  . LEU A 1 43  ? 1.476   -5.396  1.195   1.00 15.22 ? 213 LEU A CG  1 
ATOM   330  C  CD1 . LEU A 1 43  ? 2.370   -4.163  1.058   1.00 14.49 ? 213 LEU A CD1 1 
ATOM   331  C  CD2 . LEU A 1 43  ? 0.001   -4.994  1.272   1.00 14.15 ? 213 LEU A CD2 1 
ATOM   332  N  N   . ARG A 1 44  ? 1.881   -8.914  -1.767  1.00 20.85 ? 214 ARG A N   1 
ATOM   333  C  CA  . ARG A 1 44  ? 1.777   -9.533  -3.086  1.00 23.98 ? 214 ARG A CA  1 
ATOM   334  C  C   . ARG A 1 44  ? 0.627   -10.518 -3.143  1.00 26.36 ? 214 ARG A C   1 
ATOM   335  O  O   . ARG A 1 44  ? -0.071  -10.610 -4.147  1.00 28.93 ? 214 ARG A O   1 
ATOM   336  C  CB  . ARG A 1 44  ? 3.042   -10.282 -3.438  1.00 24.56 ? 214 ARG A CB  1 
ATOM   337  C  CG  . ARG A 1 44  ? 4.191   -9.403  -3.855  1.00 26.59 ? 214 ARG A CG  1 
ATOM   338  C  CD  . ARG A 1 44  ? 5.407   -10.268 -4.085  1.00 29.21 ? 214 ARG A CD  1 
ATOM   339  N  NE  . ARG A 1 44  ? 6.577   -9.431  -4.276  1.00 26.99 ? 214 ARG A NE  1 
ATOM   340  C  CZ  . ARG A 1 44  ? 7.802   -9.721  -3.849  1.00 28.80 ? 214 ARG A CZ  1 
ATOM   341  N  NH1 . ARG A 1 44  ? 8.056   -10.847 -3.187  1.00 31.05 ? 214 ARG A NH1 1 
ATOM   342  N  NH2 . ARG A 1 44  ? 8.781   -8.863  -4.083  1.00 28.34 ? 214 ARG A NH2 1 
ATOM   343  N  N   . ARG A 1 45  ? 0.468   -11.284 -2.073  1.00 25.25 ? 215 ARG A N   1 
ATOM   344  C  CA  . ARG A 1 45  ? -0.574  -12.289 -1.996  1.00 25.76 ? 215 ARG A CA  1 
ATOM   345  C  C   . ARG A 1 45  ? -1.942  -11.637 -1.771  1.00 26.24 ? 215 ARG A C   1 
ATOM   346  O  O   . ARG A 1 45  ? -2.871  -11.819 -2.566  1.00 27.58 ? 215 ARG A O   1 
ATOM   347  C  CB  . ARG A 1 45  ? -0.221  -13.281 -0.877  1.00 27.22 ? 215 ARG A CB  1 
ATOM   348  C  CG  . ARG A 1 45  ? -1.230  -14.382 -0.617  1.00 28.80 ? 215 ARG A CG  1 
ATOM   349  C  CD  . ARG A 1 45  ? -0.599  -15.503 0.208   1.00 30.05 ? 215 ARG A CD  1 
ATOM   350  N  NE  . ARG A 1 45  ? 0.112   -15.024 1.403   1.00 32.66 ? 215 ARG A NE  1 
ATOM   351  C  CZ  . ARG A 1 45  ? -0.448  -14.757 2.586   1.00 32.61 ? 215 ARG A CZ  1 
ATOM   352  N  NH1 . ARG A 1 45  ? -1.756  -14.907 2.785   1.00 33.39 ? 215 ARG A NH1 1 
ATOM   353  N  NH2 . ARG A 1 45  ? 0.317   -14.336 3.587   1.00 32.78 ? 215 ARG A NH2 1 
ATOM   354  N  N   . VAL A 1 46  ? -2.064  -10.846 -0.716  1.00 20.74 ? 216 VAL A N   1 
ATOM   355  C  CA  . VAL A 1 46  ? -3.368  -10.339 -0.284  1.00 19.84 ? 216 VAL A CA  1 
ATOM   356  C  C   . VAL A 1 46  ? -3.845  -9.108  -1.066  1.00 20.62 ? 216 VAL A C   1 
ATOM   357  O  O   . VAL A 1 46  ? -5.039  -8.973  -1.339  1.00 22.48 ? 216 VAL A O   1 
ATOM   358  C  CB  . VAL A 1 46  ? -3.384  -10.061 1.226   1.00 21.19 ? 216 VAL A CB  1 
ATOM   359  C  CG1 . VAL A 1 46  ? -4.727  -9.496  1.648   1.00 22.59 ? 216 VAL A CG1 1 
ATOM   360  C  CG2 . VAL A 1 46  ? -3.086  -11.349 1.989   1.00 21.50 ? 216 VAL A CG2 1 
ATOM   361  N  N   . GLY A 1 47  ? -2.921  -8.222  -1.424  1.00 18.29 ? 217 GLY A N   1 
ATOM   362  C  CA  . GLY A 1 47  ? -3.250  -7.039  -2.218  1.00 17.69 ? 217 GLY A CA  1 
ATOM   363  C  C   . GLY A 1 47  ? -3.713  -7.333  -3.637  1.00 16.53 ? 217 GLY A C   1 
ATOM   364  O  O   . GLY A 1 47  ? -4.612  -6.669  -4.158  1.00 15.86 ? 217 GLY A O   1 
ATOM   365  N  N   . ASP A 1 48  ? -3.108  -8.325  -4.279  1.00 18.54 ? 218 ASP A N   1 
ATOM   366  C  CA  . ASP A 1 48  ? -3.470  -8.670  -5.635  1.00 20.32 ? 218 ASP A CA  1 
ATOM   367  C  C   . ASP A 1 48  ? -4.923  -9.172  -5.672  1.00 19.51 ? 218 ASP A C   1 
ATOM   368  O  O   . ASP A 1 48  ? -5.700  -8.829  -6.572  1.00 20.42 ? 218 ASP A O   1 
ATOM   369  C  CB  . ASP A 1 48  ? -2.507  -9.733  -6.184  1.00 23.65 ? 218 ASP A CB  1 
ATOM   370  C  CG  . ASP A 1 48  ? -1.041  -9.226  -6.318  1.00 27.22 ? 218 ASP A CG  1 
ATOM   371  O  OD1 . ASP A 1 48  ? -0.584  -8.279  -5.607  1.00 25.45 ? 218 ASP A OD1 1 
ATOM   372  O  OD2 . ASP A 1 48  ? -0.313  -9.830  -7.141  1.00 27.30 ? 218 ASP A OD2 1 
ATOM   373  N  N   . GLY A 1 49  ? -5.277  -9.960  -4.664  1.00 20.17 ? 219 GLY A N   1 
ATOM   374  C  CA  . GLY A 1 49  ? -6.622  -10.501 -4.529  1.00 18.88 ? 219 GLY A CA  1 
ATOM   375  C  C   . GLY A 1 49  ? -7.645  -9.405  -4.318  1.00 16.24 ? 219 GLY A C   1 
ATOM   376  O  O   . GLY A 1 49  ? -8.727  -9.443  -4.904  1.00 15.84 ? 219 GLY A O   1 
ATOM   377  N  N   . VAL A 1 50  ? -7.309  -8.420  -3.484  1.00 14.61 ? 220 VAL A N   1 
ATOM   378  C  CA  . VAL A 1 50  ? -8.218  -7.305  -3.215  1.00 13.18 ? 220 VAL A CA  1 
ATOM   379  C  C   . VAL A 1 50  ? -8.542  -6.540  -4.505  1.00 11.98 ? 220 VAL A C   1 
ATOM   380  O  O   . VAL A 1 50  ? -9.693  -6.203  -4.794  1.00 11.36 ? 220 VAL A O   1 
ATOM   381  C  CB  . VAL A 1 50  ? -7.639  -6.328  -2.167  1.00 13.96 ? 220 VAL A CB  1 
ATOM   382  C  CG1 . VAL A 1 50  ? -8.479  -5.073  -2.078  1.00 13.67 ? 220 VAL A CG1 1 
ATOM   383  C  CG2 . VAL A 1 50  ? -7.533  -6.997  -0.794  1.00 15.76 ? 220 VAL A CG2 1 
ATOM   384  N  N   . GLN A 1 51  ? -7.521  -6.285  -5.312  1.00 11.40 ? 221 GLN A N   1 
ATOM   385  C  CA  . GLN A 1 51  ? -7.704  -5.558  -6.565  1.00 11.74 ? 221 GLN A CA  1 
ATOM   386  C  C   . GLN A 1 51  ? -8.622  -6.296  -7.554  1.00 11.94 ? 221 GLN A C   1 
ATOM   387  O  O   . GLN A 1 51  ? -9.346  -5.674  -8.322  1.00 13.32 ? 221 GLN A O   1 
ATOM   388  C  CB  . GLN A 1 51  ? -6.347  -5.313  -7.229  1.00 12.14 ? 221 GLN A CB  1 
ATOM   389  C  CG  . GLN A 1 51  ? -5.414  -4.425  -6.414  1.00 13.31 ? 221 GLN A CG  1 
ATOM   390  C  CD  . GLN A 1 51  ? -4.096  -4.171  -7.118  1.00 14.31 ? 221 GLN A CD  1 
ATOM   391  O  OE1 . GLN A 1 51  ? -4.076  -3.599  -8.202  1.00 15.65 ? 221 GLN A OE1 1 
ATOM   392  N  NE2 . GLN A 1 51  ? -2.990  -4.618  -6.511  1.00 14.59 ? 221 GLN A NE2 1 
ATOM   393  N  N   . ARG A 1 52  ? -8.565  -7.619  -7.531  1.00 12.75 ? 222 ARG A N   1 
ATOM   394  C  CA  . ARG A 1 52  ? -9.410  -8.421  -8.405  1.00 13.87 ? 222 ARG A CA  1 
ATOM   395  C  C   . ARG A 1 52  ? -10.806 -8.601  -7.791  1.00 12.53 ? 222 ARG A C   1 
ATOM   396  O  O   . ARG A 1 52  ? -11.820 -8.463  -8.504  1.00 12.64 ? 222 ARG A O   1 
ATOM   397  C  CB  . ARG A 1 52  ? -8.745  -9.759  -8.678  1.00 15.51 ? 222 ARG A CB  1 
ATOM   398  C  CG  . ARG A 1 52  ? -7.429  -9.641  -9.465  1.00 18.90 ? 222 ARG A CG  1 
ATOM   399  C  CD  . ARG A 1 52  ? -7.702  -9.567  -10.956 1.00 23.94 ? 222 ARG A CD  1 
ATOM   400  N  NE  . ARG A 1 52  ? -8.291  -8.305  -11.371 1.00 29.86 ? 222 ARG A NE  1 
ATOM   401  C  CZ  . ARG A 1 52  ? -8.965  -8.125  -12.506 1.00 32.04 ? 222 ARG A CZ  1 
ATOM   402  N  NH1 . ARG A 1 52  ? -9.155  -9.132  -13.361 1.00 34.19 ? 222 ARG A NH1 1 
ATOM   403  N  NH2 . ARG A 1 52  ? -9.457  -6.928  -12.780 1.00 33.53 ? 222 ARG A NH2 1 
ATOM   404  N  N   . ASN A 1 53  ? -10.875 -8.888  -6.493  1.00 12.00 ? 223 ASN A N   1 
ATOM   405  C  CA  . ASN A 1 53  ? -12.199 -9.034  -5.839  1.00 11.54 ? 223 ASN A CA  1 
ATOM   406  C  C   . ASN A 1 53  ? -13.074 -7.791  -5.946  1.00 12.90 ? 223 ASN A C   1 
ATOM   407  O  O   . ASN A 1 53  ? -14.303 -7.886  -5.972  1.00 14.03 ? 223 ASN A O   1 
ATOM   408  C  CB  . ASN A 1 53  ? -12.051 -9.410  -4.369  1.00 11.75 ? 223 ASN A CB  1 
ATOM   409  C  CG  . ASN A 1 53  ? -11.618 -10.847 -4.176  1.00 12.45 ? 223 ASN A CG  1 
ATOM   410  O  OD1 . ASN A 1 53  ? -11.856 -11.703 -5.045  1.00 13.45 ? 223 ASN A OD1 1 
ATOM   411  N  ND2 . ASN A 1 53  ? -10.987 -11.140 -3.030  1.00 14.32 ? 223 ASN A ND2 1 
ATOM   412  N  N   . HIS A 1 54  ? -12.435 -6.625  -6.029  1.00 12.34 ? 224 HIS A N   1 
ATOM   413  C  CA  . HIS A 1 54  ? -13.123 -5.332  -6.132  1.00 12.45 ? 224 HIS A CA  1 
ATOM   414  C  C   . HIS A 1 54  ? -12.808 -4.574  -7.388  1.00 12.30 ? 224 HIS A C   1 
ATOM   415  O  O   . HIS A 1 54  ? -12.853 -3.341  -7.421  1.00 11.90 ? 224 HIS A O   1 
ATOM   416  C  CB  . HIS A 1 54  ? -12.811 -4.517  -4.886  1.00 12.52 ? 224 HIS A CB  1 
ATOM   417  C  CG  . HIS A 1 54  ? -13.199 -5.233  -3.628  1.00 13.49 ? 224 HIS A CG  1 
ATOM   418  N  ND1 . HIS A 1 54  ? -14.493 -5.420  -3.286  1.00 14.02 ? 224 HIS A ND1 1 
ATOM   419  C  CD2 . HIS A 1 54  ? -12.436 -5.904  -2.677  1.00 14.77 ? 224 HIS A CD2 1 
ATOM   420  C  CE1 . HIS A 1 54  ? -14.550 -6.124  -2.139  1.00 14.62 ? 224 HIS A CE1 1 
ATOM   421  N  NE2 . HIS A 1 54  ? -13.293 -6.426  -1.770  1.00 15.72 ? 224 HIS A NE2 1 
ATOM   422  N  N   . GLU A 1 55  ? -12.566 -5.319  -8.464  1.00 13.48 ? 225 GLU A N   1 
ATOM   423  C  CA  . GLU A 1 55  ? -12.198 -4.748  -9.751  1.00 16.05 ? 225 GLU A CA  1 
ATOM   424  C  C   . GLU A 1 55  ? -13.134 -3.637  -10.222 1.00 14.66 ? 225 GLU A C   1 
ATOM   425  O  O   . GLU A 1 55  ? -12.690 -2.559  -10.577 1.00 15.02 ? 225 GLU A O   1 
ATOM   426  C  CB  . GLU A 1 55  ? -12.168 -5.868  -10.795 1.00 19.02 ? 225 GLU A CB  1 
ATOM   427  C  CG  . GLU A 1 55  ? -12.171 -5.380  -12.235 1.00 22.15 ? 225 GLU A CG  1 
ATOM   428  C  CD  . GLU A 1 55  ? -12.459 -6.482  -13.236 1.00 25.08 ? 225 GLU A CD  1 
ATOM   429  O  OE1 . GLU A 1 55  ? -13.620 -6.969  -13.338 1.00 26.65 ? 225 GLU A OE1 1 
ATOM   430  O  OE2 . GLU A 1 55  ? -11.506 -6.850  -13.934 1.00 26.19 ? 225 GLU A OE2 1 
ATOM   431  N  N   . THR A 1 56  ? -14.433 -3.911  -10.268 1.00 15.13 ? 226 THR A N   1 
ATOM   432  C  CA  . THR A 1 56  ? -15.397 -2.930  -10.754 1.00 15.47 ? 226 THR A CA  1 
ATOM   433  C  C   . THR A 1 56  ? -15.394 -1.651  -9.926  1.00 14.93 ? 226 THR A C   1 
ATOM   434  O  O   . THR A 1 56  ? -15.417 -0.559  -10.468 1.00 14.87 ? 226 THR A O   1 
ATOM   435  C  CB  . THR A 1 56  ? -16.824 -3.508  -10.715 1.00 17.93 ? 226 THR A CB  1 
ATOM   436  O  OG1 . THR A 1 56  ? -16.810 -4.784  -11.355 1.00 21.44 ? 226 THR A OG1 1 
ATOM   437  C  CG2 . THR A 1 56  ? -17.816 -2.588  -11.416 1.00 18.50 ? 226 THR A CG2 1 
ATOM   438  N  N   . ALA A 1 57  ? -15.364 -1.804  -8.605  1.00 14.02 ? 227 ALA A N   1 
ATOM   439  C  CA  . ALA A 1 57  ? -15.367 -0.649  -7.704  1.00 13.57 ? 227 ALA A CA  1 
ATOM   440  C  C   . ALA A 1 57  ? -14.068 0.136   -7.809  1.00 12.63 ? 227 ALA A C   1 
ATOM   441  O  O   . ALA A 1 57  ? -14.078 1.373   -7.810  1.00 13.09 ? 227 ALA A O   1 
ATOM   442  C  CB  . ALA A 1 57  ? -15.612 -1.089  -6.266  1.00 12.89 ? 227 ALA A CB  1 
ATOM   443  N  N   . PHE A 1 58  ? -12.958 -0.587  -7.912  1.00 12.27 ? 228 PHE A N   1 
ATOM   444  C  CA  . PHE A 1 58  ? -11.649 0.039   -8.103  1.00 11.72 ? 228 PHE A CA  1 
ATOM   445  C  C   . PHE A 1 58  ? -11.619 0.859   -9.399  1.00 13.03 ? 228 PHE A C   1 
ATOM   446  O  O   . PHE A 1 58  ? -11.198 2.016   -9.404  1.00 12.07 ? 228 PHE A O   1 
ATOM   447  C  CB  . PHE A 1 58  ? -10.525 -1.001  -8.075  1.00 11.00 ? 228 PHE A CB  1 
ATOM   448  C  CG  . PHE A 1 58  ? -9.992  -1.312  -6.686  1.00 10.35 ? 228 PHE A CG  1 
ATOM   449  C  CD1 . PHE A 1 58  ? -10.811 -1.313  -5.571  1.00 10.71 ? 228 PHE A CD1 1 
ATOM   450  C  CD2 . PHE A 1 58  ? -8.646  -1.613  -6.518  1.00 10.39 ? 228 PHE A CD2 1 
ATOM   451  C  CE1 . PHE A 1 58  ? -10.303 -1.587  -4.308  1.00 11.23 ? 228 PHE A CE1 1 
ATOM   452  C  CE2 . PHE A 1 58  ? -8.134  -1.881  -5.261  1.00 10.81 ? 228 PHE A CE2 1 
ATOM   453  C  CZ  . PHE A 1 58  ? -8.966  -1.873  -4.153  1.00 11.23 ? 228 PHE A CZ  1 
ATOM   454  N  N   . GLN A 1 59  ? -12.073 0.247   -10.492 1.00 14.10 ? 229 GLN A N   1 
ATOM   455  C  CA  . GLN A 1 59  ? -12.138 0.939   -11.781 1.00 15.85 ? 229 GLN A CA  1 
ATOM   456  C  C   . GLN A 1 59  ? -13.031 2.190   -11.681 1.00 15.63 ? 229 GLN A C   1 
ATOM   457  O  O   . GLN A 1 59  ? -12.677 3.260   -12.200 1.00 15.07 ? 229 GLN A O   1 
ATOM   458  C  CB  . GLN A 1 59  ? -12.632 -0.033  -12.874 1.00 18.73 ? 229 GLN A CB  1 
ATOM   459  C  CG  . GLN A 1 59  ? -11.599 -1.073  -13.315 1.00 22.72 ? 229 GLN A CG  1 
ATOM   460  C  CD  . GLN A 1 59  ? -12.057 -1.988  -14.462 1.00 28.07 ? 229 GLN A CD  1 
ATOM   461  O  OE1 . GLN A 1 59  ? -12.883 -1.612  -15.303 1.00 32.41 ? 229 GLN A OE1 1 
ATOM   462  N  NE2 . GLN A 1 59  ? -11.479 -3.185  -14.522 1.00 26.36 ? 229 GLN A NE2 1 
ATOM   463  N  N   . GLY A 1 60  ? -14.168 2.063   -10.996 1.00 14.70 ? 230 GLY A N   1 
ATOM   464  C  CA  . GLY A 1 60  ? -15.120 3.156   -10.829 1.00 16.18 ? 230 GLY A CA  1 
ATOM   465  C  C   . GLY A 1 60  ? -14.546 4.335   -10.072 1.00 16.47 ? 230 GLY A C   1 
ATOM   466  O  O   . GLY A 1 60  ? -14.722 5.490   -10.454 1.00 18.67 ? 230 GLY A O   1 
ATOM   467  N  N   . MET A 1 61  ? -13.843 4.042   -8.981  1.00 15.14 ? 231 MET A N   1 
ATOM   468  C  CA  . MET A 1 61  ? -13.215 5.099   -8.194  1.00 15.75 ? 231 MET A CA  1 
ATOM   469  C  C   . MET A 1 61  ? -12.059 5.759   -8.958  1.00 15.38 ? 231 MET A C   1 
ATOM   470  O  O   . MET A 1 61  ? -11.908 6.978   -8.913  1.00 17.35 ? 231 MET A O   1 
ATOM   471  C  CB  . MET A 1 61  ? -12.727 4.531   -6.849  1.00 15.97 ? 231 MET A CB  1 
ATOM   472  C  CG  . MET A 1 61  ? -12.023 5.549   -5.947  1.00 16.68 ? 231 MET A CG  1 
ATOM   473  S  SD  . MET A 1 61  ? -13.052 6.967   -5.528  1.00 19.55 ? 231 MET A SD  1 
ATOM   474  C  CE  . MET A 1 61  ? -14.040 6.202   -4.247  1.00 20.41 ? 231 MET A CE  1 
ATOM   475  N  N   . LEU A 1 62  ? -11.260 4.972   -9.665  1.00 15.24 ? 232 LEU A N   1 
ATOM   476  C  CA  . LEU A 1 62  ? -10.175 5.528   -10.477 1.00 16.11 ? 232 LEU A CA  1 
ATOM   477  C  C   . LEU A 1 62  ? -10.733 6.510   -11.497 1.00 18.27 ? 232 LEU A C   1 
ATOM   478  O  O   . LEU A 1 62  ? -10.203 7.609   -11.665 1.00 19.75 ? 232 LEU A O   1 
ATOM   479  C  CB  . LEU A 1 62  ? -9.379  4.417   -11.181 1.00 16.70 ? 232 LEU A CB  1 
ATOM   480  C  CG  . LEU A 1 62  ? -8.142  4.839   -11.985 1.00 17.99 ? 232 LEU A CG  1 
ATOM   481  C  CD1 . LEU A 1 62  ? -7.089  5.469   -11.072 1.00 18.40 ? 232 LEU A CD1 1 
ATOM   482  C  CD2 . LEU A 1 62  ? -7.573  3.651   -12.739 1.00 18.14 ? 232 LEU A CD2 1 
ATOM   483  N  N   . ARG A 1 63  ? -11.810 6.114   -12.161 1.00 19.14 ? 233 ARG A N   1 
ATOM   484  C  CA  . ARG A 1 63  ? -12.486 6.983   -13.126 1.00 21.69 ? 233 ARG A CA  1 
ATOM   485  C  C   . ARG A 1 63  ? -12.997 8.277   -12.482 1.00 22.80 ? 233 ARG A C   1 
ATOM   486  O  O   . ARG A 1 63  ? -12.775 9.368   -13.021 1.00 24.78 ? 233 ARG A O   1 
ATOM   487  C  CB  . ARG A 1 63  ? -13.635 6.229   -13.802 1.00 22.57 ? 233 ARG A CB  1 
ATOM   488  C  CG  . ARG A 1 63  ? -14.394 7.068   -14.811 1.00 25.05 ? 233 ARG A CG  1 
ATOM   489  C  CD  . ARG A 1 63  ? -15.347 6.230   -15.634 1.00 27.83 ? 233 ARG A CD  1 
ATOM   490  N  NE  . ARG A 1 63  ? -16.099 7.085   -16.551 1.00 29.83 ? 233 ARG A NE  1 
ATOM   491  C  CZ  . ARG A 1 63  ? -17.256 7.686   -16.277 1.00 33.38 ? 233 ARG A CZ  1 
ATOM   492  N  NH1 . ARG A 1 63  ? -17.853 7.542   -15.092 1.00 36.44 ? 233 ARG A NH1 1 
ATOM   493  N  NH2 . ARG A 1 63  ? -17.830 8.440   -17.207 1.00 33.48 ? 233 ARG A NH2 1 
ATOM   494  N  N   . LYS A 1 64  ? -13.662 8.161   -11.334 1.00 22.24 ? 234 LYS A N   1 
ATOM   495  C  CA  . LYS A 1 64  ? -14.192 9.325   -10.616 1.00 24.58 ? 234 LYS A CA  1 
ATOM   496  C  C   . LYS A 1 64  ? -13.091 10.302  -10.198 1.00 23.87 ? 234 LYS A C   1 
ATOM   497  O  O   . LYS A 1 64  ? -13.283 11.524  -10.258 1.00 25.05 ? 234 LYS A O   1 
ATOM   498  C  CB  . LYS A 1 64  ? -14.979 8.883   -9.381  1.00 27.96 ? 234 LYS A CB  1 
ATOM   499  C  CG  . LYS A 1 64  ? -15.647 10.025  -8.632  1.00 32.49 ? 234 LYS A CG  1 
ATOM   500  C  CD  . LYS A 1 64  ? -16.333 9.556   -7.361  1.00 36.52 ? 234 LYS A CD  1 
ATOM   501  C  CE  . LYS A 1 64  ? -16.879 10.740  -6.570  1.00 38.47 ? 234 LYS A CE  1 
ATOM   502  N  NZ  . LYS A 1 64  ? -17.645 10.319  -5.362  1.00 40.11 ? 234 LYS A NZ  1 
ATOM   503  N  N   . LEU A 1 65  ? -11.948 9.763   -9.779  1.00 22.21 ? 235 LEU A N   1 
ATOM   504  C  CA  . LEU A 1 65  ? -10.810 10.580  -9.349  1.00 22.28 ? 235 LEU A CA  1 
ATOM   505  C  C   . LEU A 1 65  ? -10.116 11.342  -10.495 1.00 23.84 ? 235 LEU A C   1 
ATOM   506  O  O   . LEU A 1 65  ? -9.550  12.420  -10.269 1.00 23.60 ? 235 LEU A O   1 
ATOM   507  C  CB  . LEU A 1 65  ? -9.789  9.710   -8.603  1.00 20.46 ? 235 LEU A CB  1 
ATOM   508  C  CG  . LEU A 1 65  ? -10.238 9.181   -7.242  1.00 19.71 ? 235 LEU A CG  1 
ATOM   509  C  CD1 . LEU A 1 65  ? -9.274  8.093   -6.788  1.00 18.87 ? 235 LEU A CD1 1 
ATOM   510  C  CD2 . LEU A 1 65  ? -10.332 10.310  -6.224  1.00 20.57 ? 235 LEU A CD2 1 
ATOM   511  N  N   . ASP A 1 66  ? -10.118 10.768  -11.699 1.00 24.72 ? 236 ASP A N   1 
ATOM   512  C  CA  . ASP A 1 66  ? -9.551  11.421  -12.896 1.00 28.66 ? 236 ASP A CA  1 
ATOM   513  C  C   . ASP A 1 66  ? -8.106  11.901  -12.681 1.00 28.54 ? 236 ASP A C   1 
ATOM   514  O  O   . ASP A 1 66  ? -7.807  13.098  -12.750 1.00 31.07 ? 236 ASP A O   1 
ATOM   515  C  CB  . ASP A 1 66  ? -10.459 12.582  -13.328 1.00 29.78 ? 236 ASP A CB  1 
ATOM   516  C  CG  . ASP A 1 66  ? -10.112 13.125  -14.708 1.00 33.85 ? 236 ASP A CG  1 
ATOM   517  O  OD1 . ASP A 1 66  ? -9.393  12.441  -15.472 1.00 35.90 ? 236 ASP A OD1 1 
ATOM   518  O  OD2 . ASP A 1 66  ? -10.557 14.251  -15.020 1.00 37.26 ? 236 ASP A OD2 1 
ATOM   519  N  N   . ILE A 1 67  ? -7.206  10.955  -12.445 1.00 27.45 ? 237 ILE A N   1 
ATOM   520  C  CA  . ILE A 1 67  ? -5.830  11.271  -12.088 1.00 26.27 ? 237 ILE A CA  1 
ATOM   521  C  C   . ILE A 1 67  ? -4.983  11.408  -13.352 1.00 28.28 ? 237 ILE A C   1 
ATOM   522  O  O   . ILE A 1 67  ? -4.781  10.435  -14.090 1.00 28.56 ? 237 ILE A O   1 
ATOM   523  C  CB  . ILE A 1 67  ? -5.245  10.188  -11.165 1.00 25.14 ? 237 ILE A CB  1 
ATOM   524  C  CG1 . ILE A 1 67  ? -6.136  10.012  -9.931  1.00 24.37 ? 237 ILE A CG1 1 
ATOM   525  C  CG2 . ILE A 1 67  ? -3.831  10.549  -10.746 1.00 24.79 ? 237 ILE A CG2 1 
ATOM   526  C  CD1 . ILE A 1 67  ? -5.866  8.735   -9.167  1.00 23.70 ? 237 ILE A CD1 1 
ATOM   527  N  N   . LYS A 1 68  ? -4.506  12.627  -13.600 1.00 31.76 ? 238 LYS A N   1 
ATOM   528  C  CA  . LYS A 1 68  ? -3.765  12.946  -14.824 1.00 32.59 ? 238 LYS A CA  1 
ATOM   529  C  C   . LYS A 1 68  ? -2.312  13.341  -14.571 1.00 34.51 ? 238 LYS A C   1 
ATOM   530  O  O   . LYS A 1 68  ? -1.439  13.053  -15.392 1.00 36.79 ? 238 LYS A O   1 
ATOM   531  C  CB  . LYS A 1 68  ? -4.475  14.076  -15.574 1.00 32.83 ? 238 LYS A CB  1 
ATOM   532  C  CG  . LYS A 1 68  ? -5.908  13.743  -15.974 1.00 33.17 ? 238 LYS A CG  1 
ATOM   533  C  CD  . LYS A 1 68  ? -6.654  14.940  -16.555 1.00 33.85 ? 238 LYS A CD  1 
ATOM   534  C  CE  . LYS A 1 68  ? -6.849  16.071  -15.553 1.00 34.44 ? 238 LYS A CE  1 
ATOM   535  N  NZ  . LYS A 1 68  ? -7.541  15.642  -14.303 1.00 35.33 ? 238 LYS A NZ  1 
ATOM   536  N  N   . ASN A 1 69  ? -2.045  13.985  -13.438 1.00 33.79 ? 239 ASN A N   1 
ATOM   537  C  CA  . ASN A 1 69  ? -0.761  14.644  -13.226 1.00 34.84 ? 239 ASN A CA  1 
ATOM   538  C  C   . ASN A 1 69  ? -0.390  14.742  -11.746 1.00 35.61 ? 239 ASN A C   1 
ATOM   539  O  O   . ASN A 1 69  ? -1.105  14.224  -10.886 1.00 32.23 ? 239 ASN A O   1 
ATOM   540  C  CB  . ASN A 1 69  ? -0.828  16.040  -13.854 1.00 36.68 ? 239 ASN A CB  1 
ATOM   541  C  CG  . ASN A 1 69  ? -1.993  16.857  -13.324 1.00 38.20 ? 239 ASN A CG  1 
ATOM   542  O  OD1 . ASN A 1 69  ? -2.168  16.995  -12.112 1.00 36.85 ? 239 ASN A OD1 1 
ATOM   543  N  ND2 . ASN A 1 69  ? -2.797  17.400  -14.228 1.00 37.63 ? 239 ASN A ND2 1 
ATOM   544  N  N   . GLU A 1 70  ? 0.735   15.404  -11.472 1.00 36.27 ? 240 GLU A N   1 
ATOM   545  C  CA  . GLU A 1 70  ? 1.232   15.659  -10.121 1.00 36.85 ? 240 GLU A CA  1 
ATOM   546  C  C   . GLU A 1 70  ? 0.201   16.301  -9.189  1.00 34.35 ? 240 GLU A C   1 
ATOM   547  O  O   . GLU A 1 70  ? 0.067   15.891  -8.042  1.00 31.58 ? 240 GLU A O   1 
ATOM   548  C  CB  . GLU A 1 70  ? 2.469   16.564  -10.196 1.00 41.39 ? 240 GLU A CB  1 
ATOM   549  C  CG  . GLU A 1 70  ? 3.021   17.007  -8.844  1.00 47.38 ? 240 GLU A CG  1 
ATOM   550  C  CD  . GLU A 1 70  ? 4.262   17.874  -8.967  1.00 51.75 ? 240 GLU A CD  1 
ATOM   551  O  OE1 . GLU A 1 70  ? 4.344   18.681  -9.923  1.00 54.66 ? 240 GLU A OE1 1 
ATOM   552  O  OE2 . GLU A 1 70  ? 5.153   17.752  -8.097  1.00 54.58 ? 240 GLU A OE2 1 
ATOM   553  N  N   . ASP A 1 71  ? -0.503  17.321  -9.673  1.00 33.96 ? 241 ASP A N   1 
ATOM   554  C  CA  . ASP A 1 71  ? -1.464  18.052  -8.842  1.00 33.85 ? 241 ASP A CA  1 
ATOM   555  C  C   . ASP A 1 71  ? -2.629  17.165  -8.406  1.00 31.87 ? 241 ASP A C   1 
ATOM   556  O  O   . ASP A 1 71  ? -3.070  17.254  -7.262  1.00 29.25 ? 241 ASP A O   1 
ATOM   557  C  CB  . ASP A 1 71  ? -1.998  19.295  -9.569  1.00 37.44 ? 241 ASP A CB  1 
ATOM   558  C  CG  . ASP A 1 71  ? -0.954  20.404  -9.702  1.00 42.13 ? 241 ASP A CG  1 
ATOM   559  O  OD1 . ASP A 1 71  ? -0.023  20.480  -8.867  1.00 41.61 ? 241 ASP A OD1 1 
ATOM   560  O  OD2 . ASP A 1 71  ? -1.074  21.218  -10.645 1.00 46.17 ? 241 ASP A OD2 1 
ATOM   561  N  N   . ASP A 1 72  ? -3.123  16.325  -9.319  1.00 29.10 ? 242 ASP A N   1 
ATOM   562  C  CA  . ASP A 1 72  ? -4.196  15.381  -9.002  1.00 27.13 ? 242 ASP A CA  1 
ATOM   563  C  C   . ASP A 1 72  ? -3.716  14.371  -7.965  1.00 23.92 ? 242 ASP A C   1 
ATOM   564  O  O   . ASP A 1 72  ? -4.457  14.036  -7.038  1.00 23.81 ? 242 ASP A O   1 
ATOM   565  C  CB  . ASP A 1 72  ? -4.670  14.632  -10.253 1.00 28.72 ? 242 ASP A CB  1 
ATOM   566  C  CG  . ASP A 1 72  ? -5.317  15.547  -11.286 1.00 31.61 ? 242 ASP A CG  1 
ATOM   567  O  OD1 . ASP A 1 72  ? -5.989  16.525  -10.900 1.00 33.72 ? 242 ASP A OD1 1 
ATOM   568  O  OD2 . ASP A 1 72  ? -5.168  15.256  -12.488 1.00 30.38 ? 242 ASP A OD2 1 
ATOM   569  N  N   . VAL A 1 73  ? -2.494  13.873  -8.129  1.00 22.55 ? 243 VAL A N   1 
ATOM   570  C  CA  . VAL A 1 73  ? -1.928  12.903  -7.184  1.00 21.63 ? 243 VAL A CA  1 
ATOM   571  C  C   . VAL A 1 73  ? -1.791  13.531  -5.797  1.00 22.60 ? 243 VAL A C   1 
ATOM   572  O  O   . VAL A 1 73  ? -2.108  12.896  -4.788  1.00 22.51 ? 243 VAL A O   1 
ATOM   573  C  CB  . VAL A 1 73  ? -0.590  12.321  -7.683  1.00 22.24 ? 243 VAL A CB  1 
ATOM   574  C  CG1 . VAL A 1 73  ? 0.079   11.492  -6.607  1.00 21.98 ? 243 VAL A CG1 1 
ATOM   575  C  CG2 . VAL A 1 73  ? -0.821  11.483  -8.936  1.00 23.27 ? 243 VAL A CG2 1 
ATOM   576  N  N   . LYS A 1 74  ? -1.385  14.799  -5.747  1.00 23.50 ? 244 LYS A N   1 
ATOM   577  C  CA  . LYS A 1 74  ? -1.309  15.524  -4.480  1.00 23.98 ? 244 LYS A CA  1 
ATOM   578  C  C   . LYS A 1 74  ? -2.661  15.625  -3.789  1.00 22.08 ? 244 LYS A C   1 
ATOM   579  O  O   . LYS A 1 74  ? -2.747  15.552  -2.562  1.00 24.04 ? 244 LYS A O   1 
ATOM   580  C  CB  . LYS A 1 74  ? -0.753  16.933  -4.697  1.00 27.28 ? 244 LYS A CB  1 
ATOM   581  C  CG  . LYS A 1 74  ? 0.746   16.975  -4.882  1.00 30.63 ? 244 LYS A CG  1 
ATOM   582  C  CD  . LYS A 1 74  ? 1.230   18.408  -5.016  1.00 34.39 ? 244 LYS A CD  1 
ATOM   583  C  CE  . LYS A 1 74  ? 2.725   18.460  -5.278  1.00 37.23 ? 244 LYS A CE  1 
ATOM   584  N  NZ  . LYS A 1 74  ? 3.270   19.828  -5.051  1.00 41.85 ? 244 LYS A NZ  1 
ATOM   585  N  N   . SER A 1 75  ? -3.716  15.775  -4.580  1.00 21.85 ? 245 SER A N   1 
ATOM   586  C  CA  . SER A 1 75  ? -5.070  15.926  -4.051  1.00 21.99 ? 245 SER A CA  1 
ATOM   587  C  C   . SER A 1 75  ? -5.587  14.649  -3.359  1.00 19.77 ? 245 SER A C   1 
ATOM   588  O  O   . SER A 1 75  ? -6.581  14.702  -2.649  1.00 20.39 ? 245 SER A O   1 
ATOM   589  C  CB  . SER A 1 75  ? -6.039  16.319  -5.165  1.00 24.59 ? 245 SER A CB  1 
ATOM   590  O  OG  . SER A 1 75  ? -6.292  15.221  -6.029  1.00 27.88 ? 245 SER A OG  1 
ATOM   591  N  N   . LEU A 1 76  ? -4.919  13.517  -3.573  1.00 17.52 ? 246 LEU A N   1 
ATOM   592  C  CA  . LEU A 1 76  ? -5.429  12.233  -3.051  1.00 16.57 ? 246 LEU A CA  1 
ATOM   593  C  C   . LEU A 1 76  ? -5.313  12.097  -1.532  1.00 15.98 ? 246 LEU A C   1 
ATOM   594  O  O   . LEU A 1 76  ? -6.082  11.366  -0.927  1.00 14.18 ? 246 LEU A O   1 
ATOM   595  C  CB  . LEU A 1 76  ? -4.721  11.065  -3.726  1.00 15.99 ? 246 LEU A CB  1 
ATOM   596  C  CG  . LEU A 1 76  ? -4.989  10.913  -5.220  1.00 15.69 ? 246 LEU A CG  1 
ATOM   597  C  CD1 . LEU A 1 76  ? -4.084  9.837   -5.804  1.00 16.85 ? 246 LEU A CD1 1 
ATOM   598  C  CD2 . LEU A 1 76  ? -6.457  10.629  -5.478  1.00 16.54 ? 246 LEU A CD2 1 
ATOM   599  N  N   . SER A 1 77  ? -4.365  12.783  -0.911  1.00 16.26 ? 247 SER A N   1 
ATOM   600  C  CA  . SER A 1 77  ? -4.241  12.725  0.547   1.00 16.85 ? 247 SER A CA  1 
ATOM   601  C  C   . SER A 1 77  ? -5.550  13.077  1.257   1.00 15.08 ? 247 SER A C   1 
ATOM   602  O  O   . SER A 1 77  ? -5.983  12.385  2.178   1.00 13.13 ? 247 SER A O   1 
ATOM   603  C  CB  . SER A 1 77  ? -3.121  13.650  1.013   1.00 19.23 ? 247 SER A CB  1 
ATOM   604  O  OG  . SER A 1 77  ? -1.885  13.072  0.636   1.00 25.44 ? 247 SER A OG  1 
ATOM   605  N  N   . ARG A 1 78  ? -6.192  14.148  0.828   1.00 15.21 ? 248 ARG A N   1 
ATOM   606  C  CA  . ARG A 1 78  ? -7.447  14.561  1.437   1.00 15.68 ? 248 ARG A CA  1 
ATOM   607  C  C   . ARG A 1 78  ? -8.499  13.459  1.310   1.00 13.68 ? 248 ARG A C   1 
ATOM   608  O  O   . ARG A 1 78  ? -9.263  13.210  2.231   1.00 13.40 ? 248 ARG A O   1 
ATOM   609  C  CB  . ARG A 1 78  ? -7.953  15.863  0.808   1.00 19.60 ? 248 ARG A CB  1 
ATOM   610  C  CG  . ARG A 1 78  ? -9.178  16.433  1.490   1.00 25.29 ? 248 ARG A CG  1 
ATOM   611  C  CD  . ARG A 1 78  ? -9.688  17.710  0.826   1.00 31.08 ? 248 ARG A CD  1 
ATOM   612  N  NE  . ARG A 1 78  ? -10.904 18.161  1.502   1.00 37.74 ? 248 ARG A NE  1 
ATOM   613  C  CZ  . ARG A 1 78  ? -11.771 19.051  1.021   1.00 43.24 ? 248 ARG A CZ  1 
ATOM   614  N  NH1 . ARG A 1 78  ? -11.576 19.631  -0.164  1.00 45.81 ? 248 ARG A NH1 1 
ATOM   615  N  NH2 . ARG A 1 78  ? -12.842 19.369  1.742   1.00 46.26 ? 248 ARG A NH2 1 
ATOM   616  N  N   . VAL A 1 79  ? -8.530  12.799  0.158   1.00 12.61 ? 249 VAL A N   1 
ATOM   617  C  CA  . VAL A 1 79  ? -9.513  11.745  -0.093  1.00 12.03 ? 249 VAL A CA  1 
ATOM   618  C  C   . VAL A 1 79  ? -9.218  10.519  0.775   1.00 10.86 ? 249 VAL A C   1 
ATOM   619  O  O   . VAL A 1 79  ? -10.118 9.882   1.338   1.00 9.99  ? 249 VAL A O   1 
ATOM   620  C  CB  . VAL A 1 79  ? -9.555  11.370  -1.597  1.00 13.42 ? 249 VAL A CB  1 
ATOM   621  C  CG1 . VAL A 1 79  ? -10.687 10.390  -1.866  1.00 14.72 ? 249 VAL A CG1 1 
ATOM   622  C  CG2 . VAL A 1 79  ? -9.722  12.628  -2.451  1.00 14.46 ? 249 VAL A CG2 1 
ATOM   623  N  N   . MET A 1 80  ? -7.942  10.186  0.895   1.00 10.58 ? 250 MET A N   1 
ATOM   624  C  CA  . MET A 1 80  ? -7.544  9.064   1.757   1.00 10.75 ? 250 MET A CA  1 
ATOM   625  C  C   . MET A 1 80  ? -7.915  9.313   3.219   1.00 10.15 ? 250 MET A C   1 
ATOM   626  O  O   . MET A 1 80  ? -8.375  8.421   3.920   1.00 10.35 ? 250 MET A O   1 
ATOM   627  C  CB  . MET A 1 80  ? -6.046  8.802   1.647   1.00 11.30 ? 250 MET A CB  1 
ATOM   628  C  CG  . MET A 1 80  ? -5.606  8.240   0.309   1.00 12.33 ? 250 MET A CG  1 
ATOM   629  S  SD  . MET A 1 80  ? -3.860  7.782   0.349   1.00 16.59 ? 250 MET A SD  1 
ATOM   630  C  CE  . MET A 1 80  ? -3.090  9.296   -0.141  1.00 17.65 ? 250 MET A CE  1 
ATOM   631  N  N   . ILE A 1 81  ? -7.688  10.523  3.698   1.00 10.82 ? 251 ILE A N   1 
ATOM   632  C  CA  . ILE A 1 81  ? -8.077  10.863  5.066   1.00 11.23 ? 251 ILE A CA  1 
ATOM   633  C  C   . ILE A 1 81  ? -9.596  10.737  5.246   1.00 11.31 ? 251 ILE A C   1 
ATOM   634  O  O   . ILE A 1 81  ? -10.089 10.192  6.234   1.00 12.07 ? 251 ILE A O   1 
ATOM   635  C  CB  . ILE A 1 81  ? -7.591  12.282  5.407   1.00 12.54 ? 251 ILE A CB  1 
ATOM   636  C  CG1 . ILE A 1 81  ? -6.059  12.310  5.470   1.00 13.40 ? 251 ILE A CG1 1 
ATOM   637  C  CG2 . ILE A 1 81  ? -8.189  12.761  6.704   1.00 12.79 ? 251 ILE A CG2 1 
ATOM   638  C  CD1 . ILE A 1 81  ? -5.453  11.669  6.688   1.00 16.76 ? 251 ILE A CD1 1 
ATOM   639  N  N   . HIS A 1 82  ? -10.342 11.218  4.253   1.00 11.16 ? 252 HIS A N   1 
ATOM   640  C  CA  . HIS A 1 82  ? -11.789 11.153  4.279   1.00 11.80 ? 252 HIS A CA  1 
ATOM   641  C  C   . HIS A 1 82  ? -12.297 9.734   4.330   1.00 11.05 ? 252 HIS A C   1 
ATOM   642  O  O   . HIS A 1 82  ? -13.168 9.405   5.137   1.00 12.56 ? 252 HIS A O   1 
ATOM   643  C  CB  . HIS A 1 82  ? -12.331 11.884  3.041   1.00 13.87 ? 252 HIS A CB  1 
ATOM   644  C  CG  . HIS A 1 82  ? -13.824 12.053  3.018   1.00 17.99 ? 252 HIS A CG  1 
ATOM   645  N  ND1 . HIS A 1 82  ? -14.418 13.241  3.239   1.00 22.45 ? 252 HIS A ND1 1 
ATOM   646  C  CD2 . HIS A 1 82  ? -14.842 11.147  2.747   1.00 21.20 ? 252 HIS A CD2 1 
ATOM   647  C  CE1 . HIS A 1 82  ? -15.758 13.088  3.138   1.00 21.61 ? 252 HIS A CE1 1 
ATOM   648  N  NE2 . HIS A 1 82  ? -16.011 11.810  2.842   1.00 21.96 ? 252 HIS A NE2 1 
ATOM   649  N  N   . VAL A 1 83  ? -11.789 8.878   3.450   1.00 9.45  ? 253 VAL A N   1 
ATOM   650  C  CA  . VAL A 1 83  ? -12.330 7.530   3.315   1.00 9.71  ? 253 VAL A CA  1 
ATOM   651  C  C   . VAL A 1 83  ? -11.679 6.523   4.262   1.00 9.86  ? 253 VAL A C   1 
ATOM   652  O  O   . VAL A 1 83  ? -12.380 5.791   4.959   1.00 10.57 ? 253 VAL A O   1 
ATOM   653  C  CB  . VAL A 1 83  ? -12.201 7.044   1.867   1.00 9.61  ? 253 VAL A CB  1 
ATOM   654  C  CG1 . VAL A 1 83  ? -12.640 5.582   1.721   1.00 9.72  ? 253 VAL A CG1 1 
ATOM   655  C  CG2 . VAL A 1 83  ? -13.012 7.954   0.955   1.00 10.35 ? 253 VAL A CG2 1 
ATOM   656  N  N   . PHE A 1 84  ? -10.354 6.477   4.277   1.00 9.15  ? 254 PHE A N   1 
ATOM   657  C  CA  . PHE A 1 84  ? -9.646  5.519   5.122   1.00 8.91  ? 254 PHE A CA  1 
ATOM   658  C  C   . PHE A 1 84  ? -9.565  5.951   6.580   1.00 9.29  ? 254 PHE A C   1 
ATOM   659  O  O   . PHE A 1 84  ? -9.956  5.195   7.465   1.00 9.75  ? 254 PHE A O   1 
ATOM   660  C  CB  . PHE A 1 84  ? -8.245  5.240   4.585   1.00 9.04  ? 254 PHE A CB  1 
ATOM   661  C  CG  . PHE A 1 84  ? -7.392  4.492   5.548   1.00 8.56  ? 254 PHE A CG  1 
ATOM   662  C  CD1 . PHE A 1 84  ? -7.604  3.147   5.726   1.00 8.76  ? 254 PHE A CD1 1 
ATOM   663  C  CD2 . PHE A 1 84  ? -6.451  5.139   6.329   1.00 9.23  ? 254 PHE A CD2 1 
ATOM   664  C  CE1 . PHE A 1 84  ? -6.851  2.440   6.634   1.00 9.25  ? 254 PHE A CE1 1 
ATOM   665  C  CE2 . PHE A 1 84  ? -5.712  4.440   7.248   1.00 8.97  ? 254 PHE A CE2 1 
ATOM   666  C  CZ  . PHE A 1 84  ? -5.900  3.090   7.388   1.00 9.23  ? 254 PHE A CZ  1 
ATOM   667  N  N   . SER A 1 85  ? -9.051  7.154   6.862   1.00 9.03  ? 255 SER A N   1 
ATOM   668  C  CA  . SER A 1 85  ? -8.790  7.495   8.269   1.00 9.29  ? 255 SER A CA  1 
ATOM   669  C  C   . SER A 1 85  ? -10.068 7.620   9.090   1.00 10.65 ? 255 SER A C   1 
ATOM   670  O  O   . SER A 1 85  ? -10.099 7.245   10.254  1.00 10.48 ? 255 SER A O   1 
ATOM   671  C  CB  . SER A 1 85  ? -7.975  8.784   8.405   1.00 9.82  ? 255 SER A CB  1 
ATOM   672  O  OG  . SER A 1 85  ? -6.745  8.699   7.720   1.00 10.14 ? 255 SER A OG  1 
ATOM   673  N  N   . ASP A 1 86  ? -11.110 8.164   8.483   1.00 10.57 ? 256 ASP A N   1 
ATOM   674  C  CA  . ASP A 1 86  ? -12.373 8.377   9.175   1.00 11.58 ? 256 ASP A CA  1 
ATOM   675  C  C   . ASP A 1 86  ? -13.246 7.138   9.110   1.00 13.08 ? 256 ASP A C   1 
ATOM   676  O  O   . ASP A 1 86  ? -14.310 7.114   8.496   1.00 14.93 ? 256 ASP A O   1 
ATOM   677  C  CB  . ASP A 1 86  ? -13.079 9.587   8.560   1.00 11.69 ? 256 ASP A CB  1 
ATOM   678  C  CG  . ASP A 1 86  ? -14.225 10.102  9.406   1.00 13.07 ? 256 ASP A CG  1 
ATOM   679  O  OD1 . ASP A 1 86  ? -14.334 9.740   10.585  1.00 14.28 ? 256 ASP A OD1 1 
ATOM   680  O  OD2 . ASP A 1 86  ? -15.028 10.876  8.854   1.00 14.94 ? 256 ASP A OD2 1 
ATOM   681  N  N   . GLY A 1 87  ? -12.775 6.098   9.768   1.00 14.15 ? 257 GLY A N   1 
ATOM   682  C  CA  . GLY A 1 87  ? -13.510 4.854   9.853   1.00 14.55 ? 257 GLY A CA  1 
ATOM   683  C  C   . GLY A 1 87  ? -12.799 3.922   10.803  1.00 14.86 ? 257 GLY A C   1 
ATOM   684  O  O   . GLY A 1 87  ? -11.778 4.267   11.386  1.00 15.46 ? 257 GLY A O   1 
ATOM   685  N  N   . VAL A 1 88  ? -13.339 2.724   10.955  1.00 15.02 ? 258 VAL A N   1 
ATOM   686  C  CA  . VAL A 1 88  ? -12.709 1.724   11.796  1.00 14.92 ? 258 VAL A CA  1 
ATOM   687  C  C   . VAL A 1 88  ? -11.373 1.311   11.206  1.00 13.83 ? 258 VAL A C   1 
ATOM   688  O  O   . VAL A 1 88  ? -11.154 1.427   10.013  1.00 14.31 ? 258 VAL A O   1 
ATOM   689  C  CB  . VAL A 1 88  ? -13.594 0.467   11.947  1.00 15.99 ? 258 VAL A CB  1 
ATOM   690  C  CG1 . VAL A 1 88  ? -14.954 0.826   12.540  1.00 20.03 ? 258 VAL A CG1 1 
ATOM   691  C  CG2 . VAL A 1 88  ? -13.741 -0.270  10.617  1.00 17.84 ? 258 VAL A CG2 1 
ATOM   692  N  N   . THR A 1 89  ? -10.455 0.884   12.050  1.00 12.24 ? 259 THR A N   1 
ATOM   693  C  CA  . THR A 1 89  ? -9.175  0.417   11.594  1.00 11.81 ? 259 THR A CA  1 
ATOM   694  C  C   . THR A 1 89  ? -9.084  -1.092  11.783  1.00 11.00 ? 259 THR A C   1 
ATOM   695  O  O   . THR A 1 89  ? -9.326  -1.622  12.869  1.00 11.36 ? 259 THR A O   1 
ATOM   696  C  CB  . THR A 1 89  ? -8.030  1.114   12.348  1.00 12.61 ? 259 THR A CB  1 
ATOM   697  O  OG1 . THR A 1 89  ? -8.240  2.527   12.317  1.00 15.88 ? 259 THR A OG1 1 
ATOM   698  C  CG2 . THR A 1 89  ? -6.684  0.804   11.702  1.00 12.96 ? 259 THR A CG2 1 
ATOM   699  N  N   . ASN A 1 90  ? -8.760  -1.780  10.695  1.00 10.09 ? 260 ASN A N   1 
ATOM   700  C  CA  . ASN A 1 90  ? -8.424  -3.184  10.748  1.00 9.71  ? 260 ASN A CA  1 
ATOM   701  C  C   . ASN A 1 90  ? -7.462  -3.457  9.606   1.00 9.13  ? 260 ASN A C   1 
ATOM   702  O  O   . ASN A 1 90  ? -7.284  -2.613  8.727   1.00 8.82  ? 260 ASN A O   1 
ATOM   703  C  CB  . ASN A 1 90  ? -9.663  -4.083  10.726  1.00 9.85  ? 260 ASN A CB  1 
ATOM   704  C  CG  . ASN A 1 90  ? -10.566 -3.839  9.526   1.00 10.08 ? 260 ASN A CG  1 
ATOM   705  O  OD1 . ASN A 1 90  ? -10.122 -3.937  8.380   1.00 9.86  ? 260 ASN A OD1 1 
ATOM   706  N  ND2 . ASN A 1 90  ? -11.843 -3.581  9.786   1.00 10.79 ? 260 ASN A ND2 1 
ATOM   707  N  N   . TRP A 1 91  ? -6.796  -4.598  9.627   1.00 9.16  ? 261 TRP A N   1 
ATOM   708  C  CA  . TRP A 1 91  ? -5.807  -4.884  8.594   1.00 9.02  ? 261 TRP A CA  1 
ATOM   709  C  C   . TRP A 1 91  ? -6.396  -4.916  7.193   1.00 8.68  ? 261 TRP A C   1 
ATOM   710  O  O   . TRP A 1 91  ? -5.732  -4.524  6.219   1.00 8.98  ? 261 TRP A O   1 
ATOM   711  C  CB  . TRP A 1 91  ? -5.038  -6.179  8.873   1.00 9.59  ? 261 TRP A CB  1 
ATOM   712  C  CG  . TRP A 1 91  ? -4.006  -6.062  9.969   1.00 10.33 ? 261 TRP A CG  1 
ATOM   713  C  CD1 . TRP A 1 91  ? -3.939  -6.793  11.151  1.00 11.46 ? 261 TRP A CD1 1 
ATOM   714  C  CD2 . TRP A 1 91  ? -2.828  -5.170  10.005  1.00 10.33 ? 261 TRP A CD2 1 
ATOM   715  N  NE1 . TRP A 1 91  ? -2.850  -6.426  11.891  1.00 11.33 ? 261 TRP A NE1 1 
ATOM   716  C  CE2 . TRP A 1 91  ? -2.145  -5.449  11.264  1.00 10.97 ? 261 TRP A CE2 1 
ATOM   717  C  CE3 . TRP A 1 91  ? -2.305  -4.202  9.155   1.00 10.74 ? 261 TRP A CE3 1 
ATOM   718  C  CZ2 . TRP A 1 91  ? -0.990  -4.777  11.625  1.00 10.64 ? 261 TRP A CZ2 1 
ATOM   719  C  CZ3 . TRP A 1 91  ? -1.139  -3.527  9.536   1.00 10.49 ? 261 TRP A CZ3 1 
ATOM   720  C  CH2 . TRP A 1 91  ? -0.496  -3.821  10.743  1.00 10.47 ? 261 TRP A CH2 1 
ATOM   721  N  N   . GLY A 1 92  ? -7.641  -5.365  7.069   1.00 8.50  ? 262 GLY A N   1 
ATOM   722  C  CA  . GLY A 1 92  ? -8.303  -5.399  5.765   1.00 8.38  ? 262 GLY A CA  1 
ATOM   723  C  C   . GLY A 1 92  ? -8.392  -4.019  5.136   1.00 8.54  ? 262 GLY A C   1 
ATOM   724  O  O   . GLY A 1 92  ? -8.170  -3.875  3.942   1.00 8.81  ? 262 GLY A O   1 
ATOM   725  N  N   . ARG A 1 93  ? -8.737  -3.027  5.941   1.00 8.09  ? 263 ARG A N   1 
ATOM   726  C  CA  . ARG A 1 93  ? -8.872  -1.650  5.425   1.00 8.13  ? 263 ARG A CA  1 
ATOM   727  C  C   . ARG A 1 93  ? -7.504  -1.071  5.067   1.00 8.20  ? 263 ARG A C   1 
ATOM   728  O  O   . ARG A 1 93  ? -7.396  -0.322  4.092   1.00 7.83  ? 263 ARG A O   1 
ATOM   729  C  CB  . ARG A 1 93  ? -9.629  -0.764  6.418   1.00 8.64  ? 263 ARG A CB  1 
ATOM   730  C  CG  . ARG A 1 93  ? -11.051 -1.226  6.650   1.00 9.03  ? 263 ARG A CG  1 
ATOM   731  C  CD  . ARG A 1 93  ? -11.957 -0.163  7.245   1.00 10.16 ? 263 ARG A CD  1 
ATOM   732  N  NE  . ARG A 1 93  ? -12.254 0.861   6.253   1.00 10.73 ? 263 ARG A NE  1 
ATOM   733  C  CZ  . ARG A 1 93  ? -12.008 2.159   6.365   1.00 12.10 ? 263 ARG A CZ  1 
ATOM   734  N  NH1 . ARG A 1 93  ? -12.309 2.952   5.348   1.00 12.08 ? 263 ARG A NH1 1 
ATOM   735  N  NH2 . ARG A 1 93  ? -11.468 2.669   7.461   1.00 12.32 ? 263 ARG A NH2 1 
ATOM   736  N  N   . ILE A 1 94  ? -6.475  -1.439  5.823   1.00 8.34  ? 264 ILE A N   1 
ATOM   737  C  CA  . ILE A 1 94  ? -5.105  -1.042  5.523   1.00 8.15  ? 264 ILE A CA  1 
ATOM   738  C  C   . ILE A 1 94  ? -4.619  -1.665  4.205   1.00 8.05  ? 264 ILE A C   1 
ATOM   739  O  O   . ILE A 1 94  ? -4.028  -0.987  3.357   1.00 8.14  ? 264 ILE A O   1 
ATOM   740  C  CB  . ILE A 1 94  ? -4.180  -1.373  6.711   1.00 8.29  ? 264 ILE A CB  1 
ATOM   741  C  CG1 . ILE A 1 94  ? -4.557  -0.452  7.879   1.00 8.87  ? 264 ILE A CG1 1 
ATOM   742  C  CG2 . ILE A 1 94  ? -2.711  -1.236  6.312   1.00 8.82  ? 264 ILE A CG2 1 
ATOM   743  C  CD1 . ILE A 1 94  ? -3.965  -0.876  9.207   1.00 9.24  ? 264 ILE A CD1 1 
ATOM   744  N  N   . VAL A 1 95  ? -4.867  -2.957  4.025   1.00 8.41  ? 265 VAL A N   1 
ATOM   745  C  CA  . VAL A 1 95  ? -4.571  -3.615  2.764   1.00 8.88  ? 265 VAL A CA  1 
ATOM   746  C  C   . VAL A 1 95  ? -5.306  -2.938  1.597   1.00 8.94  ? 265 VAL A C   1 
ATOM   747  O  O   . VAL A 1 95  ? -4.734  -2.764  0.524   1.00 9.79  ? 265 VAL A O   1 
ATOM   748  C  CB  . VAL A 1 95  ? -4.881  -5.129  2.802   1.00 9.18  ? 265 VAL A CB  1 
ATOM   749  C  CG1 . VAL A 1 95  ? -4.771  -5.773  1.415   1.00 9.36  ? 265 VAL A CG1 1 
ATOM   750  C  CG2 . VAL A 1 95  ? -3.916  -5.816  3.752   1.00 9.65  ? 265 VAL A CG2 1 
ATOM   751  N  N   . THR A 1 96  ? -6.552  -2.513  1.795   1.00 8.49  ? 266 THR A N   1 
ATOM   752  C  CA  . THR A 1 96  ? -7.311  -1.875  0.722   1.00 8.55  ? 266 THR A CA  1 
ATOM   753  C  C   . THR A 1 96  ? -6.727  -0.503  0.367   1.00 8.15  ? 266 THR A C   1 
ATOM   754  O  O   . THR A 1 96  ? -6.591  -0.152  -0.792  1.00 8.79  ? 266 THR A O   1 
ATOM   755  C  CB  . THR A 1 96  ? -8.794  -1.744  1.063   1.00 9.36  ? 266 THR A CB  1 
ATOM   756  O  OG1 . THR A 1 96  ? -9.308  -3.061  1.338   1.00 11.55 ? 266 THR A OG1 1 
ATOM   757  C  CG2 . THR A 1 96  ? -9.549  -1.090  -0.098  1.00 9.53  ? 266 THR A CG2 1 
ATOM   758  N  N   . LEU A 1 97  ? -6.339  0.248   1.385   1.00 7.83  ? 267 LEU A N   1 
ATOM   759  C  CA  . LEU A 1 97  ? -5.652  1.525   1.196   1.00 7.70  ? 267 LEU A CA  1 
ATOM   760  C  C   . LEU A 1 97  ? -4.435  1.322   0.303   1.00 7.91  ? 267 LEU A C   1 
ATOM   761  O  O   . LEU A 1 97  ? -4.269  2.003   -0.712  1.00 8.88  ? 267 LEU A O   1 
ATOM   762  C  CB  . LEU A 1 97  ? -5.226  2.087   2.567   1.00 7.44  ? 267 LEU A CB  1 
ATOM   763  C  CG  . LEU A 1 97  ? -4.311  3.308   2.567   1.00 7.27  ? 267 LEU A CG  1 
ATOM   764  C  CD1 . LEU A 1 97  ? -5.096  4.558   2.190   1.00 8.10  ? 267 LEU A CD1 1 
ATOM   765  C  CD2 . LEU A 1 97  ? -3.642  3.509   3.924   1.00 8.00  ? 267 LEU A CD2 1 
ATOM   766  N  N   . ILE A 1 98  ? -3.596  0.363   0.656   1.00 8.15  ? 268 ILE A N   1 
ATOM   767  C  CA  . ILE A 1 98  ? -2.377  0.140   -0.100  1.00 8.90  ? 268 ILE A CA  1 
ATOM   768  C  C   . ILE A 1 98  ? -2.660  -0.474  -1.476  1.00 9.25  ? 268 ILE A C   1 
ATOM   769  O  O   . ILE A 1 98  ? -2.004  -0.115  -2.455  1.00 9.19  ? 268 ILE A O   1 
ATOM   770  C  CB  . ILE A 1 98  ? -1.407  -0.753  0.706   1.00 9.22  ? 268 ILE A CB  1 
ATOM   771  C  CG1 . ILE A 1 98  ? -1.007  -0.031  1.998   1.00 9.19  ? 268 ILE A CG1 1 
ATOM   772  C  CG2 . ILE A 1 98  ? -0.200  -1.185  -0.147  1.00 10.31 ? 268 ILE A CG2 1 
ATOM   773  C  CD1 . ILE A 1 98  ? -0.344  -0.914  3.039   1.00 9.84  ? 268 ILE A CD1 1 
ATOM   774  N  N   . SER A 1 99  ? -3.619  -1.391  -1.555  1.00 9.06  ? 269 SER A N   1 
ATOM   775  C  CA  . SER A 1 99  ? -3.974  -2.049  -2.831  1.00 10.13 ? 269 SER A CA  1 
ATOM   776  C  C   . SER A 1 99  ? -4.576  -1.089  -3.835  1.00 9.54  ? 269 SER A C   1 
ATOM   777  O  O   . SER A 1 99  ? -4.273  -1.167  -5.026  1.00 9.41  ? 269 SER A O   1 
ATOM   778  C  CB  . SER A 1 99  ? -4.938  -3.200  -2.599  1.00 11.27 ? 269 SER A CB  1 
ATOM   779  O  OG  . SER A 1 99  ? -4.328  -4.154  -1.764  1.00 15.35 ? 269 SER A OG  1 
ATOM   780  N  N   . PHE A 1 100 ? -5.438  -0.185  -3.378  1.00 9.39  ? 270 PHE A N   1 
ATOM   781  C  CA  . PHE A 1 100 ? -5.918  0.850   -4.280  1.00 9.37  ? 270 PHE A CA  1 
ATOM   782  C  C   . PHE A 1 100 ? -4.772  1.776   -4.676  1.00 10.00 ? 270 PHE A C   1 
ATOM   783  O  O   . PHE A 1 100 ? -4.687  2.220   -5.812  1.00 10.46 ? 270 PHE A O   1 
ATOM   784  C  CB  . PHE A 1 100 ? -7.115  1.633   -3.740  1.00 9.39  ? 270 PHE A CB  1 
ATOM   785  C  CG  . PHE A 1 100 ? -7.724  2.530   -4.781  1.00 9.71  ? 270 PHE A CG  1 
ATOM   786  C  CD1 . PHE A 1 100 ? -8.452  1.983   -5.825  1.00 10.45 ? 270 PHE A CD1 1 
ATOM   787  C  CD2 . PHE A 1 100 ? -7.519  3.895   -4.769  1.00 10.19 ? 270 PHE A CD2 1 
ATOM   788  C  CE1 . PHE A 1 100 ? -8.996  2.777   -6.810  1.00 10.24 ? 270 PHE A CE1 1 
ATOM   789  C  CE2 . PHE A 1 100 ? -8.058  4.706   -5.740  1.00 10.66 ? 270 PHE A CE2 1 
ATOM   790  C  CZ  . PHE A 1 100 ? -8.808  4.151   -6.776  1.00 10.92 ? 270 PHE A CZ  1 
ATOM   791  N  N   . GLY A 1 101 ? -3.837  2.026   -3.771  1.00 9.92  ? 271 GLY A N   1 
ATOM   792  C  CA  . GLY A 1 101 ? -2.622  2.716   -4.146  1.00 9.59  ? 271 GLY A CA  1 
ATOM   793  C  C   . GLY A 1 101 ? -1.872  2.059   -5.295  1.00 9.98  ? 271 GLY A C   1 
ATOM   794  O  O   . GLY A 1 101 ? -1.409  2.756   -6.219  1.00 10.32 ? 271 GLY A O   1 
ATOM   795  N  N   . ALA A 1 102 ? -1.707  0.745   -5.229  1.00 10.24 ? 272 ALA A N   1 
ATOM   796  C  CA  . ALA A 1 102 ? -1.055  -0.002  -6.314  1.00 10.56 ? 272 ALA A CA  1 
ATOM   797  C  C   . ALA A 1 102 ? -1.855  0.128   -7.607  1.00 10.54 ? 272 ALA A C   1 
ATOM   798  O  O   . ALA A 1 102 ? -1.278  0.239   -8.691  1.00 11.81 ? 272 ALA A O   1 
ATOM   799  C  CB  . ALA A 1 102 ? -0.851  -1.469  -5.946  1.00 10.56 ? 272 ALA A CB  1 
ATOM   800  N  N   . PHE A 1 103 ? -3.179  0.109   -7.491  1.00 10.51 ? 273 PHE A N   1 
ATOM   801  C  CA  . PHE A 1 103 ? -4.063  0.271   -8.654  1.00 11.08 ? 273 PHE A CA  1 
ATOM   802  C  C   . PHE A 1 103 ? -3.863  1.638   -9.289  1.00 11.32 ? 273 PHE A C   1 
ATOM   803  O  O   . PHE A 1 103 ? -3.786  1.754   -10.528 1.00 11.97 ? 273 PHE A O   1 
ATOM   804  C  CB  . PHE A 1 103 ? -5.511  0.055   -8.202  1.00 11.85 ? 273 PHE A CB  1 
ATOM   805  C  CG  . PHE A 1 103 ? -6.489  -0.193  -9.324  1.00 13.04 ? 273 PHE A CG  1 
ATOM   806  C  CD1 . PHE A 1 103 ? -6.643  -1.464  -9.853  1.00 14.75 ? 273 PHE A CD1 1 
ATOM   807  C  CD2 . PHE A 1 103 ? -7.300  0.834   -9.781  1.00 13.18 ? 273 PHE A CD2 1 
ATOM   808  C  CE1 . PHE A 1 103 ? -7.571  -1.692  -10.870 1.00 14.90 ? 273 PHE A CE1 1 
ATOM   809  C  CE2 . PHE A 1 103 ? -8.221  0.614   -10.807 1.00 14.07 ? 273 PHE A CE2 1 
ATOM   810  C  CZ  . PHE A 1 103 ? -8.350  -0.658  -11.334 1.00 14.13 ? 273 PHE A CZ  1 
ATOM   811  N  N   . VAL A 1 104 ? -3.729  2.677   -8.471  1.00 11.35 ? 274 VAL A N   1 
ATOM   812  C  CA  . VAL A 1 104 ? -3.409  4.015   -8.985  1.00 12.02 ? 274 VAL A CA  1 
ATOM   813  C  C   . VAL A 1 104 ? -1.994  4.053   -9.581  1.00 12.85 ? 274 VAL A C   1 
ATOM   814  O  O   . VAL A 1 104 ? -1.775  4.652   -10.641 1.00 13.35 ? 274 VAL A O   1 
ATOM   815  C  CB  . VAL A 1 104 ? -3.590  5.095   -7.897  1.00 12.51 ? 274 VAL A CB  1 
ATOM   816  C  CG1 . VAL A 1 104 ? -3.159  6.469   -8.427  1.00 12.73 ? 274 VAL A CG1 1 
ATOM   817  C  CG2 . VAL A 1 104 ? -5.033  5.135   -7.425  1.00 12.91 ? 274 VAL A CG2 1 
ATOM   818  N  N   . ALA A 1 105 ? -1.026  3.405   -8.941  1.00 13.17 ? 275 ALA A N   1 
ATOM   819  C  CA  . ALA A 1 105 ? 0.357   3.379   -9.462  1.00 13.59 ? 275 ALA A CA  1 
ATOM   820  C  C   . ALA A 1 105 ? 0.406   2.761   -10.852 1.00 15.60 ? 275 ALA A C   1 
ATOM   821  O  O   . ALA A 1 105 ? 1.110   3.264   -11.736 1.00 15.41 ? 275 ALA A O   1 
ATOM   822  C  CB  . ALA A 1 105 ? 1.295   2.614   -8.525  1.00 13.70 ? 275 ALA A CB  1 
ATOM   823  N  N   . LYS A 1 106 ? -0.329  1.676   -11.052 1.00 14.44 ? 276 LYS A N   1 
ATOM   824  C  CA  . LYS A 1 106 ? -0.387  1.038   -12.371 1.00 15.75 ? 276 LYS A CA  1 
ATOM   825  C  C   . LYS A 1 106 ? -0.979  2.000   -13.395 1.00 16.30 ? 276 LYS A C   1 
ATOM   826  O  O   . LYS A 1 106 ? -0.481  2.084   -14.523 1.00 16.34 ? 276 LYS A O   1 
ATOM   827  C  CB  . LYS A 1 106 ? -1.177  -0.261  -12.311 1.00 15.94 ? 276 LYS A CB  1 
ATOM   828  C  CG  . LYS A 1 106 ? -0.407  -1.375  -11.629 1.00 16.40 ? 276 LYS A CG  1 
ATOM   829  C  CD  . LYS A 1 106 ? -1.141  -2.695  -11.658 1.00 18.74 ? 276 LYS A CD  1 
ATOM   830  C  CE  . LYS A 1 106 ? -2.256  -2.711  -10.637 1.00 20.25 ? 276 LYS A CE  1 
ATOM   831  N  NZ  . LYS A 1 106 ? -2.844  -4.073  -10.565 1.00 23.41 ? 276 LYS A NZ  1 
ATOM   832  N  N   . HIS A 1 107 ? -2.003  2.747   -13.001 1.00 15.79 ? 277 HIS A N   1 
ATOM   833  C  CA  . HIS A 1 107 ? -2.588  3.782   -13.865 1.00 17.46 ? 277 HIS A CA  1 
ATOM   834  C  C   . HIS A 1 107 ? -1.562  4.832   -14.224 1.00 18.87 ? 277 HIS A C   1 
ATOM   835  O  O   . HIS A 1 107 ? -1.441  5.224   -15.391 1.00 18.94 ? 277 HIS A O   1 
ATOM   836  C  CB  . HIS A 1 107 ? -3.820  4.381   -13.200 1.00 17.89 ? 277 HIS A CB  1 
ATOM   837  C  CG  . HIS A 1 107 ? -4.340  5.626   -13.869 1.00 21.23 ? 277 HIS A CG  1 
ATOM   838  N  ND1 . HIS A 1 107 ? -5.033  5.588   -15.021 1.00 23.99 ? 277 HIS A ND1 1 
ATOM   839  C  CD2 . HIS A 1 107 ? -4.233  6.970   -13.512 1.00 23.79 ? 277 HIS A CD2 1 
ATOM   840  C  CE1 . HIS A 1 107 ? -5.368  6.847   -15.377 1.00 23.60 ? 277 HIS A CE1 1 
ATOM   841  N  NE2 . HIS A 1 107 ? -4.872  7.689   -14.455 1.00 25.64 ? 277 HIS A NE2 1 
ATOM   842  N  N   . LEU A 1 108 ? -0.778  5.271   -13.242 1.00 17.85 ? 278 LEU A N   1 
ATOM   843  C  CA  . LEU A 1 108 ? 0.272   6.264   -13.496 1.00 19.12 ? 278 LEU A CA  1 
ATOM   844  C  C   . LEU A 1 108 ? 1.312   5.781   -14.516 1.00 20.37 ? 278 LEU A C   1 
ATOM   845  O  O   . LEU A 1 108 ? 1.793   6.568   -15.342 1.00 21.67 ? 278 LEU A O   1 
ATOM   846  C  CB  . LEU A 1 108 ? 0.938   6.680   -12.180 1.00 18.45 ? 278 LEU A CB  1 
ATOM   847  C  CG  . LEU A 1 108 ? 0.032   7.470   -11.228 1.00 17.58 ? 278 LEU A CG  1 
ATOM   848  C  CD1 . LEU A 1 108 ? 0.723   7.678   -9.883  1.00 17.63 ? 278 LEU A CD1 1 
ATOM   849  C  CD2 . LEU A 1 108 ? -0.391  8.813   -11.810 1.00 18.39 ? 278 LEU A CD2 1 
ATOM   850  N  N   . LYS A 1 109 ? 1.665   4.507   -14.459 1.00 21.98 ? 279 LYS A N   1 
ATOM   851  C  CA  . LYS A 1 109 ? 2.568   3.899   -15.442 1.00 24.10 ? 279 LYS A CA  1 
ATOM   852  C  C   . LYS A 1 109 ? 1.944   3.956   -16.837 1.00 23.09 ? 279 LYS A C   1 
ATOM   853  O  O   . LYS A 1 109 ? 2.622   4.312   -17.808 1.00 24.52 ? 279 LYS A O   1 
ATOM   854  C  CB  . LYS A 1 109 ? 2.869   2.444   -15.063 1.00 27.25 ? 279 LYS A CB  1 
ATOM   855  C  CG  . LYS A 1 109 ? 3.702   1.652   -16.073 1.00 29.86 ? 279 LYS A CG  1 
ATOM   856  C  CD  . LYS A 1 109 ? 5.130   2.158   -16.114 1.00 33.78 ? 279 LYS A CD  1 
ATOM   857  C  CE  . LYS A 1 109 ? 6.041   1.250   -16.927 1.00 35.60 ? 279 LYS A CE  1 
ATOM   858  N  NZ  . LYS A 1 109 ? 7.448   1.338   -16.438 1.00 36.87 ? 279 LYS A NZ  1 
ATOM   859  N  N   . THR A 1 110 ? 0.656   3.635   -16.929 1.00 23.45 ? 280 THR A N   1 
ATOM   860  C  CA  . THR A 1 110 ? -0.024  3.536   -18.230 1.00 23.51 ? 280 THR A CA  1 
ATOM   861  C  C   . THR A 1 110 ? -0.154  4.887   -18.913 1.00 25.75 ? 280 THR A C   1 
ATOM   862  O  O   . THR A 1 110 ? -0.166  4.951   -20.144 1.00 25.86 ? 280 THR A O   1 
ATOM   863  C  CB  . THR A 1 110 ? -1.432  2.913   -18.135 1.00 25.34 ? 280 THR A CB  1 
ATOM   864  O  OG1 . THR A 1 110 ? -2.337  3.832   -17.515 1.00 30.88 ? 280 THR A OG1 1 
ATOM   865  C  CG2 . THR A 1 110 ? -1.390  1.602   -17.378 1.00 23.88 ? 280 THR A CG2 1 
ATOM   866  N  N   . ILE A 1 111 ? -0.257  5.954   -18.124 1.00 23.83 ? 281 ILE A N   1 
ATOM   867  C  CA  . ILE A 1 111 ? -0.271  7.322   -18.657 1.00 24.77 ? 281 ILE A CA  1 
ATOM   868  C  C   . ILE A 1 111 ? 1.118   7.993   -18.606 1.00 25.15 ? 281 ILE A C   1 
ATOM   869  O  O   . ILE A 1 111 ? 1.225   9.214   -18.700 1.00 26.68 ? 281 ILE A O   1 
ATOM   870  C  CB  . ILE A 1 111 ? -1.349  8.194   -17.970 1.00 23.62 ? 281 ILE A CB  1 
ATOM   871  C  CG1 . ILE A 1 111 ? -1.012  8.493   -16.498 1.00 22.50 ? 281 ILE A CG1 1 
ATOM   872  C  CG2 . ILE A 1 111 ? -2.718  7.532   -18.043 1.00 24.54 ? 281 ILE A CG2 1 
ATOM   873  C  CD1 . ILE A 1 111 ? -1.980  9.463   -15.866 1.00 22.28 ? 281 ILE A CD1 1 
ATOM   874  N  N   . ASN A 1 112 ? 2.175   7.191   -18.481 1.00 28.17 ? 282 ASN A N   1 
ATOM   875  C  CA  . ASN A 1 112 ? 3.559   7.684   -18.503 1.00 30.03 ? 282 ASN A CA  1 
ATOM   876  C  C   . ASN A 1 112 ? 3.845   8.792   -17.490 1.00 31.32 ? 282 ASN A C   1 
ATOM   877  O  O   . ASN A 1 112 ? 4.579   9.741   -17.782 1.00 30.21 ? 282 ASN A O   1 
ATOM   878  C  CB  . ASN A 1 112 ? 3.910   8.141   -19.922 1.00 32.99 ? 282 ASN A CB  1 
ATOM   879  C  CG  . ASN A 1 112 ? 3.438   7.149   -20.965 1.00 36.38 ? 282 ASN A CG  1 
ATOM   880  O  OD1 . ASN A 1 112 ? 3.859   5.993   -20.957 1.00 40.10 ? 282 ASN A OD1 1 
ATOM   881  N  ND2 . ASN A 1 112 ? 2.529   7.580   -21.838 1.00 38.86 ? 282 ASN A ND2 1 
ATOM   882  N  N   . GLN A 1 113 ? 3.253   8.658   -16.302 1.00 28.77 ? 283 GLN A N   1 
ATOM   883  C  CA  . GLN A 1 113 ? 3.503   9.565   -15.183 1.00 29.64 ? 283 GLN A CA  1 
ATOM   884  C  C   . GLN A 1 113 ? 4.134   8.779   -14.039 1.00 26.54 ? 283 GLN A C   1 
ATOM   885  O  O   . GLN A 1 113 ? 3.767   8.962   -12.873 1.00 26.73 ? 283 GLN A O   1 
ATOM   886  C  CB  . GLN A 1 113 ? 2.206   10.224  -14.712 1.00 29.82 ? 283 GLN A CB  1 
ATOM   887  C  CG  . GLN A 1 113 ? 1.524   11.110  -15.741 1.00 33.10 ? 283 GLN A CG  1 
ATOM   888  C  CD  . GLN A 1 113 ? 2.142   12.490  -15.825 1.00 37.04 ? 283 GLN A CD  1 
ATOM   889  O  OE1 . GLN A 1 113 ? 2.175   13.226  -14.840 1.00 39.08 ? 283 GLN A OE1 1 
ATOM   890  N  NE2 . GLN A 1 113 ? 2.619   12.853  -17.010 1.00 38.70 ? 283 GLN A NE2 1 
ATOM   891  N  N   . GLU A 1 114 ? 5.090   7.916   -14.382 1.00 27.49 ? 284 GLU A N   1 
ATOM   892  C  CA  . GLU A 1 114 ? 5.783   7.068   -13.413 1.00 29.34 ? 284 GLU A CA  1 
ATOM   893  C  C   . GLU A 1 114 ? 6.445   7.855   -12.297 1.00 27.13 ? 284 GLU A C   1 
ATOM   894  O  O   . GLU A 1 114 ? 6.614   7.326   -11.202 1.00 24.99 ? 284 GLU A O   1 
ATOM   895  C  CB  . GLU A 1 114 ? 6.873   6.239   -14.091 1.00 33.85 ? 284 GLU A CB  1 
ATOM   896  C  CG  . GLU A 1 114 ? 6.390   5.073   -14.927 1.00 39.60 ? 284 GLU A CG  1 
ATOM   897  C  CD  . GLU A 1 114 ? 7.548   4.262   -15.476 1.00 44.84 ? 284 GLU A CD  1 
ATOM   898  O  OE1 . GLU A 1 114 ? 7.618   4.073   -16.712 1.00 50.17 ? 284 GLU A OE1 1 
ATOM   899  O  OE2 . GLU A 1 114 ? 8.395   3.816   -14.670 1.00 48.88 ? 284 GLU A OE2 1 
ATOM   900  N  N   . SER A 1 115 ? 6.841   9.101   -12.572 1.00 23.97 ? 285 SER A N   1 
ATOM   901  C  CA  . SER A 1 115 ? 7.521   9.920   -11.573 1.00 24.12 ? 285 SER A CA  1 
ATOM   902  C  C   . SER A 1 115 ? 6.631   10.208  -10.374 1.00 21.55 ? 285 SER A C   1 
ATOM   903  O  O   . SER A 1 115 ? 7.144   10.499  -9.303  1.00 21.74 ? 285 SER A O   1 
ATOM   904  C  CB  . SER A 1 115 ? 8.011   11.250  -12.175 1.00 24.91 ? 285 SER A CB  1 
ATOM   905  O  OG  . SER A 1 115 ? 6.939   11.993  -12.715 1.00 29.64 ? 285 SER A OG  1 
ATOM   906  N  N   . CYS A 1 116 ? 5.311   10.134  -10.547 1.00 20.00 ? 286 CYS A N   1 
ATOM   907  C  CA  . CYS A 1 116 ? 4.380   10.398  -9.443  1.00 18.53 ? 286 CYS A CA  1 
ATOM   908  C  C   . CYS A 1 116 ? 4.178   9.212   -8.500  1.00 16.91 ? 286 CYS A C   1 
ATOM   909  O  O   . CYS A 1 116 ? 3.518   9.378   -7.488  1.00 16.97 ? 286 CYS A O   1 
ATOM   910  C  CB  . CYS A 1 116 ? 3.012   10.816  -9.972  1.00 18.95 ? 286 CYS A CB  1 
ATOM   911  S  SG  . CYS A 1 116 ? 3.015   12.395  -10.832 0.50 20.38 ? 286 CYS A SG  1 
ATOM   912  N  N   . ILE A 1 117 ? 4.746   8.051   -8.804  1.00 16.74 ? 287 ILE A N   1 
ATOM   913  C  CA  . ILE A 1 117 ? 4.515   6.859   -7.985  1.00 16.90 ? 287 ILE A CA  1 
ATOM   914  C  C   . ILE A 1 117 ? 5.165   7.013   -6.611  1.00 17.70 ? 287 ILE A C   1 
ATOM   915  O  O   . ILE A 1 117 ? 4.576   6.654   -5.585  1.00 16.36 ? 287 ILE A O   1 
ATOM   916  C  CB  . ILE A 1 117 ? 4.994   5.587   -8.706  1.00 18.00 ? 287 ILE A CB  1 
ATOM   917  C  CG1 . ILE A 1 117 ? 4.098   5.364   -9.931  1.00 18.83 ? 287 ILE A CG1 1 
ATOM   918  C  CG2 . ILE A 1 117 ? 4.966   4.386   -7.763  1.00 17.53 ? 287 ILE A CG2 1 
ATOM   919  C  CD1 . ILE A 1 117 ? 4.507   4.197   -10.808 1.00 20.09 ? 287 ILE A CD1 1 
ATOM   920  N  N   . GLU A 1 118 ? 6.379   7.547   -6.563  1.00 18.81 ? 288 GLU A N   1 
ATOM   921  C  CA  . GLU A 1 118 ? 7.018   7.689   -5.261  1.00 19.22 ? 288 GLU A CA  1 
ATOM   922  C  C   . GLU A 1 118 ? 6.326   8.734   -4.367  1.00 17.79 ? 288 GLU A C   1 
ATOM   923  O  O   . GLU A 1 118 ? 6.152   8.481   -3.181  1.00 14.44 ? 288 GLU A O   1 
ATOM   924  C  CB  . GLU A 1 118 ? 8.529   7.906   -5.411  1.00 24.33 ? 288 GLU A CB  1 
ATOM   925  C  CG  . GLU A 1 118 ? 9.200   6.637   -5.934  1.00 29.44 ? 288 GLU A CG  1 
ATOM   926  C  CD  . GLU A 1 118 ? 10.709  6.640   -5.831  1.00 35.56 ? 288 GLU A CD  1 
ATOM   927  O  OE1 . GLU A 1 118 ? 11.239  7.095   -4.794  1.00 44.41 ? 288 GLU A OE1 1 
ATOM   928  O  OE2 . GLU A 1 118 ? 11.367  6.153   -6.778  1.00 43.55 ? 288 GLU A OE2 1 
ATOM   929  N  N   . PRO A 1 119 ? 5.917   9.887   -4.918  1.00 16.38 ? 289 PRO A N   1 
ATOM   930  C  CA  . PRO A 1 119 ? 5.128   10.816  -4.111  1.00 16.44 ? 289 PRO A CA  1 
ATOM   931  C  C   . PRO A 1 119 ? 3.817   10.187  -3.628  1.00 15.54 ? 289 PRO A C   1 
ATOM   932  O  O   . PRO A 1 119 ? 3.394   10.425  -2.494  1.00 15.26 ? 289 PRO A O   1 
ATOM   933  C  CB  . PRO A 1 119 ? 4.866   11.991  -5.063  1.00 18.77 ? 289 PRO A CB  1 
ATOM   934  C  CG  . PRO A 1 119 ? 5.958   11.920  -6.054  1.00 18.70 ? 289 PRO A CG  1 
ATOM   935  C  CD  . PRO A 1 119 ? 6.483   10.530  -6.125  1.00 18.19 ? 289 PRO A CD  1 
ATOM   936  N  N   . LEU A 1 120 ? 3.186   9.391   -4.485  1.00 14.33 ? 290 LEU A N   1 
ATOM   937  C  CA  . LEU A 1 120 ? 1.968   8.678   -4.115  1.00 14.17 ? 290 LEU A CA  1 
ATOM   938  C  C   . LEU A 1 120 ? 2.255   7.754   -2.922  1.00 13.48 ? 290 LEU A C   1 
ATOM   939  O  O   . LEU A 1 120 ? 1.472   7.745   -1.933  1.00 12.63 ? 290 LEU A O   1 
ATOM   940  C  CB  . LEU A 1 120 ? 1.425   7.881   -5.312  1.00 15.13 ? 290 LEU A CB  1 
ATOM   941  C  CG  . LEU A 1 120 ? 0.264   6.914   -5.052  1.00 16.32 ? 290 LEU A CG  1 
ATOM   942  C  CD1 . LEU A 1 120 ? -1.002  7.689   -4.775  1.00 17.81 ? 290 LEU A CD1 1 
ATOM   943  C  CD2 . LEU A 1 120 ? 0.119   5.971   -6.237  1.00 17.43 ? 290 LEU A CD2 1 
ATOM   944  N  N   . ALA A 1 121 ? 3.349   6.989   -2.997  1.00 13.41 ? 291 ALA A N   1 
ATOM   945  C  CA  . ALA A 1 121 ? 3.699   6.077   -1.912  1.00 12.84 ? 291 ALA A CA  1 
ATOM   946  C  C   . ALA A 1 121 ? 3.932   6.831   -0.606  1.00 12.95 ? 291 ALA A C   1 
ATOM   947  O  O   . ALA A 1 121 ? 3.529   6.379   0.465   1.00 12.63 ? 291 ALA A O   1 
ATOM   948  C  CB  . ALA A 1 121 ? 4.918   5.253   -2.267  1.00 13.14 ? 291 ALA A CB  1 
ATOM   949  N  N   . GLU A 1 122 ? 4.605   7.967   -0.691  1.00 12.93 ? 292 GLU A N   1 
ATOM   950  C  CA  . GLU A 1 122 ? 4.813   8.815   0.482   1.00 14.48 ? 292 GLU A CA  1 
ATOM   951  C  C   . GLU A 1 122 ? 3.490   9.295   1.087   1.00 12.91 ? 292 GLU A C   1 
ATOM   952  O  O   . GLU A 1 122 ? 3.337   9.335   2.297   1.00 11.82 ? 292 GLU A O   1 
ATOM   953  C  CB  . GLU A 1 122 ? 5.671   10.022  0.090   1.00 18.99 ? 292 GLU A CB  1 
ATOM   954  C  CG  . GLU A 1 122 ? 6.105   10.902  1.241   1.00 23.57 ? 292 GLU A CG  1 
ATOM   955  C  CD  . GLU A 1 122 ? 7.166   11.914  0.818   1.00 29.35 ? 292 GLU A CD  1 
ATOM   956  O  OE1 . GLU A 1 122 ? 7.138   12.367  -0.349  1.00 35.05 ? 292 GLU A OE1 1 
ATOM   957  O  OE2 . GLU A 1 122 ? 8.026   12.255  1.656   1.00 35.61 ? 292 GLU A OE2 1 
ATOM   958  N  N   . SER A 1 123 ? 2.548   9.685   0.233   1.00 12.59 ? 293 SER A N   1 
ATOM   959  C  CA  . SER A 1 123 ? 1.256   10.178  0.683   1.00 12.68 ? 293 SER A CA  1 
ATOM   960  C  C   . SER A 1 123 ? 0.474   9.091   1.417   1.00 11.31 ? 293 SER A C   1 
ATOM   961  O  O   . SER A 1 123 ? -0.121  9.333   2.461   1.00 11.31 ? 293 SER A O   1 
ATOM   962  C  CB  . SER A 1 123 ? 0.427   10.699  -0.499  1.00 15.64 ? 293 SER A CB  1 
ATOM   963  O  OG  . SER A 1 123 ? 1.028   11.874  -1.011  1.00 21.52 ? 293 SER A OG  1 
ATOM   964  N  N   . ILE A 1 124 ? 0.483   7.883   0.876   1.00 10.34 ? 294 ILE A N   1 
ATOM   965  C  CA  . ILE A 1 124 ? -0.202  6.778   1.499   1.00 9.54  ? 294 ILE A CA  1 
ATOM   966  C  C   . ILE A 1 124 ? 0.432   6.457   2.860   1.00 9.14  ? 294 ILE A C   1 
ATOM   967  O  O   . ILE A 1 124 ? -0.263  6.267   3.854   1.00 8.59  ? 294 ILE A O   1 
ATOM   968  C  CB  . ILE A 1 124 ? -0.139  5.533   0.604   1.00 9.92  ? 294 ILE A CB  1 
ATOM   969  C  CG1 . ILE A 1 124 ? -0.947  5.756   -0.671  1.00 9.76  ? 294 ILE A CG1 1 
ATOM   970  C  CG2 . ILE A 1 124 ? -0.678  4.313   1.352   1.00 9.38  ? 294 ILE A CG2 1 
ATOM   971  C  CD1 . ILE A 1 124 ? -0.656  4.721   -1.730  1.00 11.32 ? 294 ILE A CD1 1 
ATOM   972  N  N   . THR A 1 125 ? 1.756   6.425   2.892   1.00 8.99  ? 295 THR A N   1 
ATOM   973  C  CA  . THR A 1 125 ? 2.485   6.175   4.132   1.00 9.18  ? 295 THR A CA  1 
ATOM   974  C  C   . THR A 1 125 ? 2.171   7.235   5.180   1.00 9.84  ? 295 THR A C   1 
ATOM   975  O  O   . THR A 1 125 ? 1.967   6.908   6.361   1.00 9.73  ? 295 THR A O   1 
ATOM   976  C  CB  . THR A 1 125 ? 4.002   6.100   3.884   1.00 9.25  ? 295 THR A CB  1 
ATOM   977  O  OG1 . THR A 1 125 ? 4.279   5.122   2.869   1.00 9.69  ? 295 THR A OG1 1 
ATOM   978  C  CG2 . THR A 1 125 ? 4.728   5.705   5.157   1.00 9.87  ? 295 THR A CG2 1 
ATOM   979  N  N   . ASP A 1 126 ? 2.152   8.503   4.759   1.00 10.35 ? 296 ASP A N   1 
ATOM   980  C  CA  . ASP A 1 126 ? 1.813   9.596   5.673   1.00 11.64 ? 296 ASP A CA  1 
ATOM   981  C  C   . ASP A 1 126 ? 0.442   9.386   6.284   1.00 10.92 ? 296 ASP A C   1 
ATOM   982  O  O   . ASP A 1 126 ? 0.253   9.484   7.495   1.00 11.19 ? 296 ASP A O   1 
ATOM   983  C  CB  . ASP A 1 126 ? 1.837   10.947  4.959   1.00 13.68 ? 296 ASP A CB  1 
ATOM   984  C  CG  . ASP A 1 126 ? 3.234   11.456  4.697   1.00 16.71 ? 296 ASP A CG  1 
ATOM   985  O  OD1 . ASP A 1 126 ? 4.207   10.968  5.317   1.00 18.43 ? 296 ASP A OD1 1 
ATOM   986  O  OD2 . ASP A 1 126 ? 3.348   12.363  3.849   1.00 21.58 ? 296 ASP A OD2 1 
ATOM   987  N  N   . VAL A 1 127 ? -0.535  9.077   5.449   1.00 10.09 ? 297 VAL A N   1 
ATOM   988  C  CA  . VAL A 1 127 ? -1.877  8.874   5.951   1.00 10.48 ? 297 VAL A CA  1 
ATOM   989  C  C   . VAL A 1 127 ? -1.911  7.688   6.933   1.00 10.52 ? 297 VAL A C   1 
ATOM   990  O  O   . VAL A 1 127 ? -2.458  7.797   8.025   1.00 10.55 ? 297 VAL A O   1 
ATOM   991  C  CB  . VAL A 1 127 ? -2.883  8.705   4.806   1.00 10.72 ? 297 VAL A CB  1 
ATOM   992  C  CG1 . VAL A 1 127 ? -4.225  8.196   5.334   1.00 12.78 ? 297 VAL A CG1 1 
ATOM   993  C  CG2 . VAL A 1 127 ? -3.057  10.030  4.063   1.00 11.68 ? 297 VAL A CG2 1 
ATOM   994  N  N   . LEU A 1 128 ? -1.314  6.564   6.560   1.00 9.24  ? 298 LEU A N   1 
ATOM   995  C  CA  . LEU A 1 128 ? -1.354  5.367   7.383   1.00 8.82  ? 298 LEU A CA  1 
ATOM   996  C  C   . LEU A 1 128 ? -0.651  5.581   8.714   1.00 9.03  ? 298 LEU A C   1 
ATOM   997  O  O   . LEU A 1 128 ? -1.229  5.388   9.773   1.00 9.27  ? 298 LEU A O   1 
ATOM   998  C  CB  . LEU A 1 128 ? -0.710  4.197   6.637   1.00 8.93  ? 298 LEU A CB  1 
ATOM   999  C  CG  . LEU A 1 128 ? -0.611  2.902   7.425   1.00 8.98  ? 298 LEU A CG  1 
ATOM   1000 C  CD1 . LEU A 1 128 ? -1.984  2.399   7.840   1.00 9.20  ? 298 LEU A CD1 1 
ATOM   1001 C  CD2 . LEU A 1 128 ? 0.082   1.861   6.563   1.00 10.07 ? 298 LEU A CD2 1 
ATOM   1002 N  N   . VAL A 1 129 ? 0.606   5.979   8.660   1.00 8.63  ? 299 VAL A N   1 
ATOM   1003 C  CA  . VAL A 1 129 ? 1.407   6.053   9.875   1.00 9.07  ? 299 VAL A CA  1 
ATOM   1004 C  C   . VAL A 1 129 ? 1.003   7.250   10.732  1.00 9.77  ? 299 VAL A C   1 
ATOM   1005 O  O   . VAL A 1 129 ? 0.909   7.129   11.953  1.00 10.18 ? 299 VAL A O   1 
ATOM   1006 C  CB  . VAL A 1 129 ? 2.916   6.072   9.567   1.00 9.35  ? 299 VAL A CB  1 
ATOM   1007 C  CG1 . VAL A 1 129 ? 3.710   6.246   10.855  1.00 10.41 ? 299 VAL A CG1 1 
ATOM   1008 C  CG2 . VAL A 1 129 ? 3.324   4.788   8.851   1.00 10.03 ? 299 VAL A CG2 1 
ATOM   1009 N  N   . ARG A 1 130 ? 0.746   8.396   10.119  1.00 10.37 ? 300 ARG A N   1 
ATOM   1010 C  CA  . ARG A 1 130 ? 0.518   9.599   10.902  1.00 11.55 ? 300 ARG A CA  1 
ATOM   1011 C  C   . ARG A 1 130 ? -0.896  9.667   11.455  1.00 10.88 ? 300 ARG A C   1 
ATOM   1012 O  O   . ARG A 1 130 ? -1.109  10.367  12.431  1.00 12.82 ? 300 ARG A O   1 
ATOM   1013 C  CB  . ARG A 1 130 ? 0.978   10.866  10.149  1.00 14.14 ? 300 ARG A CB  1 
ATOM   1014 C  CG  . ARG A 1 130 ? 2.440   10.696  9.710   1.00 17.86 ? 300 ARG A CG  1 
ATOM   1015 C  CD  . ARG A 1 130 ? 3.145   11.954  9.251   1.00 21.91 ? 300 ARG A CD  1 
ATOM   1016 N  NE  . ARG A 1 130 ? 4.468   11.688  8.682   1.00 25.35 ? 300 ARG A NE  1 
ATOM   1017 C  CZ  . ARG A 1 130 ? 5.572   11.395  9.380   1.00 27.69 ? 300 ARG A CZ  1 
ATOM   1018 N  NH1 . ARG A 1 130 ? 5.551   11.284  10.705  1.00 28.57 ? 300 ARG A NH1 1 
ATOM   1019 N  NH2 . ARG A 1 130 ? 6.711   11.188  8.729   1.00 28.23 ? 300 ARG A NH2 1 
ATOM   1020 N  N   . THR A 1 131 ? -1.860  8.922   10.903  1.00 9.96  ? 301 THR A N   1 
ATOM   1021 C  CA  . THR A 1 131 ? -3.202  8.904   11.470  1.00 9.83  ? 301 THR A CA  1 
ATOM   1022 C  C   . THR A 1 131 ? -3.547  7.651   12.275  1.00 10.35 ? 301 THR A C   1 
ATOM   1023 O  O   . THR A 1 131 ? -4.514  7.657   13.030  1.00 11.71 ? 301 THR A O   1 
ATOM   1024 C  CB  . THR A 1 131 ? -4.336  9.203   10.441  1.00 9.82  ? 301 THR A CB  1 
ATOM   1025 O  OG1 . THR A 1 131 ? -4.577  8.091   9.559   1.00 9.72  ? 301 THR A OG1 1 
ATOM   1026 C  CG2 . THR A 1 131 ? -3.991  10.470  9.640   1.00 10.24 ? 301 THR A CG2 1 
ATOM   1027 N  N   . LYS A 1 132 ? -2.759  6.578   12.140  1.00 9.51  ? 302 LYS A N   1 
ATOM   1028 C  CA  . LYS A 1 132 ? -3.047  5.314   12.812  1.00 9.87  ? 302 LYS A CA  1 
ATOM   1029 C  C   . LYS A 1 132 ? -1.867  4.739   13.593  1.00 9.84  ? 302 LYS A C   1 
ATOM   1030 O  O   . LYS A 1 132 ? -1.836  3.546   13.858  1.00 10.05 ? 302 LYS A O   1 
ATOM   1031 C  CB  . LYS A 1 132 ? -3.536  4.269   11.813  1.00 10.58 ? 302 LYS A CB  1 
ATOM   1032 C  CG  . LYS A 1 132 ? -4.727  4.688   10.979  1.00 11.16 ? 302 LYS A CG  1 
ATOM   1033 C  CD  . LYS A 1 132 ? -5.972  4.946   11.813  1.00 13.14 ? 302 LYS A CD  1 
ATOM   1034 C  CE  . LYS A 1 132 ? -7.097  5.498   10.947  1.00 14.41 ? 302 LYS A CE  1 
ATOM   1035 N  NZ  . LYS A 1 132 ? -8.204  6.015   11.809  1.00 18.09 ? 302 LYS A NZ  1 
ATOM   1036 N  N   . ARG A 1 133 ? -0.906  5.576   13.984  1.00 10.86 ? 303 ARG A N   1 
ATOM   1037 C  CA  . ARG A 1 133 ? 0.254   5.065   14.725  1.00 11.63 ? 303 ARG A CA  1 
ATOM   1038 C  C   . ARG A 1 133 ? -0.123  4.255   15.960  1.00 12.28 ? 303 ARG A C   1 
ATOM   1039 O  O   . ARG A 1 133 ? 0.434   3.179   16.162  1.00 12.69 ? 303 ARG A O   1 
ATOM   1040 C  CB  . ARG A 1 133 ? 1.229   6.167   15.137  1.00 11.94 ? 303 ARG A CB  1 
ATOM   1041 C  CG  . ARG A 1 133 ? 2.531   5.593   15.708  1.00 12.04 ? 303 ARG A CG  1 
ATOM   1042 C  CD  . ARG A 1 133 ? 3.490   6.667   16.142  1.00 11.99 ? 303 ARG A CD  1 
ATOM   1043 N  NE  . ARG A 1 133 ? 3.873   7.561   15.059  1.00 12.18 ? 303 ARG A NE  1 
ATOM   1044 C  CZ  . ARG A 1 133 ? 4.908   7.397   14.239  1.00 11.84 ? 303 ARG A CZ  1 
ATOM   1045 N  NH1 . ARG A 1 133 ? 5.696   6.324   14.311  1.00 13.23 ? 303 ARG A NH1 1 
ATOM   1046 N  NH2 . ARG A 1 133 ? 5.149   8.310   13.325  1.00 11.67 ? 303 ARG A NH2 1 
ATOM   1047 N  N   . ASP A 1 134 ? -1.039  4.762   16.782  1.00 13.92 ? 304 ASP A N   1 
ATOM   1048 C  CA  . ASP A 1 134 ? -1.388  4.071   18.022  1.00 14.81 ? 304 ASP A CA  1 
ATOM   1049 C  C   . ASP A 1 134 ? -1.891  2.659   17.743  1.00 12.54 ? 304 ASP A C   1 
ATOM   1050 O  O   . ASP A 1 134 ? -1.496  1.684   18.396  1.00 12.43 ? 304 ASP A O   1 
ATOM   1051 C  CB  . ASP A 1 134 ? -2.456  4.856   18.797  1.00 18.51 ? 304 ASP A CB  1 
ATOM   1052 C  CG  . ASP A 1 134 ? -1.907  6.089   19.459  1.00 25.04 ? 304 ASP A CG  1 
ATOM   1053 O  OD1 . ASP A 1 134 ? -0.671  6.263   19.483  1.00 30.14 ? 304 ASP A OD1 1 
ATOM   1054 O  OD2 . ASP A 1 134 ? -2.720  6.878   19.987  1.00 32.66 ? 304 ASP A OD2 1 
ATOM   1055 N  N   . TRP A 1 135 ? -2.773  2.539   16.758  1.00 10.72 ? 305 TRP A N   1 
ATOM   1056 C  CA  . TRP A 1 135 ? -3.303  1.245   16.397  1.00 10.39 ? 305 TRP A CA  1 
ATOM   1057 C  C   . TRP A 1 135 ? -2.209  0.325   15.877  1.00 10.45 ? 305 TRP A C   1 
ATOM   1058 O  O   . TRP A 1 135 ? -2.129  -0.851  16.238  1.00 10.49 ? 305 TRP A O   1 
ATOM   1059 C  CB  . TRP A 1 135 ? -4.408  1.419   15.343  1.00 10.66 ? 305 TRP A CB  1 
ATOM   1060 C  CG  . TRP A 1 135 ? -5.193  0.177   15.046  1.00 10.98 ? 305 TRP A CG  1 
ATOM   1061 C  CD1 . TRP A 1 135 ? -6.400  -0.226  15.616  1.00 11.65 ? 305 TRP A CD1 1 
ATOM   1062 C  CD2 . TRP A 1 135 ? -4.853  -0.888  14.085  1.00 10.50 ? 305 TRP A CD2 1 
ATOM   1063 N  NE1 . TRP A 1 135 ? -6.808  -1.428  15.111  1.00 12.02 ? 305 TRP A NE1 1 
ATOM   1064 C  CE2 . TRP A 1 135 ? -5.928  -1.884  14.178  1.00 10.98 ? 305 TRP A CE2 1 
ATOM   1065 C  CE3 . TRP A 1 135 ? -3.803  -1.113  13.210  1.00 10.87 ? 305 TRP A CE3 1 
ATOM   1066 C  CZ2 . TRP A 1 135 ? -5.931  -3.034  13.404  1.00 11.22 ? 305 TRP A CZ2 1 
ATOM   1067 C  CZ3 . TRP A 1 135 ? -3.814  -2.275  12.441  1.00 10.78 ? 305 TRP A CZ3 1 
ATOM   1068 C  CH2 . TRP A 1 135 ? -4.851  -3.205  12.528  1.00 11.00 ? 305 TRP A CH2 1 
ATOM   1069 N  N   . LEU A 1 136 ? -1.384  0.849   14.978  1.00 10.01 ? 306 LEU A N   1 
ATOM   1070 C  CA  . LEU A 1 136 ? -0.303  0.061   14.380  1.00 9.93  ? 306 LEU A CA  1 
ATOM   1071 C  C   . LEU A 1 136 ? 0.627   -0.464  15.476  1.00 10.35 ? 306 LEU A C   1 
ATOM   1072 O  O   . LEU A 1 136 ? 0.989   -1.638  15.458  1.00 10.82 ? 306 LEU A O   1 
ATOM   1073 C  CB  . LEU A 1 136 ? 0.465   0.893   13.345  1.00 10.01 ? 306 LEU A CB  1 
ATOM   1074 C  CG  . LEU A 1 136 ? -0.313  1.198   12.050  1.00 9.49  ? 306 LEU A CG  1 
ATOM   1075 C  CD1 . LEU A 1 136 ? 0.332   2.348   11.280  1.00 10.81 ? 306 LEU A CD1 1 
ATOM   1076 C  CD2 . LEU A 1 136 ? -0.444  -0.058  11.184  1.00 10.86 ? 306 LEU A CD2 1 
ATOM   1077 N  N   . VAL A 1 137 ? 0.998   0.393   16.423  1.00 10.81 ? 307 VAL A N   1 
ATOM   1078 C  CA  . VAL A 1 137 ? 1.904   -0.034  17.510  1.00 11.76 ? 307 VAL A CA  1 
ATOM   1079 C  C   . VAL A 1 137 ? 1.230   -1.127  18.359  1.00 12.02 ? 307 VAL A C   1 
ATOM   1080 O  O   . VAL A 1 137 ? 1.833   -2.160  18.659  1.00 11.82 ? 307 VAL A O   1 
ATOM   1081 C  CB  . VAL A 1 137 ? 2.312   1.161   18.385  1.00 12.07 ? 307 VAL A CB  1 
ATOM   1082 C  CG1 . VAL A 1 137 ? 2.965   0.688   19.689  1.00 13.92 ? 307 VAL A CG1 1 
ATOM   1083 C  CG2 . VAL A 1 137 ? 3.230   2.090   17.602  1.00 12.78 ? 307 VAL A CG2 1 
ATOM   1084 N  N   . LYS A 1 138 ? -0.029  -0.918  18.717  1.00 12.07 ? 308 LYS A N   1 
ATOM   1085 C  CA  . LYS A 1 138 ? -0.788  -1.911  19.505  1.00 13.59 ? 308 LYS A CA  1 
ATOM   1086 C  C   . LYS A 1 138 ? -0.921  -3.252  18.782  1.00 13.11 ? 308 LYS A C   1 
ATOM   1087 O  O   . LYS A 1 138 ? -0.978  -4.304  19.421  1.00 13.81 ? 308 LYS A O   1 
ATOM   1088 C  CB  . LYS A 1 138 ? -2.170  -1.369  19.885  1.00 16.31 ? 308 LYS A CB  1 
ATOM   1089 C  CG  . LYS A 1 138 ? -3.022  -2.311  20.729  1.00 20.66 ? 308 LYS A CG  1 
ATOM   1090 C  CD  . LYS A 1 138 ? -4.131  -1.585  21.491  1.00 25.38 ? 308 LYS A CD  1 
ATOM   1091 C  CE  . LYS A 1 138 ? -4.904  -2.528  22.407  1.00 28.29 ? 308 LYS A CE  1 
ATOM   1092 N  NZ  . LYS A 1 138 ? -6.135  -1.901  22.972  1.00 31.91 ? 308 LYS A NZ  1 
ATOM   1093 N  N   . GLN A 1 139 ? -0.960  -3.219  17.448  1.00 12.00 ? 309 GLN A N   1 
ATOM   1094 C  CA  . GLN A 1 139 ? -1.068  -4.421  16.640  1.00 12.90 ? 309 GLN A CA  1 
ATOM   1095 C  C   . GLN A 1 139 ? 0.284   -4.995  16.184  1.00 12.81 ? 309 GLN A C   1 
ATOM   1096 O  O   . GLN A 1 139 ? 0.325   -5.843  15.301  1.00 12.82 ? 309 GLN A O   1 
ATOM   1097 C  CB  . GLN A 1 139 ? -1.978  -4.142  15.422  1.00 14.85 ? 309 GLN A CB  1 
ATOM   1098 C  CG  . GLN A 1 139 ? -3.449  -3.883  15.759  1.00 17.11 ? 309 GLN A CG  1 
ATOM   1099 C  CD  . GLN A 1 139 ? -4.124  -4.950  16.588  1.00 21.50 ? 309 GLN A CD  1 
ATOM   1100 O  OE1 . GLN A 1 139 ? -3.931  -6.158  16.376  1.00 26.15 ? 309 GLN A OE1 1 
ATOM   1101 N  NE2 . GLN A 1 139 ? -4.942  -4.514  17.542  1.00 24.36 ? 309 GLN A NE2 1 
ATOM   1102 N  N   . ARG A 1 140 ? 1.369   -4.526  16.810  1.00 12.14 ? 310 ARG A N   1 
ATOM   1103 C  CA  . ARG A 1 140 ? 2.735   -5.037  16.602  1.00 12.15 ? 310 ARG A CA  1 
ATOM   1104 C  C   . ARG A 1 140 ? 3.299   -4.674  15.239  1.00 11.37 ? 310 ARG A C   1 
ATOM   1105 O  O   . ARG A 1 140 ? 4.220   -5.325  14.725  1.00 11.29 ? 310 ARG A O   1 
ATOM   1106 C  CB  . ARG A 1 140 ? 2.837   -6.555  16.869  1.00 13.88 ? 310 ARG A CB  1 
ATOM   1107 C  CG  . ARG A 1 140 ? 2.661   -6.947  18.336  1.00 15.99 ? 310 ARG A CG  1 
ATOM   1108 C  CD  . ARG A 1 140 ? 2.581   -8.463  18.547  1.00 18.02 ? 310 ARG A CD  1 
ATOM   1109 N  NE  . ARG A 1 140 ? 3.588   -9.237  17.801  1.00 19.89 ? 310 ARG A NE  1 
ATOM   1110 C  CZ  . ARG A 1 140 ? 4.860   -9.410  18.163  1.00 22.17 ? 310 ARG A CZ  1 
ATOM   1111 N  NH1 . ARG A 1 140 ? 5.346   -8.855  19.268  1.00 21.63 ? 310 ARG A NH1 1 
ATOM   1112 N  NH2 . ARG A 1 140 ? 5.670   -10.132 17.400  1.00 25.17 ? 310 ARG A NH2 1 
ATOM   1113 N  N   . GLY A 1 141 ? 2.800   -3.585  14.659  1.00 11.25 ? 311 GLY A N   1 
ATOM   1114 C  CA  . GLY A 1 141 ? 3.387   -3.076  13.429  1.00 10.87 ? 311 GLY A CA  1 
ATOM   1115 C  C   . GLY A 1 141 ? 3.427   -4.086  12.295  1.00 10.33 ? 311 GLY A C   1 
ATOM   1116 O  O   . GLY A 1 141 ? 2.525   -4.912  12.165  1.00 9.74  ? 311 GLY A O   1 
ATOM   1117 N  N   . TRP A 1 142 ? 4.489   -4.055  11.493  1.00 9.94  ? 312 TRP A N   1 
ATOM   1118 C  CA  . TRP A 1 142 ? 4.600   -4.943  10.346  1.00 9.96  ? 312 TRP A CA  1 
ATOM   1119 C  C   . TRP A 1 142 ? 4.836   -6.374  10.742  1.00 10.62 ? 312 TRP A C   1 
ATOM   1120 O  O   . TRP A 1 142 ? 4.457   -7.275  9.999   1.00 11.37 ? 312 TRP A O   1 
ATOM   1121 C  CB  . TRP A 1 142 ? 5.641   -4.434  9.350   1.00 9.94  ? 312 TRP A CB  1 
ATOM   1122 C  CG  . TRP A 1 142 ? 5.164   -3.171  8.718   1.00 10.52 ? 312 TRP A CG  1 
ATOM   1123 C  CD1 . TRP A 1 142 ? 5.553   -1.874  9.004   1.00 10.58 ? 312 TRP A CD1 1 
ATOM   1124 C  CD2 . TRP A 1 142 ? 4.136   -3.049  7.691   1.00 11.08 ? 312 TRP A CD2 1 
ATOM   1125 N  NE1 . TRP A 1 142 ? 4.858   -0.980  8.239   1.00 10.66 ? 312 TRP A NE1 1 
ATOM   1126 C  CE2 . TRP A 1 142 ? 3.992   -1.632  7.429   1.00 11.09 ? 312 TRP A CE2 1 
ATOM   1127 C  CE3 . TRP A 1 142 ? 3.341   -3.954  7.000   1.00 11.36 ? 312 TRP A CE3 1 
ATOM   1128 C  CZ2 . TRP A 1 142 ? 3.098   -1.148  6.486   1.00 11.77 ? 312 TRP A CZ2 1 
ATOM   1129 C  CZ3 . TRP A 1 142 ? 2.442   -3.461  6.059   1.00 12.23 ? 312 TRP A CZ3 1 
ATOM   1130 C  CH2 . TRP A 1 142 ? 2.327   -2.090  5.811   1.00 12.40 ? 312 TRP A CH2 1 
ATOM   1131 N  N   . ASP A 1 143 ? 5.408   -6.618  11.918  1.00 11.50 ? 313 ASP A N   1 
ATOM   1132 C  CA  . ASP A 1 143 ? 5.474   -7.997  12.429  1.00 13.12 ? 313 ASP A CA  1 
ATOM   1133 C  C   . ASP A 1 143 ? 4.067   -8.536  12.662  1.00 12.59 ? 313 ASP A C   1 
ATOM   1134 O  O   . ASP A 1 143 ? 3.775   -9.697  12.305  1.00 13.36 ? 313 ASP A O   1 
ATOM   1135 C  CB  . ASP A 1 143 ? 6.292   -8.062  13.720  1.00 15.08 ? 313 ASP A CB  1 
ATOM   1136 C  CG  . ASP A 1 143 ? 7.788   -7.902  13.471  1.00 21.19 ? 313 ASP A CG  1 
ATOM   1137 O  OD1 . ASP A 1 143 ? 8.302   -8.504  12.514  1.00 27.06 ? 313 ASP A OD1 1 
ATOM   1138 O  OD2 . ASP A 1 143 ? 8.448   -7.186  14.238  1.00 30.30 ? 313 ASP A OD2 1 
ATOM   1139 N  N   . GLY A 1 144 ? 3.190   -7.695  13.220  1.00 11.80 ? 314 GLY A N   1 
ATOM   1140 C  CA  . GLY A 1 144 ? 1.796   -8.059  13.420  1.00 10.95 ? 314 GLY A CA  1 
ATOM   1141 C  C   . GLY A 1 144 ? 1.069   -8.324  12.112  1.00 10.68 ? 314 GLY A C   1 
ATOM   1142 O  O   . GLY A 1 144 ? 0.268   -9.233  12.030  1.00 10.93 ? 314 GLY A O   1 
ATOM   1143 N  N   . PHE A 1 145 ? 1.316   -7.479  11.131  1.00 9.67  ? 315 PHE A N   1 
ATOM   1144 C  CA  . PHE A 1 145 ? 0.745   -7.652  9.790   1.00 10.14 ? 315 PHE A CA  1 
ATOM   1145 C  C   . PHE A 1 145 ? 1.102   -9.014  9.232   1.00 10.76 ? 315 PHE A C   1 
ATOM   1146 O  O   . PHE A 1 145 ? 0.229   -9.743  8.746   1.00 10.38 ? 315 PHE A O   1 
ATOM   1147 C  CB  . PHE A 1 145 ? 1.284   -6.550  8.879   1.00 10.11 ? 315 PHE A CB  1 
ATOM   1148 C  CG  . PHE A 1 145 ? 0.872   -6.662  7.447   1.00 10.38 ? 315 PHE A CG  1 
ATOM   1149 C  CD1 . PHE A 1 145 ? -0.379  -6.243  7.036   1.00 10.42 ? 315 PHE A CD1 1 
ATOM   1150 C  CD2 . PHE A 1 145 ? 1.766   -7.100  6.497   1.00 10.05 ? 315 PHE A CD2 1 
ATOM   1151 C  CE1 . PHE A 1 145 ? -0.738  -6.292  5.706   1.00 10.37 ? 315 PHE A CE1 1 
ATOM   1152 C  CE2 . PHE A 1 145 ? 1.412   -7.146  5.164   1.00 10.25 ? 315 PHE A CE2 1 
ATOM   1153 C  CZ  . PHE A 1 145 ? 0.155   -6.752  4.767   1.00 10.36 ? 315 PHE A CZ  1 
ATOM   1154 N  N   . VAL A 1 146 ? 2.391   -9.335  9.257   1.00 11.45 ? 316 VAL A N   1 
ATOM   1155 C  CA  . VAL A 1 146 ? 2.849   -10.623 8.754   1.00 11.74 ? 316 VAL A CA  1 
ATOM   1156 C  C   . VAL A 1 146 ? 2.220   -11.785 9.544   1.00 12.76 ? 316 VAL A C   1 
ATOM   1157 O  O   . VAL A 1 146 ? 1.728   -12.754 8.939   1.00 13.08 ? 316 VAL A O   1 
ATOM   1158 C  CB  . VAL A 1 146 ? 4.385   -10.716 8.771   1.00 12.27 ? 316 VAL A CB  1 
ATOM   1159 C  CG1 . VAL A 1 146 ? 4.815   -12.145 8.450   1.00 13.72 ? 316 VAL A CG1 1 
ATOM   1160 C  CG2 . VAL A 1 146 ? 5.014   -9.720  7.807   1.00 12.71 ? 316 VAL A CG2 1 
ATOM   1161 N  N   . GLU A 1 147 ? 2.186   -11.683 10.870  1.00 12.81 ? 317 GLU A N   1 
ATOM   1162 C  CA  . GLU A 1 147 ? 1.563   -12.705 11.715  1.00 14.65 ? 317 GLU A CA  1 
ATOM   1163 C  C   . GLU A 1 147 ? 0.068   -12.866 11.388  1.00 14.80 ? 317 GLU A C   1 
ATOM   1164 O  O   . GLU A 1 147 ? -0.458  -13.978 11.335  1.00 15.82 ? 317 GLU A O   1 
ATOM   1165 C  CB  . GLU A 1 147 ? 1.745   -12.382 13.221  1.00 16.98 ? 317 GLU A CB  1 
ATOM   1166 C  CG  . GLU A 1 147 ? 3.182   -12.529 13.711  1.00 19.98 ? 317 GLU A CG  1 
ATOM   1167 C  CD  . GLU A 1 147 ? 3.532   -11.730 14.975  1.00 24.50 ? 317 GLU A CD  1 
ATOM   1168 O  OE1 . GLU A 1 147 ? 2.689   -10.987 15.535  1.00 25.72 ? 317 GLU A OE1 1 
ATOM   1169 O  OE2 . GLU A 1 147 ? 4.700   -11.828 15.418  1.00 27.11 ? 317 GLU A OE2 1 
ATOM   1170 N  N   . PHE A 1 148 ? -0.614  -11.751 11.157  1.00 13.16 ? 318 PHE A N   1 
ATOM   1171 C  CA  . PHE A 1 148 ? -2.066  -11.774 10.977  1.00 13.47 ? 318 PHE A CA  1 
ATOM   1172 C  C   . PHE A 1 148 ? -2.434  -12.556 9.723   1.00 13.25 ? 318 PHE A C   1 
ATOM   1173 O  O   . PHE A 1 148 ? -3.407  -13.320 9.727   1.00 15.27 ? 318 PHE A O   1 
ATOM   1174 C  CB  . PHE A 1 148 ? -2.593  -10.339 10.867  1.00 12.55 ? 318 PHE A CB  1 
ATOM   1175 C  CG  . PHE A 1 148 ? -4.097  -10.233 10.761  1.00 12.37 ? 318 PHE A CG  1 
ATOM   1176 C  CD1 . PHE A 1 148 ? -4.895  -10.348 11.877  1.00 13.23 ? 318 PHE A CD1 1 
ATOM   1177 C  CD2 . PHE A 1 148 ? -4.703  -9.983  9.536   1.00 12.46 ? 318 PHE A CD2 1 
ATOM   1178 C  CE1 . PHE A 1 148 ? -6.279  -10.230 11.785  1.00 13.15 ? 318 PHE A CE1 1 
ATOM   1179 C  CE2 . PHE A 1 148 ? -6.073  -9.871  9.437   1.00 12.34 ? 318 PHE A CE2 1 
ATOM   1180 C  CZ  . PHE A 1 148 ? -6.865  -10.003 10.553  1.00 12.58 ? 318 PHE A CZ  1 
ATOM   1181 N  N   . PHE A 1 149 ? -1.658  -12.392 8.663   1.00 13.82 ? 319 PHE A N   1 
ATOM   1182 C  CA  . PHE A 1 149 ? -1.946  -13.020 7.371   1.00 14.25 ? 319 PHE A CA  1 
ATOM   1183 C  C   . PHE A 1 149 ? -1.165  -14.323 7.117   1.00 17.43 ? 319 PHE A C   1 
ATOM   1184 O  O   . PHE A 1 149 ? -1.229  -14.902 6.017   1.00 19.59 ? 319 PHE A O   1 
ATOM   1185 C  CB  . PHE A 1 149 ? -1.664  -12.032 6.245   1.00 13.41 ? 319 PHE A CB  1 
ATOM   1186 C  CG  . PHE A 1 149 ? -2.657  -10.916 6.162   1.00 12.65 ? 319 PHE A CG  1 
ATOM   1187 C  CD1 . PHE A 1 149 ? -3.933  -11.161 5.679   1.00 13.00 ? 319 PHE A CD1 1 
ATOM   1188 C  CD2 . PHE A 1 149 ? -2.324  -9.620  6.507   1.00 11.84 ? 319 PHE A CD2 1 
ATOM   1189 C  CE1 . PHE A 1 149 ? -4.858  -10.143 5.573   1.00 12.66 ? 319 PHE A CE1 1 
ATOM   1190 C  CE2 . PHE A 1 149 ? -3.250  -8.593  6.408   1.00 11.65 ? 319 PHE A CE2 1 
ATOM   1191 C  CZ  . PHE A 1 149 ? -4.519  -8.852  5.931   1.00 11.93 ? 319 PHE A CZ  1 
ATOM   1192 N  N   . HIS A 1 150 ? -0.420  -14.780 8.111   1.00 19.25 ? 320 HIS A N   1 
ATOM   1193 C  CA  . HIS A 1 150 ? 0.351   -16.008 7.970   1.00 21.68 ? 320 HIS A CA  1 
ATOM   1194 C  C   . HIS A 1 150 ? -0.546  -17.189 7.700   1.00 23.42 ? 320 HIS A C   1 
ATOM   1195 O  O   . HIS A 1 150 ? -1.532  -17.398 8.411   1.00 24.91 ? 320 HIS A O   1 
ATOM   1196 C  CB  . HIS A 1 150 ? 1.161   -16.254 9.236   1.00 23.02 ? 320 HIS A CB  1 
ATOM   1197 C  CG  . HIS A 1 150 ? 1.882   -17.573 9.237   1.00 24.55 ? 320 HIS A CG  1 
ATOM   1198 N  ND1 . HIS A 1 150 ? 2.991   -17.784 8.513   1.00 27.37 ? 320 HIS A ND1 1 
ATOM   1199 C  CD2 . HIS A 1 150 ? 1.598   -18.767 9.886   1.00 26.37 ? 320 HIS A CD2 1 
ATOM   1200 C  CE1 . HIS A 1 150 ? 3.407   -19.053 8.699   1.00 27.35 ? 320 HIS A CE1 1 
ATOM   1201 N  NE2 . HIS A 1 150 ? 2.550   -19.650 9.540   1.00 28.49 ? 320 HIS A NE2 1 
ATOM   1202 N  N   . VAL A 1 151 ? -0.208  -17.958 6.669   1.00 26.85 ? 321 VAL A N   1 
ATOM   1203 C  CA  . VAL A 1 151 ? -0.932  -19.188 6.346   1.00 31.21 ? 321 VAL A CA  1 
ATOM   1204 C  C   . VAL A 1 151 ? -0.080  -20.404 6.713   1.00 32.93 ? 321 VAL A C   1 
ATOM   1205 O  O   . VAL A 1 151 ? 1.085   -20.488 6.333   1.00 33.73 ? 321 VAL A O   1 
ATOM   1206 C  CB  . VAL A 1 151 ? -1.305  -19.247 4.854   1.00 32.83 ? 321 VAL A CB  1 
ATOM   1207 C  CG1 . VAL A 1 151 ? -2.084  -20.519 4.550   1.00 33.16 ? 321 VAL A CG1 1 
ATOM   1208 C  CG2 . VAL A 1 151 ? -2.118  -18.021 4.458   1.00 32.56 ? 321 VAL A CG2 1 
ATOM   1209 N  N   . GLU A 1 152 ? -0.665  -21.333 7.464   1.00 37.25 ? 322 GLU A N   1 
ATOM   1210 C  CA  . GLU A 1 152 ? 0.026   -22.570 7.838   1.00 43.03 ? 322 GLU A CA  1 
ATOM   1211 C  C   . GLU A 1 152 ? 0.132   -23.501 6.633   1.00 44.37 ? 322 GLU A C   1 
ATOM   1212 O  O   . GLU A 1 152 ? -0.721  -23.487 5.745   1.00 40.18 ? 322 GLU A O   1 
ATOM   1213 C  CB  . GLU A 1 152 ? -0.705  -23.294 8.979   1.00 46.20 ? 322 GLU A CB  1 
ATOM   1214 C  CG  . GLU A 1 152 ? -0.805  -22.512 10.286  1.00 50.26 ? 322 GLU A CG  1 
ATOM   1215 C  CD  . GLU A 1 152 ? 0.540   -22.230 10.940  1.00 54.62 ? 322 GLU A CD  1 
ATOM   1216 O  OE1 . GLU A 1 152 ? 1.543   -22.893 10.594  1.00 60.34 ? 322 GLU A OE1 1 
ATOM   1217 O  OE2 . GLU A 1 152 ? 0.593   -21.336 11.813  1.00 57.04 ? 322 GLU A OE2 1 
ATOM   1218 N  N   . ASP A 1 153 ? 1.192   -24.304 6.605   1.00 48.09 ? 323 ASP A N   1 
ATOM   1219 C  CA  . ASP A 1 153 ? 1.370   -25.301 5.552   1.00 50.04 ? 323 ASP A CA  1 
ATOM   1220 C  C   . ASP A 1 153 ? 0.304   -26.383 5.689   1.00 46.94 ? 323 ASP A C   1 
ATOM   1221 O  O   . ASP A 1 153 ? -0.045  -26.777 6.803   1.00 44.11 ? 323 ASP A O   1 
ATOM   1222 C  CB  . ASP A 1 153 ? 2.765   -25.928 5.633   1.00 53.88 ? 323 ASP A CB  1 
ATOM   1223 C  CG  . ASP A 1 153 ? 3.868   -24.950 5.267   1.00 57.83 ? 323 ASP A CG  1 
ATOM   1224 O  OD1 . ASP A 1 153 ? 3.803   -24.362 4.164   1.00 61.45 ? 323 ASP A OD1 1 
ATOM   1225 O  OD2 . ASP A 1 153 ? 4.803   -24.776 6.079   1.00 59.12 ? 323 ASP A OD2 1 
ATOM   1226 N  N   . LEU A 1 154 ? -0.218  -26.846 4.557   1.00 47.07 ? 324 LEU A N   1 
ATOM   1227 C  CA  . LEU A 1 154 ? -1.186  -27.939 4.540   1.00 46.01 ? 324 LEU A CA  1 
ATOM   1228 C  C   . LEU A 1 154 ? -0.456  -29.262 4.754   1.00 45.61 ? 324 LEU A C   1 
ATOM   1229 O  O   . LEU A 1 154 ? 0.666   -29.433 4.284   1.00 45.66 ? 324 LEU A O   1 
ATOM   1230 C  CB  . LEU A 1 154 ? -1.920  -27.990 3.195   1.00 45.56 ? 324 LEU A CB  1 
ATOM   1231 C  CG  . LEU A 1 154 ? -2.748  -26.769 2.798   1.00 46.44 ? 324 LEU A CG  1 
ATOM   1232 C  CD1 . LEU A 1 154 ? -3.162  -26.867 1.337   1.00 48.15 ? 324 LEU A CD1 1 
ATOM   1233 C  CD2 . LEU A 1 154 ? -3.959  -26.629 3.707   1.00 45.43 ? 324 LEU A CD2 1 
ATOM   1234 N  N   . GLU A 1 155 ? -1.100  -30.191 5.458   1.00 48.71 ? 325 GLU A N   1 
ATOM   1235 C  CA  . GLU A 1 155 ? -0.574  -31.552 5.602   1.00 52.44 ? 325 GLU A CA  1 
ATOM   1236 C  C   . GLU A 1 155 ? -0.696  -32.306 4.277   1.00 54.08 ? 325 GLU A C   1 
ATOM   1237 O  O   . GLU A 1 155 ? -1.546  -31.979 3.444   1.00 52.23 ? 325 GLU A O   1 
ATOM   1238 C  CB  . GLU A 1 155 ? -1.322  -32.311 6.702   1.00 54.47 ? 325 GLU A CB  1 
ATOM   1239 C  CG  . GLU A 1 155 ? -1.162  -31.717 8.096   1.00 57.97 ? 325 GLU A CG  1 
ATOM   1240 C  CD  . GLU A 1 155 ? -2.037  -32.398 9.138   1.00 60.94 ? 325 GLU A CD  1 
ATOM   1241 O  OE1 . GLU A 1 155 ? -2.602  -33.475 8.848   1.00 62.75 ? 325 GLU A OE1 1 
ATOM   1242 O  OE2 . GLU A 1 155 ? -2.160  -31.852 10.257  1.00 62.42 ? 325 GLU A OE2 1 
ATOM   1243 N  N   . GLY A 1 156 ? 0.166   -33.303 4.083   1.00 58.32 ? 326 GLY A N   1 
ATOM   1244 C  CA  . GLY A 1 156 ? 0.150   -34.131 2.874   1.00 59.67 ? 326 GLY A CA  1 
ATOM   1245 C  C   . GLY A 1 156 ? 0.852   -33.488 1.692   1.00 62.12 ? 326 GLY A C   1 
ATOM   1246 O  O   . GLY A 1 156 ? 0.828   -32.267 1.529   1.00 66.07 ? 326 GLY A O   1 
HETATM 1247 C  C4  . Q4V B 2 .   ? -10.002 6.386   -1.144  1.00 9.73  ? 401 Q4V A C4  1 
HETATM 1248 C  C3  . Q4V B 2 .   ? -9.932  6.933   -2.565  1.00 10.23 ? 401 Q4V A C3  1 
HETATM 1249 C  C2  . Q4V B 2 .   ? -8.573  7.557   -2.805  1.00 10.50 ? 401 Q4V A C2  1 
HETATM 1250 C  C13 . Q4V B 2 .   ? -7.454  6.603   -2.434  1.00 9.92  ? 401 Q4V A C13 1 
HETATM 1251 C  C18 . Q4V B 2 .   ? -6.206  6.830   -2.996  1.00 10.39 ? 401 Q4V A C18 1 
HETATM 1252 C  C17 . Q4V B 2 .   ? -5.146  5.989   -2.710  1.00 11.62 ? 401 Q4V A C17 1 
HETATM 1253 CL CL1 . Q4V B 2 .   ? -3.633  6.320   -3.440  1.00 21.06 ? 401 Q4V A CL1 1 
HETATM 1254 C  C16 . Q4V B 2 .   ? -5.301  4.925   -1.852  1.00 10.55 ? 401 Q4V A C16 1 
HETATM 1255 C  C15 . Q4V B 2 .   ? -6.543  4.690   -1.297  1.00 9.87  ? 401 Q4V A C15 1 
HETATM 1256 C  C14 . Q4V B 2 .   ? -7.620  5.519   -1.569  1.00 9.62  ? 401 Q4V A C14 1 
HETATM 1257 C  C1  . Q4V B 2 .   ? -8.994  5.238   -0.916  1.00 9.46  ? 401 Q4V A C1  1 
HETATM 1258 C  C12 . Q4V B 2 .   ? -9.595  3.954   -1.477  1.00 9.85  ? 401 Q4V A C12 1 
HETATM 1259 C  C11 . Q4V B 2 .   ? -8.832  5.034   0.597   1.00 9.40  ? 401 Q4V A C11 1 
HETATM 1260 O  O1  . Q4V B 2 .   ? -8.440  3.661   0.924   1.00 9.12  ? 401 Q4V A O1  1 
HETATM 1261 C  C10 . Q4V B 2 .   ? -9.519  2.854   1.179   1.00 9.69  ? 401 Q4V A C10 1 
HETATM 1262 C  C5  . Q4V B 2 .   ? -9.403  2.080   2.332   1.00 9.34  ? 401 Q4V A C5  1 
HETATM 1263 C  C6  . Q4V B 2 .   ? -10.441 1.236   2.730   1.00 10.88 ? 401 Q4V A C6  1 
HETATM 1264 C  C7  . Q4V B 2 .   ? -11.589 1.160   1.952   1.00 11.74 ? 401 Q4V A C7  1 
HETATM 1265 C  C8  . Q4V B 2 .   ? -11.691 1.939   0.801   1.00 11.19 ? 401 Q4V A C8  1 
HETATM 1266 C  C9  . Q4V B 2 .   ? -10.666 2.792   0.401   1.00 9.61  ? 401 Q4V A C9  1 
HETATM 1267 N  N1  . Q4V B 2 .   ? -10.762 3.480   -0.731  1.00 9.52  ? 401 Q4V A N1  1 
HETATM 1268 C  C19 . Q4V B 2 .   ? -12.012 3.501   -1.541  1.00 10.55 ? 401 Q4V A C19 1 
HETATM 1269 C  C20 . Q4V B 2 .   ? -12.195 2.209   -2.390  1.00 11.56 ? 401 Q4V A C20 1 
HETATM 1270 C  C31 . Q4V B 2 .   ? -11.405 2.196   -3.716  1.00 12.66 ? 401 Q4V A C31 1 
HETATM 1271 C  C30 . Q4V B 2 .   ? -12.684 1.691   -4.405  1.00 12.63 ? 401 Q4V A C30 1 
HETATM 1272 C  C21 . Q4V B 2 .   ? -13.476 2.296   -3.245  1.00 12.72 ? 401 Q4V A C21 1 
HETATM 1273 C  C22 . Q4V B 2 .   ? -14.648 1.444   -2.751  1.00 14.95 ? 401 Q4V A C22 1 
HETATM 1274 O  O4  . Q4V B 2 .   ? -15.766 1.733   -3.628  1.00 17.30 ? 401 Q4V A O4  1 
HETATM 1275 C  C29 . Q4V B 2 .   ? -14.394 -0.063  -2.794  1.00 15.90 ? 401 Q4V A C29 1 
HETATM 1276 C  C28 . Q4V B 2 .   ? -14.842 -0.839  -1.733  1.00 16.03 ? 401 Q4V A C28 1 
HETATM 1277 C  C27 . Q4V B 2 .   ? -14.628 -2.351  -1.709  1.00 17.30 ? 401 Q4V A C27 1 
HETATM 1278 C  C26 . Q4V B 2 .   ? -13.749 -2.758  -0.541  1.00 18.31 ? 401 Q4V A C26 1 
HETATM 1279 N  N2  . Q4V B 2 .   ? -14.496 -2.643  0.716   1.00 19.27 ? 401 Q4V A N2  1 
HETATM 1280 C  C32 . Q4V B 2 .   ? -15.637 -3.516  1.031   1.00 21.71 ? 401 Q4V A C32 1 
HETATM 1281 C  C25 . Q4V B 2 .   ? -14.199 -1.729  1.643   1.00 17.94 ? 401 Q4V A C25 1 
HETATM 1282 O  O3  . Q4V B 2 .   ? -14.826 -1.585  2.702   1.00 20.38 ? 401 Q4V A O3  1 
HETATM 1283 C  C24 . Q4V B 2 .   ? -13.005 -0.805  1.296   1.00 15.84 ? 401 Q4V A C24 1 
HETATM 1284 C  C23 . Q4V B 2 .   ? -12.777 0.266   2.345   1.00 14.88 ? 401 Q4V A C23 1 
HETATM 1285 C  C33 . Q4V B 2 .   ? -14.016 1.179   2.427   1.00 16.94 ? 401 Q4V A C33 1 
HETATM 1286 O  O6  . Q4V B 2 .   ? -14.710 1.267   1.388   1.00 20.02 ? 401 Q4V A O6  1 
HETATM 1287 O  O5  . Q4V B 2 .   ? -14.238 1.794   3.494   1.00 19.85 ? 401 Q4V A O5  1 
HETATM 1288 O  O2  . Q4V B 2 .   ? -12.547 -0.352  3.603   1.00 16.50 ? 401 Q4V A O2  1 
HETATM 1289 O  O   . HOH C 3 .   ? 18.220  3.644   -4.564  1.00 28.11 ? 501 HOH A O   1 
HETATM 1290 O  O   . HOH C 3 .   ? -4.890  -13.065 -3.224  1.00 33.63 ? 502 HOH A O   1 
HETATM 1291 O  O   . HOH C 3 .   ? 4.538   12.880  12.310  1.00 28.08 ? 503 HOH A O   1 
HETATM 1292 O  O   . HOH C 3 .   ? -15.162 -1.959  -14.345 1.00 28.51 ? 504 HOH A O   1 
HETATM 1293 O  O   . HOH C 3 .   ? 8.710   11.031  3.761   1.00 38.64 ? 505 HOH A O   1 
HETATM 1294 O  O   . HOH C 3 .   ? 10.119  -5.222  -5.269  1.00 17.51 ? 506 HOH A O   1 
HETATM 1295 O  O   . HOH C 3 .   ? -17.908 0.301   -3.498  1.00 33.05 ? 507 HOH A O   1 
HETATM 1296 O  O   . HOH C 3 .   ? -15.616 3.571   0.589   1.00 39.97 ? 508 HOH A O   1 
HETATM 1297 O  O   . HOH C 3 .   ? -0.650  12.167  2.750   1.00 25.88 ? 509 HOH A O   1 
HETATM 1298 O  O   . HOH C 3 .   ? 6.628   10.808  -15.022 1.00 36.86 ? 510 HOH A O   1 
HETATM 1299 O  O   . HOH C 3 .   ? 0.621   11.704  -19.253 1.00 36.11 ? 511 HOH A O   1 
HETATM 1300 O  O   . HOH C 3 .   ? 3.636   -7.346  -6.976  1.00 24.60 ? 512 HOH A O   1 
HETATM 1301 O  O   . HOH C 3 .   ? 16.477  -7.573  1.751   1.00 36.67 ? 513 HOH A O   1 
HETATM 1302 O  O   . HOH C 3 .   ? 8.512   10.850  11.401  1.00 26.21 ? 514 HOH A O   1 
HETATM 1303 O  O   . HOH C 3 .   ? -3.730  -15.914 8.585   1.00 37.48 ? 515 HOH A O   1 
HETATM 1304 O  O   . HOH C 3 .   ? -8.024  6.212   14.452  1.00 42.28 ? 516 HOH A O   1 
HETATM 1305 O  O   . HOH C 3 .   ? -8.819  -11.843 -1.654  1.00 29.12 ? 517 HOH A O   1 
HETATM 1306 O  O   . HOH C 3 .   ? -16.993 6.085   -11.710 1.00 37.88 ? 518 HOH A O   1 
HETATM 1307 O  O   . HOH C 3 .   ? -7.939  8.423   -12.872 1.00 32.93 ? 519 HOH A O   1 
HETATM 1308 O  O   . HOH C 3 .   ? -8.156  -5.449  -10.949 1.00 25.56 ? 520 HOH A O   1 
HETATM 1309 O  O   . HOH C 3 .   ? 12.945  9.176   -4.843  1.00 27.33 ? 521 HOH A O   1 
HETATM 1310 O  O   . HOH C 3 .   ? -0.801  8.679   14.510  1.00 19.52 ? 522 HOH A O   1 
HETATM 1311 O  O   . HOH C 3 .   ? 3.842   -13.665 -1.972  1.00 33.84 ? 523 HOH A O   1 
HETATM 1312 O  O   . HOH C 3 .   ? -15.852 2.700   -6.241  1.00 25.98 ? 524 HOH A O   1 
HETATM 1313 O  O   . HOH C 3 .   ? 0.587   -0.063  -15.809 1.00 38.36 ? 525 HOH A O   1 
HETATM 1314 O  O   . HOH C 3 .   ? -16.837 -8.016  -4.963  1.00 15.96 ? 526 HOH A O   1 
HETATM 1315 O  O   . HOH C 3 .   ? 1.662   13.652  2.122   1.00 41.81 ? 527 HOH A O   1 
HETATM 1316 O  O   . HOH C 3 .   ? -9.924  4.164   13.736  1.00 39.45 ? 528 HOH A O   1 
HETATM 1317 O  O   . HOH C 3 .   ? -14.987 5.967   5.803   1.00 29.87 ? 529 HOH A O   1 
HETATM 1318 O  O   . HOH C 3 .   ? -1.395  12.720  -2.141  1.00 30.29 ? 530 HOH A O   1 
HETATM 1319 O  O   . HOH C 3 .   ? 19.363  3.813   -7.030  1.00 15.22 ? 531 HOH A O   1 
HETATM 1320 O  O   . HOH C 3 .   ? -14.925 7.418   11.942  1.00 26.62 ? 532 HOH A O   1 
HETATM 1321 O  O   . HOH C 3 .   ? -11.737 -4.356  1.408   1.00 26.82 ? 533 HOH A O   1 
HETATM 1322 O  O   . HOH C 3 .   ? -16.891 4.163   -2.973  1.00 40.56 ? 534 HOH A O   1 
HETATM 1323 O  O   . HOH C 3 .   ? 12.061  4.190   3.865   1.00 25.26 ? 535 HOH A O   1 
HETATM 1324 O  O   . HOH C 3 .   ? -1.844  12.590  -18.082 1.00 36.55 ? 536 HOH A O   1 
HETATM 1325 O  O   . HOH C 3 .   ? -1.657  8.659   21.826  1.00 43.75 ? 537 HOH A O   1 
HETATM 1326 O  O   . HOH C 3 .   ? 4.141   14.458  -13.320 1.00 43.25 ? 538 HOH A O   1 
HETATM 1327 O  O   . HOH C 3 .   ? -9.962  14.934  4.291   1.00 21.72 ? 539 HOH A O   1 
HETATM 1328 O  O   . HOH C 3 .   ? 1.914   -13.282 6.220   1.00 19.62 ? 540 HOH A O   1 
HETATM 1329 O  O   . HOH C 3 .   ? 9.690   10.430  -8.196  1.00 32.23 ? 541 HOH A O   1 
HETATM 1330 O  O   . HOH C 3 .   ? 10.155  -2.543  -8.690  1.00 20.25 ? 542 HOH A O   1 
HETATM 1331 O  O   . HOH C 3 .   ? 9.775   -2.586  -5.967  1.00 16.55 ? 543 HOH A O   1 
HETATM 1332 O  O   . HOH C 3 .   ? -0.702  2.121   21.035  1.00 28.85 ? 544 HOH A O   1 
HETATM 1333 O  O   . HOH C 3 .   ? 1.915   5.236   19.131  1.00 47.25 ? 545 HOH A O   1 
HETATM 1334 O  O   . HOH C 3 .   ? -0.582  9.052   19.196  1.00 49.35 ? 546 HOH A O   1 
HETATM 1335 O  O   . HOH C 3 .   ? -1.053  -10.222 14.298  1.00 23.41 ? 547 HOH A O   1 
HETATM 1336 O  O   . HOH C 3 .   ? 2.470   -9.774  -7.537  1.00 28.31 ? 548 HOH A O   1 
HETATM 1337 O  O   . HOH C 3 .   ? -5.319  10.137  14.088  1.00 25.71 ? 549 HOH A O   1 
HETATM 1338 O  O   . HOH C 3 .   ? 5.601   -9.013  -14.372 1.00 38.27 ? 550 HOH A O   1 
HETATM 1339 O  O   . HOH C 3 .   ? 12.456  5.322   15.489  1.00 33.60 ? 551 HOH A O   1 
HETATM 1340 O  O   . HOH C 3 .   ? 8.336   7.671   -8.986  1.00 34.56 ? 552 HOH A O   1 
HETATM 1341 O  O   . HOH C 3 .   ? -16.729 -4.512  -4.763  1.00 23.30 ? 553 HOH A O   1 
HETATM 1342 O  O   . HOH C 3 .   ? -15.803 -7.877  -11.762 1.00 23.84 ? 554 HOH A O   1 
HETATM 1343 O  O   . HOH C 3 .   ? 3.980   12.889  -1.201  1.00 29.35 ? 555 HOH A O   1 
HETATM 1344 O  O   . HOH C 3 .   ? -17.490 0.996   0.827   1.00 49.82 ? 556 HOH A O   1 
HETATM 1345 O  O   . HOH C 3 .   ? 8.506   -10.315 17.654  1.00 48.94 ? 557 HOH A O   1 
HETATM 1346 O  O   . HOH C 3 .   ? -4.877  0.360   -12.768 1.00 20.18 ? 558 HOH A O   1 
HETATM 1347 O  O   . HOH C 3 .   ? -11.253 0.884   14.795  1.00 36.50 ? 559 HOH A O   1 
HETATM 1348 O  O   . HOH C 3 .   ? -12.597 15.440  3.486   1.00 37.02 ? 560 HOH A O   1 
HETATM 1349 O  O   . HOH C 3 .   ? -8.779  16.541  -2.738  1.00 29.91 ? 561 HOH A O   1 
HETATM 1350 O  O   . HOH C 3 .   ? 11.847  -5.851  -3.255  1.00 21.91 ? 562 HOH A O   1 
HETATM 1351 O  O   . HOH C 3 .   ? -0.884  -12.779 -5.848  1.00 32.40 ? 563 HOH A O   1 
HETATM 1352 O  O   . HOH C 3 .   ? -7.315  -6.352  11.845  1.00 16.20 ? 564 HOH A O   1 
HETATM 1353 O  O   . HOH C 3 .   ? 18.025  -5.899  5.731   1.00 35.48 ? 565 HOH A O   1 
HETATM 1354 O  O   . HOH C 3 .   ? -1.868  -7.493  14.419  1.00 21.98 ? 566 HOH A O   1 
HETATM 1355 O  O   . HOH C 3 .   ? -2.224  7.367   16.424  1.00 23.58 ? 567 HOH A O   1 
HETATM 1356 O  O   . HOH C 3 .   ? -12.757 0.392   -17.375 1.00 37.73 ? 568 HOH A O   1 
HETATM 1357 O  O   . HOH C 3 .   ? 14.000  -7.115  -11.702 1.00 47.73 ? 569 HOH A O   1 
HETATM 1358 O  O   . HOH C 3 .   ? -16.125 3.980   3.475   1.00 38.35 ? 570 HOH A O   1 
HETATM 1359 O  O   . HOH C 3 .   ? -16.227 0.046   -13.173 1.00 24.58 ? 571 HOH A O   1 
HETATM 1360 O  O   . HOH C 3 .   ? -8.936  -3.896  -13.348 1.00 29.48 ? 572 HOH A O   1 
HETATM 1361 O  O   . HOH C 3 .   ? 0.443   -16.000 13.193  1.00 48.12 ? 573 HOH A O   1 
HETATM 1362 O  O   . HOH C 3 .   ? 10.956  -8.622  14.379  1.00 38.83 ? 574 HOH A O   1 
HETATM 1363 O  O   . HOH C 3 .   ? -14.418 -1.540  5.571   1.00 25.44 ? 575 HOH A O   1 
HETATM 1364 O  O   . HOH C 3 .   ? -8.258  10.065  -16.693 1.00 44.44 ? 576 HOH A O   1 
HETATM 1365 O  O   . HOH C 3 .   ? -8.890  13.916  -5.751  1.00 43.58 ? 577 HOH A O   1 
HETATM 1366 O  O   . HOH C 3 .   ? -5.215  18.563  -13.055 1.00 39.88 ? 578 HOH A O   1 
HETATM 1367 O  O   . HOH C 3 .   ? -14.595 -9.324  -8.931  1.00 12.04 ? 579 HOH A O   1 
HETATM 1368 O  O   . HOH C 3 .   ? 8.725   4.421   15.029  1.00 20.40 ? 580 HOH A O   1 
HETATM 1369 O  O   . HOH C 3 .   ? 15.960  -8.382  9.557   1.00 24.63 ? 581 HOH A O   1 
HETATM 1370 O  O   . HOH C 3 .   ? -12.853 -4.085  12.518  1.00 22.76 ? 582 HOH A O   1 
HETATM 1371 O  O   . HOH C 3 .   ? -0.732  -7.230  19.054  1.00 37.40 ? 583 HOH A O   1 
HETATM 1372 O  O   . HOH C 3 .   ? -9.516  12.744  -18.417 1.00 26.96 ? 584 HOH A O   1 
HETATM 1373 O  O   . HOH C 3 .   ? -3.631  -23.214 5.250   1.00 40.24 ? 585 HOH A O   1 
HETATM 1374 O  O   . HOH C 3 .   ? 8.345   6.915   -1.929  1.00 34.49 ? 586 HOH A O   1 
HETATM 1375 O  O   . HOH C 3 .   ? 1.545   -2.382  -14.835 1.00 46.24 ? 587 HOH A O   1 
HETATM 1376 O  O   . HOH C 3 .   ? -14.284 -8.737  -15.630 1.00 37.02 ? 588 HOH A O   1 
HETATM 1377 O  O   . HOH C 3 .   ? -2.376  6.127   -21.759 1.00 29.82 ? 589 HOH A O   1 
HETATM 1378 O  O   . HOH C 3 .   ? 6.073   -11.598 12.263  1.00 35.79 ? 590 HOH A O   1 
HETATM 1379 O  O   . HOH C 3 .   ? -14.028 -3.315  7.771   1.00 18.59 ? 591 HOH A O   1 
HETATM 1380 O  O   . HOH C 3 .   ? 6.202   4.061   16.199  1.00 18.72 ? 592 HOH A O   1 
HETATM 1381 O  O   . HOH C 3 .   ? 7.940   -10.882 10.729  1.00 36.51 ? 593 HOH A O   1 
HETATM 1382 O  O   . HOH C 3 .   ? 6.569   7.598   -17.118 1.00 35.88 ? 594 HOH A O   1 
HETATM 1383 O  O   . HOH C 3 .   ? -4.864  16.423  -0.618  1.00 25.61 ? 595 HOH A O   1 
HETATM 1384 O  O   . HOH C 3 .   ? 6.406   -13.352 -2.982  1.00 39.09 ? 596 HOH A O   1 
HETATM 1385 O  O   . HOH C 3 .   ? -2.180  -6.255  21.375  1.00 48.04 ? 597 HOH A O   1 
HETATM 1386 O  O   . HOH C 3 .   ? -15.501 2.351   8.890   1.00 29.54 ? 598 HOH A O   1 
HETATM 1387 O  O   . HOH C 3 .   ? -16.317 -4.411  -7.392  1.00 16.28 ? 599 HOH A O   1 
HETATM 1388 O  O   . HOH C 3 .   ? 9.812   -5.062  11.935  1.00 23.08 ? 600 HOH A O   1 
HETATM 1389 O  O   . HOH C 3 .   ? 7.990   -1.919  -16.951 1.00 42.15 ? 601 HOH A O   1 
HETATM 1390 O  O   . HOH C 3 .   ? -5.876  -1.932  18.843  1.00 38.10 ? 602 HOH A O   1 
HETATM 1391 O  O   . HOH C 3 .   ? -4.525  4.896   15.833  1.00 20.24 ? 603 HOH A O   1 
HETATM 1392 O  O   . HOH C 3 .   ? 11.347  -8.722  -2.383  1.00 36.29 ? 604 HOH A O   1 
HETATM 1393 O  O   . HOH C 3 .   ? -15.708 -6.551  -9.081  1.00 16.59 ? 605 HOH A O   1 
HETATM 1394 O  O   . HOH C 3 .   ? -1.327  -7.022  -9.882  1.00 49.62 ? 606 HOH A O   1 
HETATM 1395 O  O   . HOH C 3 .   ? -17.665 8.781   -12.240 1.00 42.76 ? 607 HOH A O   1 
HETATM 1396 O  O   . HOH C 3 .   ? 10.947  -14.308 3.616   1.00 40.37 ? 608 HOH A O   1 
HETATM 1397 O  O   . HOH C 3 .   ? -5.772  -7.179  14.052  1.00 23.46 ? 609 HOH A O   1 
HETATM 1398 O  O   . HOH C 3 .   ? -4.226  -7.659  -9.085  1.00 34.23 ? 610 HOH A O   1 
HETATM 1399 O  O   . HOH C 3 .   ? -4.150  -14.747 4.861   1.00 30.34 ? 611 HOH A O   1 
HETATM 1400 O  O   . HOH C 3 .   ? -10.158 -9.451  -0.509  0.50 18.55 ? 612 HOH A O   1 
HETATM 1401 O  O   . HOH C 3 .   ? -7.553  3.645   15.241  1.00 41.86 ? 613 HOH A O   1 
HETATM 1402 O  O   . HOH C 3 .   ? -12.710 -3.655  3.974   1.00 23.04 ? 614 HOH A O   1 
HETATM 1403 O  O   . HOH C 3 .   ? 0.719   18.829  -12.318 1.00 39.70 ? 615 HOH A O   1 
HETATM 1404 O  O   . HOH C 3 .   ? -11.413 14.358  -18.198 1.00 37.33 ? 616 HOH A O   1 
HETATM 1405 O  O   . HOH C 3 .   ? -5.511  -6.001  -10.770 1.00 33.27 ? 617 HOH A O   1 
HETATM 1406 O  O   . HOH C 3 .   ? 17.759  -11.810 7.849   1.00 47.95 ? 618 HOH A O   1 
HETATM 1407 O  O   . HOH C 3 .   ? -5.082  15.824  3.465   1.00 37.21 ? 619 HOH A O   1 
HETATM 1408 O  O   . HOH C 3 .   ? 10.671  -11.804 10.460  1.00 40.20 ? 620 HOH A O   1 
HETATM 1409 O  O   . HOH C 3 .   ? -4.599  -2.433  -12.947 1.00 25.55 ? 621 HOH A O   1 
HETATM 1410 O  O   . HOH C 3 .   ? -3.715  0.896   -15.261 1.00 24.13 ? 622 HOH A O   1 
HETATM 1411 O  O   . HOH C 3 .   ? 14.960  -7.532  -0.732  1.00 48.85 ? 623 HOH A O   1 
HETATM 1412 O  O   . HOH C 3 .   ? 1.144   4.168   21.548  1.00 42.08 ? 624 HOH A O   1 
HETATM 1413 O  O   . HOH C 3 .   ? 8.014   13.687  -8.161  1.00 42.59 ? 625 HOH A O   1 
HETATM 1414 O  O   . HOH C 3 .   ? -5.389  2.424   -16.514 1.00 43.55 ? 626 HOH A O   1 
HETATM 1415 O  O   . HOH C 3 .   ? 3.599   11.737  -20.505 1.00 36.93 ? 627 HOH A O   1 
HETATM 1416 O  O   . HOH C 3 .   ? -17.539 10.114  5.520   1.00 44.65 ? 628 HOH A O   1 
HETATM 1417 O  O   . HOH C 3 .   ? 1.638   13.753  -4.212  1.00 41.88 ? 629 HOH A O   1 
HETATM 1418 O  O   . HOH C 3 .   ? 8.992   11.111  -3.596  1.00 33.13 ? 630 HOH A O   1 
HETATM 1419 O  O   . HOH C 3 .   ? 4.139   -15.013 6.379   1.00 35.06 ? 631 HOH A O   1 
HETATM 1420 O  O   . HOH C 3 .   ? -5.962  3.962   18.060  1.00 48.24 ? 632 HOH A O   1 
HETATM 1421 O  O   . HOH C 3 .   ? -16.662 5.337   -6.850  1.00 45.07 ? 633 HOH A O   1 
HETATM 1422 O  O   . HOH C 3 .   ? 11.522  5.233   -0.471  1.00 45.29 ? 634 HOH A O   1 
HETATM 1423 O  O   . HOH C 3 .   ? -2.649  -12.429 14.390  1.00 36.89 ? 635 HOH A O   1 
HETATM 1424 O  O   . HOH C 3 .   ? -3.732  -10.372 -9.557  1.00 47.56 ? 636 HOH A O   1 
HETATM 1425 O  O   . HOH C 3 .   ? -19.088 -0.660  -8.603  1.00 40.99 ? 637 HOH A O   1 
HETATM 1426 O  O   . HOH C 3 .   ? -18.983 -3.264  -7.686  1.00 36.32 ? 638 HOH A O   1 
HETATM 1427 O  O   . HOH C 3 .   ? -1.970  -1.456  -15.821 1.00 44.12 ? 639 HOH A O   1 
HETATM 1428 O  O   . HOH C 3 .   ? -6.592  5.451   -18.864 1.00 49.73 ? 640 HOH A O   1 
HETATM 1429 O  O   . HOH C 3 .   ? 13.024  -1.715  -9.319  1.00 47.48 ? 641 HOH A O   1 
HETATM 1430 O  O   . HOH C 3 .   ? -3.137  1.787   22.443  1.00 43.71 ? 642 HOH A O   1 
HETATM 1431 O  O   . HOH C 3 .   ? -15.258 5.382   -1.266  1.00 38.85 ? 643 HOH A O   1 
HETATM 1432 O  O   . HOH C 3 .   ? 19.333  -1.026  -8.956  1.00 29.75 ? 644 HOH A O   1 
HETATM 1433 O  O   . HOH C 3 .   ? -7.430  16.148  5.008   1.00 25.70 ? 645 HOH A O   1 
HETATM 1434 O  O   . HOH C 3 .   ? -18.988 0.102   -13.129 1.00 32.27 ? 646 HOH A O   1 
HETATM 1435 O  O   . HOH C 3 .   ? 3.425   -12.368 -7.012  1.00 37.37 ? 647 HOH A O   1 
HETATM 1436 O  O   . HOH C 3 .   ? 13.253  6.422   4.517   1.00 37.07 ? 648 HOH A O   1 
HETATM 1437 O  O   . HOH C 3 .   ? -18.126 -2.379  -3.827  1.00 31.46 ? 649 HOH A O   1 
HETATM 1438 O  O   . HOH C 3 .   ? 4.314   6.582   19.703  1.00 47.22 ? 650 HOH A O   1 
HETATM 1439 O  O   . HOH C 3 .   ? -5.208  5.413   -21.203 1.00 26.67 ? 651 HOH A O   1 
HETATM 1440 O  O   . HOH C 3 .   ? 5.882   4.309   18.916  1.00 35.30 ? 652 HOH A O   1 
# 
